data_7Y3E
#
_entry.id   7Y3E
#
_cell.length_a   1.00
_cell.length_b   1.00
_cell.length_c   1.00
_cell.angle_alpha   90.00
_cell.angle_beta   90.00
_cell.angle_gamma   90.00
#
_symmetry.space_group_name_H-M   'P 1'
#
loop_
_entity.id
_entity.type
_entity.pdbx_description
1 polymer 'Sodium/hydrogen exchanger 7'
2 non-polymer HEXADECANE
#
_entity_poly.entity_id   1
_entity_poly.type   'polypeptide(L)'
_entity_poly.pdbx_seq_one_letter_code
;MTTVIDATMAYRFLEEATDSSSSSSSSKLESSPVDAVLFVGMSLVLGIASRHLLRGTRVPYTVALLVIGIALGSLEYGAK
HNLGKIGHGIRIWNEIDPELLLAVFLPALLFESSFSMEVHQIKRCLGQMVLLAVPGVLISTACLGSLVKVTFPYEWDWKT
SLLLGGLLSATDPVAVVALLKELGASKKLSTIIEGESLMNDGTAIVVFQLFLKMAMGQNSDWSSIIKFLLKVALGAVGIG
LAFGIASVIWLKFIFNDTVIEITLTIAVSYFAYYTAQEWAGASGVLTVMTLGMFYAAFARTAFKGDSQKSLHHFWEMVAY
IANTLIFILSGVVIAEGILDSDKIAYQGNSWRFLFLLYVYIQLSRVVVVGVLYPLLCRFGYGLDWKESIILVWSGLRGAV
ALALSLSVKQSSGNSHISKETGTLFLFFTGGIVFLTLIVNGSTTQFVLRLLRMDILPAPKKRILEYTKYEMLNKALRAFQ
DLGDDEELGPADWPTVESYISSLKGSEGELVHHPHNGSKIGSLDPKSLKDIRMRFLNGVQATYWEMLDEGRISEVTANIL
MQSVDEALDQVSTTLCDWRGLKPHVNFPNYYNFLHSKVVPRKLVTYFAVERLESACYISAAFLRAHTIARQQLYDFLGES
NIGSIVINESEKEGEEAKKFLEKVRSSFPQVLRVVKTKQVTYSVLNHLLGYIENLEKVGLLEEKEIAHLHDAVQTGLKKL
LRNPPIVKLPKLSDMITSHPLSVALPPAFCEPLKHSKKEPMKLRGVTLYKEGSKPTGVWLIFDGIVKWKSKILSNNHSLH
PTFSHGSTLGLYEVLTGKPYLCDLITDSMVLCFFIDSEKILSLQSDSTIDDFLWQESALVLLKLLRPQIFESVAMQELRA
LVSTESSKLTTYVTGESIEIDCNSIGLLLEGFVKPVGIKEELISSPAALSPSNGNQSFHNSSEASGIMRVSFSQQATQYI
VETRARAIIFNIGAFGADRTLHRRPSSLTPPRSSSSDQLQRSFRKEHRGLMSWPENIYAKQQQEINKTTLSLSERAMQLS
IFGSMVNVYRRSVSFGGIYNNKLQDNLLYKKLPLNPAQGLVSAKSESSIVTKKQLETRKHACQLPLKGESSTRQNTMVES
SDEEDEDEGIVVRIDSPSKIVFRNDL
;
_entity_poly.pdbx_strand_id   A,B
#
loop_
_chem_comp.id
_chem_comp.type
_chem_comp.name
_chem_comp.formula
R16 non-polymer HEXADECANE 'C16 H34'
#
# COMPACT_ATOMS: atom_id res chain seq x y z
N SER A 32 34.44 -27.55 -4.44
CA SER A 32 34.60 -27.55 -2.99
C SER A 32 34.11 -26.25 -2.32
N PRO A 33 34.52 -25.07 -2.79
CA PRO A 33 34.02 -23.83 -2.18
C PRO A 33 32.54 -23.60 -2.38
N VAL A 34 31.88 -24.36 -3.27
CA VAL A 34 30.45 -24.23 -3.48
C VAL A 34 29.66 -24.74 -2.27
N ASP A 35 30.30 -25.46 -1.36
CA ASP A 35 29.63 -25.98 -0.18
C ASP A 35 29.35 -24.91 0.86
N ALA A 36 30.00 -23.75 0.77
CA ALA A 36 29.61 -22.62 1.61
C ALA A 36 28.20 -22.16 1.28
N VAL A 37 27.83 -22.25 0.00
CA VAL A 37 26.45 -21.96 -0.39
C VAL A 37 25.48 -22.93 0.29
N LEU A 38 25.86 -24.20 0.35
CA LEU A 38 25.03 -25.18 1.07
C LEU A 38 24.92 -24.83 2.54
N PHE A 39 26.04 -24.42 3.15
CA PHE A 39 26.00 -24.03 4.56
C PHE A 39 25.03 -22.87 4.76
N VAL A 40 25.10 -21.85 3.89
CA VAL A 40 24.20 -20.71 4.01
C VAL A 40 22.76 -21.15 3.85
N GLY A 41 22.48 -21.99 2.85
CA GLY A 41 21.11 -22.41 2.60
C GLY A 41 20.53 -23.22 3.74
N MET A 42 21.29 -24.19 4.26
CA MET A 42 20.79 -25.00 5.36
C MET A 42 20.67 -24.19 6.65
N SER A 43 21.58 -23.25 6.87
CA SER A 43 21.46 -22.36 8.02
C SER A 43 20.22 -21.50 7.92
N LEU A 44 19.91 -21.00 6.72
CA LEU A 44 18.69 -20.21 6.54
C LEU A 44 17.44 -21.05 6.75
N VAL A 45 17.44 -22.28 6.24
CA VAL A 45 16.29 -23.15 6.44
C VAL A 45 16.09 -23.46 7.92
N LEU A 46 17.18 -23.73 8.64
CA LEU A 46 17.08 -23.98 10.07
C LEU A 46 16.61 -22.73 10.82
N GLY A 47 17.07 -21.56 10.39
CA GLY A 47 16.60 -20.33 11.01
C GLY A 47 15.11 -20.11 10.81
N ILE A 48 14.63 -20.35 9.59
CA ILE A 48 13.20 -20.23 9.31
C ILE A 48 12.41 -21.23 10.14
N ALA A 49 12.89 -22.46 10.23
CA ALA A 49 12.20 -23.49 11.02
C ALA A 49 12.14 -23.10 12.49
N SER A 50 13.25 -22.60 13.03
CA SER A 50 13.27 -22.20 14.44
C SER A 50 12.36 -21.00 14.69
N ARG A 51 12.40 -20.01 13.79
CA ARG A 51 11.56 -18.82 13.96
C ARG A 51 10.09 -19.15 13.86
N HIS A 52 9.73 -20.06 12.94
CA HIS A 52 8.33 -20.44 12.77
C HIS A 52 7.86 -21.31 13.93
N LEU A 53 8.67 -22.28 14.34
CA LEU A 53 8.25 -23.22 15.38
C LEU A 53 8.20 -22.54 16.75
N LEU A 54 9.12 -21.62 17.01
CA LEU A 54 9.22 -20.97 18.32
C LEU A 54 8.55 -19.59 18.34
N ARG A 55 7.46 -19.43 17.61
CA ARG A 55 6.69 -18.19 17.66
C ARG A 55 5.64 -18.26 18.76
N GLY A 56 5.54 -17.20 19.54
CA GLY A 56 4.67 -17.20 20.70
C GLY A 56 5.08 -18.24 21.72
N THR A 57 6.37 -18.31 22.01
CA THR A 57 6.88 -19.35 22.91
C THR A 57 7.72 -18.76 24.05
N ARG A 58 7.98 -17.45 24.06
CA ARG A 58 8.83 -16.75 25.01
C ARG A 58 10.29 -17.08 24.77
N VAL A 59 10.55 -18.04 23.89
CA VAL A 59 11.88 -18.56 23.65
C VAL A 59 12.36 -18.04 22.30
N PRO A 60 13.43 -17.25 22.26
CA PRO A 60 13.95 -16.80 20.97
C PRO A 60 14.38 -17.99 20.12
N TYR A 61 14.15 -17.89 18.82
CA TYR A 61 14.63 -18.90 17.89
C TYR A 61 16.15 -18.95 17.85
N THR A 62 16.81 -17.90 18.35
CA THR A 62 18.27 -17.83 18.28
C THR A 62 18.92 -18.83 19.23
N VAL A 63 18.26 -19.18 20.33
CA VAL A 63 18.81 -20.23 21.20
C VAL A 63 18.74 -21.57 20.49
N ALA A 64 17.67 -21.81 19.73
CA ALA A 64 17.59 -23.02 18.92
C ALA A 64 18.67 -23.02 17.86
N LEU A 65 18.94 -21.86 17.26
CA LEU A 65 20.02 -21.76 16.28
C LEU A 65 21.37 -22.07 16.91
N LEU A 66 21.63 -21.55 18.09
CA LEU A 66 22.90 -21.81 18.77
C LEU A 66 23.03 -23.29 19.14
N VAL A 67 21.95 -23.89 19.63
CA VAL A 67 21.98 -25.32 19.97
C VAL A 67 22.19 -26.17 18.72
N ILE A 68 21.50 -25.84 17.63
CA ILE A 68 21.66 -26.57 16.38
C ILE A 68 23.08 -26.45 15.87
N GLY A 69 23.65 -25.25 15.91
CA GLY A 69 25.02 -25.07 15.47
C GLY A 69 26.01 -25.81 16.34
N ILE A 70 25.79 -25.83 17.65
CA ILE A 70 26.69 -26.55 18.56
C ILE A 70 26.61 -28.04 18.29
N ALA A 71 25.40 -28.59 18.10
CA ALA A 71 25.28 -30.01 17.81
C ALA A 71 25.91 -30.36 16.47
N LEU A 72 25.71 -29.50 15.47
CA LEU A 72 26.26 -29.74 14.14
C LEU A 72 27.79 -29.70 14.16
N GLY A 73 28.35 -28.71 14.86
CA GLY A 73 29.79 -28.65 15.01
C GLY A 73 30.35 -29.80 15.83
N SER A 74 29.58 -30.28 16.82
CA SER A 74 29.99 -31.45 17.56
C SER A 74 30.06 -32.67 16.66
N LEU A 75 29.07 -32.84 15.79
CA LEU A 75 29.11 -33.93 14.81
C LEU A 75 30.31 -33.81 13.90
N GLU A 76 30.62 -32.59 13.45
CA GLU A 76 31.68 -32.42 12.47
C GLU A 76 33.07 -32.53 13.10
N TYR A 77 33.23 -32.10 14.35
CA TYR A 77 34.54 -31.94 14.95
C TYR A 77 34.79 -32.83 16.15
N GLY A 78 33.84 -32.93 17.07
CA GLY A 78 34.03 -33.76 18.25
C GLY A 78 33.88 -35.23 17.94
N ALA A 79 32.70 -35.62 17.47
CA ALA A 79 32.46 -37.01 17.11
C ALA A 79 33.16 -37.40 15.81
N LYS A 80 33.47 -36.43 14.96
CA LYS A 80 34.18 -36.65 13.70
C LYS A 80 33.42 -37.64 12.80
N HIS A 81 32.12 -37.43 12.69
CA HIS A 81 31.30 -38.15 11.74
C HIS A 81 31.50 -37.57 10.34
N ASN A 82 31.10 -38.36 9.34
CA ASN A 82 31.17 -37.93 7.95
C ASN A 82 29.86 -37.25 7.58
N LEU A 83 29.85 -35.92 7.63
CA LEU A 83 28.70 -35.13 7.24
C LEU A 83 28.66 -34.87 5.74
N GLY A 84 29.68 -35.34 5.00
CA GLY A 84 29.72 -35.15 3.57
C GLY A 84 29.85 -33.70 3.17
N LYS A 85 28.95 -33.23 2.32
CA LYS A 85 29.00 -31.85 1.85
C LYS A 85 28.54 -30.87 2.91
N ILE A 86 27.79 -31.32 3.92
CA ILE A 86 27.46 -30.46 5.05
C ILE A 86 28.72 -30.07 5.80
N GLY A 87 29.56 -31.05 6.11
CA GLY A 87 30.80 -30.77 6.81
C GLY A 87 31.76 -29.93 6.00
N HIS A 88 31.75 -30.06 4.68
CA HIS A 88 32.62 -29.25 3.84
C HIS A 88 32.27 -27.77 3.98
N GLY A 89 30.99 -27.42 3.91
CA GLY A 89 30.58 -26.05 4.14
C GLY A 89 30.85 -25.60 5.57
N ILE A 90 30.66 -26.50 6.52
CA ILE A 90 30.95 -26.18 7.92
C ILE A 90 32.41 -25.78 8.08
N ARG A 91 33.31 -26.55 7.50
CA ARG A 91 34.74 -26.26 7.63
C ARG A 91 35.14 -25.02 6.85
N ILE A 92 34.55 -24.82 5.66
CA ILE A 92 34.82 -23.61 4.89
C ILE A 92 34.45 -22.38 5.71
N TRP A 93 33.28 -22.40 6.33
CA TRP A 93 32.86 -21.25 7.13
C TRP A 93 33.62 -21.16 8.45
N ASN A 94 34.10 -22.29 8.98
CA ASN A 94 34.94 -22.23 10.16
C ASN A 94 36.29 -21.60 9.87
N GLU A 95 36.75 -21.67 8.62
CA GLU A 95 37.99 -21.00 8.23
C GLU A 95 37.75 -19.57 7.75
N ILE A 96 36.72 -18.91 8.24
CA ILE A 96 36.40 -17.53 7.84
C ILE A 96 37.43 -16.59 8.45
N ASP A 97 37.73 -15.51 7.72
CA ASP A 97 38.59 -14.47 8.26
C ASP A 97 37.81 -13.68 9.33
N PRO A 98 38.45 -13.35 10.44
CA PRO A 98 37.75 -12.57 11.48
C PRO A 98 37.26 -11.23 10.96
N GLU A 99 38.12 -10.57 10.19
CA GLU A 99 37.85 -9.20 9.77
C GLU A 99 36.87 -9.18 8.60
N LEU A 100 36.95 -10.18 7.71
CA LEU A 100 35.90 -10.39 6.73
C LEU A 100 34.58 -10.73 7.41
N LEU A 101 34.62 -11.55 8.46
CA LEU A 101 33.42 -11.86 9.22
C LEU A 101 32.75 -10.59 9.70
N LEU A 102 33.51 -9.72 10.37
CA LEU A 102 32.94 -8.48 10.89
C LEU A 102 32.43 -7.60 9.75
N ALA A 103 33.24 -7.43 8.70
CA ALA A 103 32.88 -6.52 7.62
C ALA A 103 31.62 -6.97 6.90
N VAL A 104 31.38 -8.27 6.80
CA VAL A 104 30.18 -8.75 6.13
C VAL A 104 28.97 -8.71 7.06
N PHE A 105 29.16 -9.06 8.33
CA PHE A 105 28.02 -9.34 9.18
C PHE A 105 27.60 -8.18 10.08
N LEU A 106 28.55 -7.43 10.66
CA LEU A 106 28.17 -6.39 11.61
C LEU A 106 27.36 -5.28 10.96
N PRO A 107 27.72 -4.74 9.79
CA PRO A 107 26.81 -3.78 9.14
C PRO A 107 25.44 -4.37 8.86
N ALA A 108 25.37 -5.64 8.46
CA ALA A 108 24.09 -6.28 8.22
C ALA A 108 23.26 -6.35 9.50
N LEU A 109 23.89 -6.70 10.62
CA LEU A 109 23.19 -6.76 11.89
C LEU A 109 22.69 -5.39 12.32
N LEU A 110 23.53 -4.37 12.22
CA LEU A 110 23.29 -3.11 12.91
C LEU A 110 22.63 -2.04 12.06
N PHE A 111 22.64 -2.17 10.73
CA PHE A 111 22.10 -1.11 9.90
C PHE A 111 20.59 -0.99 10.08
N GLU A 112 19.88 -2.11 10.13
CA GLU A 112 18.44 -2.04 10.32
C GLU A 112 18.09 -1.49 11.70
N SER A 113 18.85 -1.89 12.72
CA SER A 113 18.59 -1.39 14.06
C SER A 113 18.79 0.12 14.14
N SER A 114 19.84 0.64 13.51
CA SER A 114 20.10 2.07 13.54
C SER A 114 19.19 2.85 12.59
N PHE A 115 18.72 2.22 11.52
CA PHE A 115 17.95 2.88 10.48
C PHE A 115 16.45 2.87 10.76
N SER A 116 15.95 1.87 11.46
CA SER A 116 14.55 1.82 11.88
C SER A 116 14.30 2.62 13.11
N MET A 117 15.36 3.25 13.61
CA MET A 117 15.25 4.15 14.75
C MET A 117 14.31 5.29 14.43
N GLU A 118 13.38 5.55 15.35
CA GLU A 118 12.41 6.64 15.19
C GLU A 118 12.98 7.85 15.91
N VAL A 119 13.11 8.96 15.17
CA VAL A 119 13.88 10.11 15.64
C VAL A 119 13.20 10.89 16.77
N HIS A 120 11.88 11.02 16.76
CA HIS A 120 11.25 11.90 17.74
C HIS A 120 11.23 11.29 19.14
N GLN A 121 10.98 9.98 19.27
CA GLN A 121 11.12 9.38 20.60
C GLN A 121 12.56 9.43 21.07
N ILE A 122 13.52 9.29 20.15
CA ILE A 122 14.92 9.40 20.52
C ILE A 122 15.25 10.83 20.99
N LYS A 123 14.71 11.86 20.34
CA LYS A 123 14.96 13.20 20.83
C LYS A 123 14.26 13.44 22.16
N ARG A 124 13.16 12.71 22.42
CA ARG A 124 12.50 12.79 23.70
C ARG A 124 13.29 12.15 24.84
N CYS A 125 14.01 11.06 24.57
CA CYS A 125 14.73 10.36 25.64
C CYS A 125 16.24 10.29 25.42
N LEU A 126 16.81 11.22 24.64
CA LEU A 126 18.22 11.12 24.25
C LEU A 126 19.16 11.26 25.44
N GLY A 127 18.80 12.06 26.44
CA GLY A 127 19.66 12.17 27.61
C GLY A 127 19.81 10.83 28.30
N GLN A 128 18.68 10.13 28.51
CA GLN A 128 18.72 8.78 29.05
C GLN A 128 19.48 7.84 28.11
N MET A 129 19.34 8.04 26.81
CA MET A 129 19.99 7.14 25.85
C MET A 129 21.51 7.23 25.99
N VAL A 130 22.05 8.45 25.93
CA VAL A 130 23.49 8.62 26.05
C VAL A 130 23.96 8.21 27.44
N LEU A 131 23.15 8.46 28.48
CA LEU A 131 23.52 8.07 29.84
C LEU A 131 23.65 6.56 29.97
N LEU A 132 22.71 5.81 29.41
CA LEU A 132 22.79 4.37 29.46
C LEU A 132 23.79 3.80 28.45
N ALA A 133 24.18 4.57 27.46
CA ALA A 133 25.07 4.08 26.42
C ALA A 133 26.54 4.29 26.76
N VAL A 134 26.97 5.54 26.93
CA VAL A 134 28.40 5.78 27.10
C VAL A 134 28.83 5.43 28.53
N PRO A 135 28.35 6.12 29.58
CA PRO A 135 28.83 5.75 30.92
C PRO A 135 28.25 4.43 31.40
N GLY A 136 27.09 4.02 30.91
CA GLY A 136 26.58 2.71 31.26
C GLY A 136 27.48 1.59 30.78
N VAL A 137 27.89 1.67 29.50
CA VAL A 137 28.80 0.66 28.98
C VAL A 137 30.16 0.76 29.65
N LEU A 138 30.61 1.98 29.97
CA LEU A 138 31.89 2.11 30.67
C LEU A 138 31.85 1.45 32.04
N ILE A 139 30.77 1.66 32.80
CA ILE A 139 30.65 1.07 34.12
C ILE A 139 30.52 -0.45 34.02
N SER A 140 29.73 -0.94 33.07
CA SER A 140 29.59 -2.38 32.91
C SER A 140 30.91 -3.01 32.51
N THR A 141 31.66 -2.37 31.62
CA THR A 141 32.97 -2.87 31.22
C THR A 141 33.92 -2.90 32.41
N ALA A 142 33.93 -1.84 33.21
CA ALA A 142 34.81 -1.82 34.38
C ALA A 142 34.47 -2.94 35.34
N CYS A 143 33.18 -3.11 35.65
CA CYS A 143 32.76 -4.15 36.59
C CYS A 143 33.10 -5.53 36.07
N LEU A 144 32.71 -5.83 34.83
CA LEU A 144 32.94 -7.16 34.27
C LEU A 144 34.43 -7.45 34.14
N GLY A 145 35.21 -6.49 33.66
CA GLY A 145 36.64 -6.70 33.52
C GLY A 145 37.31 -6.95 34.86
N SER A 146 36.97 -6.14 35.87
CA SER A 146 37.57 -6.34 37.18
C SER A 146 37.18 -7.69 37.76
N LEU A 147 35.91 -8.09 37.62
CA LEU A 147 35.46 -9.35 38.20
C LEU A 147 36.13 -10.54 37.52
N VAL A 148 36.14 -10.56 36.18
CA VAL A 148 36.75 -11.68 35.47
C VAL A 148 38.27 -11.61 35.47
N LYS A 149 38.84 -10.50 35.93
CA LYS A 149 40.28 -10.45 36.17
C LYS A 149 40.62 -11.07 37.51
N VAL A 150 39.90 -10.68 38.56
CA VAL A 150 40.23 -11.14 39.90
C VAL A 150 39.84 -12.60 40.10
N THR A 151 38.74 -13.04 39.48
CA THR A 151 38.18 -14.34 39.87
C THR A 151 38.55 -15.45 38.90
N PHE A 152 38.64 -15.16 37.61
CA PHE A 152 38.82 -16.22 36.62
C PHE A 152 40.21 -16.85 36.75
N PRO A 153 40.35 -18.15 36.45
CA PRO A 153 41.59 -18.86 36.78
C PRO A 153 42.60 -18.91 35.64
N TYR A 154 42.38 -18.13 34.60
CA TYR A 154 43.14 -18.26 33.37
C TYR A 154 44.36 -17.34 33.34
N GLU A 155 44.69 -16.72 34.48
CA GLU A 155 45.80 -15.77 34.59
C GLU A 155 45.80 -14.78 33.44
N TRP A 156 44.63 -14.20 33.15
CA TRP A 156 44.51 -13.25 32.04
C TRP A 156 45.15 -11.93 32.45
N ASP A 157 45.30 -11.03 31.48
CA ASP A 157 45.82 -9.69 31.72
C ASP A 157 44.66 -8.78 32.06
N TRP A 158 44.96 -7.52 32.36
CA TRP A 158 43.90 -6.52 32.43
C TRP A 158 43.38 -6.19 31.04
N LYS A 159 44.24 -6.23 30.03
CA LYS A 159 43.80 -5.99 28.67
C LYS A 159 42.83 -7.06 28.21
N THR A 160 43.17 -8.34 28.43
CA THR A 160 42.29 -9.43 28.05
C THR A 160 41.00 -9.43 28.85
N SER A 161 41.11 -9.20 30.17
CA SER A 161 39.93 -9.16 31.02
C SER A 161 38.98 -8.05 30.60
N LEU A 162 39.52 -6.85 30.33
CA LEU A 162 38.65 -5.75 29.91
C LEU A 162 38.16 -5.93 28.49
N LEU A 163 38.91 -6.64 27.65
CA LEU A 163 38.41 -6.98 26.32
C LEU A 163 37.19 -7.87 26.42
N LEU A 164 37.24 -8.88 27.29
CA LEU A 164 36.06 -9.71 27.51
C LEU A 164 34.92 -8.90 28.12
N GLY A 165 35.25 -8.02 29.08
CA GLY A 165 34.22 -7.24 29.73
C GLY A 165 33.49 -6.30 28.78
N GLY A 166 34.23 -5.64 27.88
CA GLY A 166 33.61 -4.76 26.91
C GLY A 166 33.03 -5.47 25.70
N LEU A 167 33.44 -6.72 25.47
CA LEU A 167 32.83 -7.53 24.42
C LEU A 167 31.40 -7.89 24.78
N LEU A 168 31.23 -8.65 25.86
CA LEU A 168 29.93 -9.00 26.41
C LEU A 168 29.37 -7.94 27.34
N SER A 169 29.37 -6.71 26.81
CA SER A 169 28.67 -5.58 27.41
C SER A 169 27.75 -4.90 26.41
N ALA A 170 27.56 -5.51 25.25
CA ALA A 170 26.77 -4.96 24.16
C ALA A 170 25.43 -5.68 24.09
N THR A 171 24.39 -5.02 24.56
CA THR A 171 23.03 -5.56 24.50
C THR A 171 22.55 -5.52 23.06
N ASP A 172 22.07 -6.66 22.57
CA ASP A 172 21.70 -6.75 21.16
C ASP A 172 20.41 -5.99 20.88
N PRO A 173 20.36 -5.22 19.80
CA PRO A 173 19.14 -4.49 19.48
C PRO A 173 18.11 -5.36 18.79
N VAL A 174 18.57 -6.35 18.01
CA VAL A 174 17.64 -7.24 17.31
C VAL A 174 16.86 -8.08 18.30
N ALA A 175 17.57 -8.71 19.24
CA ALA A 175 16.91 -9.57 20.22
C ALA A 175 15.99 -8.76 21.12
N VAL A 176 16.44 -7.58 21.55
CA VAL A 176 15.61 -6.75 22.44
C VAL A 176 14.38 -6.24 21.70
N VAL A 177 14.54 -5.86 20.43
CA VAL A 177 13.38 -5.42 19.65
C VAL A 177 12.38 -6.56 19.48
N ALA A 178 12.87 -7.76 19.16
CA ALA A 178 11.98 -8.91 19.04
C ALA A 178 11.28 -9.20 20.35
N LEU A 179 11.99 -9.06 21.47
CA LEU A 179 11.38 -9.27 22.78
C LEU A 179 10.33 -8.22 23.08
N LEU A 180 10.62 -6.95 22.73
CA LEU A 180 9.69 -5.88 23.03
C LEU A 180 8.44 -5.94 22.16
N LYS A 181 8.54 -6.55 20.98
CA LYS A 181 7.35 -6.70 20.15
C LYS A 181 6.28 -7.53 20.86
N GLU A 182 6.67 -8.61 21.51
CA GLU A 182 5.75 -9.48 22.22
C GLU A 182 5.65 -9.18 23.71
N LEU A 183 6.46 -8.27 24.23
CA LEU A 183 6.49 -8.01 25.66
C LEU A 183 5.22 -7.30 26.12
N GLY A 184 4.81 -6.26 25.40
CA GLY A 184 3.65 -5.49 25.80
C GLY A 184 3.95 -4.37 26.77
N ALA A 185 5.20 -3.92 26.85
CA ALA A 185 5.57 -2.83 27.75
C ALA A 185 5.11 -1.50 27.17
N SER A 186 5.19 -0.46 27.99
CA SER A 186 4.78 0.87 27.57
C SER A 186 5.71 1.42 26.49
N LYS A 187 5.22 2.39 25.73
CA LYS A 187 6.03 2.98 24.67
C LYS A 187 7.25 3.69 25.23
N LYS A 188 7.11 4.32 26.40
CA LYS A 188 8.26 4.99 27.01
C LYS A 188 9.36 4.01 27.34
N LEU A 189 9.03 2.94 28.07
CA LEU A 189 10.03 1.96 28.45
C LEU A 189 10.57 1.21 27.24
N SER A 190 9.69 0.90 26.29
CA SER A 190 10.13 0.22 25.07
C SER A 190 11.14 1.08 24.32
N THR A 191 10.85 2.37 24.17
CA THR A 191 11.78 3.28 23.50
C THR A 191 13.09 3.36 24.26
N ILE A 192 13.04 3.48 25.58
CA ILE A 192 14.27 3.59 26.36
C ILE A 192 15.13 2.36 26.16
N ILE A 193 14.53 1.19 26.31
CA ILE A 193 15.29 -0.06 26.22
C ILE A 193 15.85 -0.24 24.82
N GLU A 194 15.04 0.01 23.79
CA GLU A 194 15.50 -0.18 22.41
C GLU A 194 16.64 0.77 22.08
N GLY A 195 16.51 2.03 22.45
CA GLY A 195 17.56 3.00 22.14
C GLY A 195 18.86 2.70 22.87
N GLU A 196 18.77 2.39 24.17
CA GLU A 196 20.00 2.08 24.89
C GLU A 196 20.62 0.81 24.36
N SER A 197 19.81 -0.15 23.92
CA SER A 197 20.35 -1.38 23.33
C SER A 197 21.08 -1.10 22.03
N LEU A 198 20.53 -0.20 21.20
CA LEU A 198 21.18 0.06 19.91
C LEU A 198 22.36 1.02 20.03
N MET A 199 22.51 1.73 21.16
CA MET A 199 23.69 2.55 21.36
C MET A 199 24.78 1.86 22.17
N ASN A 200 24.39 0.90 23.02
CA ASN A 200 25.38 0.07 23.70
C ASN A 200 26.27 -0.65 22.71
N ASP A 201 25.74 -1.00 21.54
CA ASP A 201 26.56 -1.64 20.52
C ASP A 201 27.68 -0.72 20.07
N GLY A 202 27.36 0.53 19.76
CA GLY A 202 28.40 1.46 19.34
C GLY A 202 29.44 1.66 20.42
N THR A 203 29.00 1.94 21.65
CA THR A 203 29.97 2.20 22.71
C THR A 203 30.81 0.96 23.03
N ALA A 204 30.17 -0.21 23.09
CA ALA A 204 30.86 -1.43 23.47
C ALA A 204 31.79 -1.89 22.38
N ILE A 205 31.44 -1.67 21.11
CA ILE A 205 32.37 -2.03 20.05
C ILE A 205 33.53 -1.04 19.99
N VAL A 206 33.31 0.23 20.33
CA VAL A 206 34.43 1.15 20.45
C VAL A 206 35.41 0.69 21.52
N VAL A 207 34.90 0.36 22.71
CA VAL A 207 35.82 -0.09 23.77
C VAL A 207 36.40 -1.46 23.43
N PHE A 208 35.66 -2.29 22.70
CA PHE A 208 36.18 -3.58 22.27
C PHE A 208 37.37 -3.41 21.34
N GLN A 209 37.25 -2.51 20.36
CA GLN A 209 38.38 -2.23 19.48
C GLN A 209 39.55 -1.65 20.25
N LEU A 210 39.27 -0.76 21.21
CA LEU A 210 40.33 -0.19 22.02
C LEU A 210 41.12 -1.28 22.75
N PHE A 211 40.42 -2.15 23.47
CA PHE A 211 41.10 -3.17 24.26
C PHE A 211 41.66 -4.28 23.39
N LEU A 212 41.10 -4.49 22.20
CA LEU A 212 41.68 -5.48 21.29
C LEU A 212 42.99 -4.99 20.71
N LYS A 213 43.07 -3.71 20.33
CA LYS A 213 44.34 -3.14 19.91
C LYS A 213 45.32 -3.12 21.07
N MET A 214 44.83 -2.89 22.29
CA MET A 214 45.69 -2.98 23.46
C MET A 214 46.28 -4.38 23.60
N ALA A 215 45.44 -5.40 23.47
CA ALA A 215 45.91 -6.79 23.57
C ALA A 215 46.85 -7.12 22.41
N MET A 216 46.71 -6.46 21.28
CA MET A 216 47.62 -6.64 20.16
C MET A 216 48.92 -5.87 20.31
N GLY A 217 49.25 -5.43 21.53
CA GLY A 217 50.50 -4.74 21.78
C GLY A 217 50.52 -3.30 21.36
N GLN A 218 49.37 -2.63 21.33
CA GLN A 218 49.31 -1.22 20.94
C GLN A 218 48.69 -0.39 22.05
N ASN A 219 48.59 0.91 21.84
CA ASN A 219 47.90 1.83 22.74
C ASN A 219 48.42 1.71 24.18
N SER A 220 49.74 1.61 24.29
CA SER A 220 50.39 1.45 25.58
C SER A 220 50.38 2.72 26.42
N ASP A 221 50.29 3.89 25.80
CA ASP A 221 50.35 5.16 26.49
C ASP A 221 48.96 5.81 26.53
N TRP A 222 48.78 6.72 27.49
CA TRP A 222 47.54 7.48 27.61
C TRP A 222 47.31 8.38 26.40
N SER A 223 48.36 9.02 25.89
CA SER A 223 48.22 9.87 24.71
C SER A 223 47.80 9.05 23.50
N SER A 224 48.39 7.86 23.33
CA SER A 224 47.97 6.98 22.25
C SER A 224 46.53 6.53 22.46
N ILE A 225 46.12 6.31 23.71
CA ILE A 225 44.74 5.96 23.99
C ILE A 225 43.80 7.08 23.53
N ILE A 226 44.15 8.32 23.87
CA ILE A 226 43.31 9.45 23.50
C ILE A 226 43.24 9.61 22.00
N LYS A 227 44.38 9.48 21.31
CA LYS A 227 44.38 9.60 19.86
C LYS A 227 43.57 8.49 19.21
N PHE A 228 43.71 7.25 19.72
CA PHE A 228 42.94 6.15 19.16
C PHE A 228 41.45 6.35 19.37
N LEU A 229 41.05 6.77 20.56
CA LEU A 229 39.62 7.00 20.81
C LEU A 229 39.10 8.13 19.93
N LEU A 230 39.87 9.22 19.84
CA LEU A 230 39.48 10.36 19.01
C LEU A 230 39.27 9.92 17.57
N LYS A 231 40.25 9.23 17.00
CA LYS A 231 40.10 8.75 15.62
C LYS A 231 38.92 7.79 15.51
N VAL A 232 39.00 6.65 16.20
CA VAL A 232 38.02 5.57 16.02
C VAL A 232 36.59 6.03 16.27
N ALA A 233 36.39 7.03 17.13
CA ALA A 233 35.03 7.51 17.38
C ALA A 233 34.65 8.68 16.49
N LEU A 234 35.37 9.80 16.61
CA LEU A 234 34.98 11.00 15.87
C LEU A 234 35.15 10.83 14.37
N GLY A 235 36.26 10.23 13.92
CA GLY A 235 36.43 10.02 12.50
C GLY A 235 35.42 9.06 11.92
N ALA A 236 35.05 8.03 12.69
CA ALA A 236 33.99 7.13 12.24
C ALA A 236 32.66 7.85 12.12
N VAL A 237 32.32 8.69 13.11
CA VAL A 237 31.09 9.46 13.04
C VAL A 237 31.14 10.42 11.86
N GLY A 238 32.29 11.03 11.62
CA GLY A 238 32.42 11.96 10.49
C GLY A 238 32.30 11.27 9.15
N ILE A 239 32.91 10.10 9.01
CA ILE A 239 32.79 9.34 7.76
C ILE A 239 31.35 8.91 7.55
N GLY A 240 30.69 8.44 8.60
CA GLY A 240 29.28 8.10 8.48
C GLY A 240 28.43 9.29 8.08
N LEU A 241 28.68 10.44 8.68
CA LEU A 241 27.93 11.65 8.33
C LEU A 241 28.19 12.07 6.89
N ALA A 242 29.45 12.00 6.44
CA ALA A 242 29.76 12.39 5.07
C ALA A 242 29.11 11.46 4.06
N PHE A 243 29.21 10.16 4.29
CA PHE A 243 28.55 9.20 3.41
C PHE A 243 27.04 9.37 3.43
N GLY A 244 26.49 9.67 4.60
CA GLY A 244 25.06 9.92 4.69
C GLY A 244 24.64 11.15 3.91
N ILE A 245 25.41 12.23 4.02
CA ILE A 245 25.07 13.45 3.28
C ILE A 245 25.14 13.19 1.79
N ALA A 246 26.21 12.55 1.32
CA ALA A 246 26.35 12.28 -0.10
C ALA A 246 25.23 11.38 -0.62
N SER A 247 24.93 10.31 0.12
CA SER A 247 23.90 9.38 -0.33
C SER A 247 22.50 9.97 -0.23
N VAL A 248 22.27 10.86 0.75
CA VAL A 248 20.95 11.49 0.85
C VAL A 248 20.74 12.48 -0.29
N ILE A 249 21.78 13.22 -0.66
CA ILE A 249 21.66 14.09 -1.83
C ILE A 249 21.42 13.25 -3.09
N TRP A 250 22.17 12.16 -3.22
CA TRP A 250 21.97 11.26 -4.35
C TRP A 250 20.54 10.74 -4.41
N LEU A 251 20.00 10.32 -3.26
CA LEU A 251 18.62 9.84 -3.21
C LEU A 251 17.64 10.94 -3.58
N LYS A 252 17.91 12.17 -3.13
CA LYS A 252 17.06 13.29 -3.51
C LYS A 252 17.06 13.49 -5.02
N PHE A 253 18.14 13.12 -5.69
CA PHE A 253 18.19 13.22 -7.14
C PHE A 253 17.87 11.91 -7.87
N ILE A 254 17.41 10.90 -7.14
CA ILE A 254 16.89 9.66 -7.74
C ILE A 254 15.38 9.70 -7.58
N PHE A 255 14.67 9.74 -8.71
CA PHE A 255 13.24 10.10 -8.68
C PHE A 255 12.34 8.87 -8.56
N ASN A 256 12.37 7.99 -9.55
CA ASN A 256 11.50 6.80 -9.56
C ASN A 256 12.36 5.58 -9.84
N ASP A 257 12.99 5.06 -8.79
CA ASP A 257 13.69 3.78 -8.87
C ASP A 257 13.82 3.24 -7.44
N THR A 258 12.96 2.30 -7.08
CA THR A 258 12.97 1.74 -5.74
C THR A 258 14.00 0.64 -5.56
N VAL A 259 14.65 0.20 -6.64
CA VAL A 259 15.67 -0.83 -6.54
C VAL A 259 17.04 -0.22 -6.30
N ILE A 260 17.40 0.84 -7.04
CA ILE A 260 18.68 1.46 -6.78
C ILE A 260 18.64 2.24 -5.48
N GLU A 261 17.45 2.60 -5.00
CA GLU A 261 17.38 3.26 -3.70
C GLU A 261 17.75 2.33 -2.56
N ILE A 262 17.48 1.03 -2.70
CA ILE A 262 17.87 0.07 -1.68
C ILE A 262 19.29 -0.43 -1.89
N THR A 263 19.67 -0.70 -3.14
CA THR A 263 21.06 -1.08 -3.37
C THR A 263 22.01 0.07 -3.10
N LEU A 264 21.52 1.32 -3.09
CA LEU A 264 22.33 2.44 -2.66
C LEU A 264 22.59 2.38 -1.17
N THR A 265 21.59 2.00 -0.38
CA THR A 265 21.83 1.79 1.04
C THR A 265 22.84 0.66 1.25
N ILE A 266 22.70 -0.43 0.49
CA ILE A 266 23.66 -1.53 0.60
C ILE A 266 25.08 -1.04 0.29
N ALA A 267 25.23 -0.36 -0.86
CA ALA A 267 26.54 0.06 -1.32
C ALA A 267 27.16 1.09 -0.38
N VAL A 268 26.37 2.06 0.06
CA VAL A 268 26.92 3.10 0.94
C VAL A 268 27.25 2.53 2.30
N SER A 269 26.44 1.59 2.81
CA SER A 269 26.75 0.97 4.09
C SER A 269 28.06 0.19 4.01
N TYR A 270 28.19 -0.68 3.01
CA TYR A 270 29.37 -1.52 2.91
C TYR A 270 30.58 -0.78 2.33
N PHE A 271 30.40 0.44 1.83
CA PHE A 271 31.52 1.27 1.45
C PHE A 271 31.97 2.17 2.59
N ALA A 272 31.03 2.65 3.39
CA ALA A 272 31.38 3.40 4.60
C ALA A 272 32.10 2.51 5.60
N TYR A 273 31.63 1.27 5.78
CA TYR A 273 32.34 0.35 6.67
C TYR A 273 33.78 0.17 6.22
N TYR A 274 33.99 -0.06 4.92
CA TYR A 274 35.33 -0.28 4.42
C TYR A 274 36.18 0.98 4.55
N THR A 275 35.65 2.13 4.13
CA THR A 275 36.39 3.37 4.22
C THR A 275 36.80 3.70 5.64
N ALA A 276 35.96 3.38 6.63
CA ALA A 276 36.34 3.61 8.01
C ALA A 276 37.34 2.59 8.53
N GLN A 277 37.11 1.30 8.27
CA GLN A 277 37.93 0.28 8.90
C GLN A 277 39.29 0.16 8.24
N GLU A 278 39.34 0.20 6.91
CA GLU A 278 40.56 -0.09 6.16
C GLU A 278 41.31 1.15 5.70
N TRP A 279 40.61 2.21 5.35
CA TRP A 279 41.26 3.38 4.76
C TRP A 279 41.56 4.45 5.80
N ALA A 280 40.59 4.78 6.64
CA ALA A 280 40.81 5.76 7.70
C ALA A 280 41.18 5.12 9.04
N GLY A 281 41.11 3.79 9.14
CA GLY A 281 41.45 3.15 10.39
C GLY A 281 40.48 3.40 11.52
N ALA A 282 39.30 3.94 11.24
CA ALA A 282 38.29 4.23 12.25
C ALA A 282 37.49 2.96 12.52
N SER A 283 36.36 3.11 13.22
CA SER A 283 35.47 2.00 13.51
C SER A 283 34.40 1.96 12.42
N GLY A 284 34.42 0.87 11.64
CA GLY A 284 33.41 0.71 10.60
C GLY A 284 32.02 0.51 11.17
N VAL A 285 31.94 -0.07 12.37
CA VAL A 285 30.63 -0.27 13.00
C VAL A 285 30.01 1.06 13.39
N LEU A 286 30.79 1.93 14.02
CA LEU A 286 30.28 3.24 14.36
C LEU A 286 29.91 4.03 13.12
N THR A 287 30.69 3.88 12.05
CA THR A 287 30.36 4.54 10.79
C THR A 287 29.03 4.05 10.24
N VAL A 288 28.81 2.73 10.26
CA VAL A 288 27.56 2.19 9.74
C VAL A 288 26.38 2.62 10.62
N MET A 289 26.59 2.69 11.93
CA MET A 289 25.50 3.09 12.81
C MET A 289 25.16 4.57 12.66
N THR A 290 26.17 5.43 12.52
CA THR A 290 25.88 6.84 12.25
C THR A 290 25.26 7.02 10.89
N LEU A 291 25.66 6.22 9.90
CA LEU A 291 25.00 6.27 8.59
C LEU A 291 23.54 5.88 8.69
N GLY A 292 23.24 4.83 9.46
CA GLY A 292 21.85 4.42 9.61
C GLY A 292 21.03 5.45 10.38
N MET A 293 21.61 6.06 11.40
CA MET A 293 20.91 7.10 12.13
C MET A 293 20.70 8.35 11.26
N PHE A 294 21.67 8.68 10.41
CA PHE A 294 21.50 9.77 9.47
C PHE A 294 20.38 9.46 8.48
N TYR A 295 20.30 8.21 8.04
CA TYR A 295 19.18 7.81 7.17
C TYR A 295 17.86 7.93 7.89
N ALA A 296 17.82 7.53 9.17
CA ALA A 296 16.60 7.62 9.95
C ALA A 296 16.18 9.07 10.16
N ALA A 297 17.14 9.97 10.30
CA ALA A 297 16.82 11.36 10.59
C ALA A 297 16.50 12.14 9.32
N PHE A 298 17.47 12.24 8.41
CA PHE A 298 17.39 13.16 7.28
C PHE A 298 17.08 12.47 5.95
N ALA A 299 16.66 11.20 5.96
CA ALA A 299 16.36 10.50 4.73
C ALA A 299 14.97 9.87 4.73
N ARG A 300 14.09 10.25 5.66
CA ARG A 300 12.71 9.79 5.58
C ARG A 300 12.02 10.31 4.33
N THR A 301 12.45 11.46 3.83
CA THR A 301 11.93 12.02 2.60
C THR A 301 12.87 11.83 1.40
N ALA A 302 14.06 11.28 1.63
CA ALA A 302 14.95 11.00 0.50
C ALA A 302 14.51 9.75 -0.25
N PHE A 303 13.97 8.77 0.46
CA PHE A 303 13.41 7.60 -0.20
C PHE A 303 11.97 7.85 -0.61
N LYS A 304 11.52 7.08 -1.60
CA LYS A 304 10.13 7.15 -1.99
C LYS A 304 9.23 6.64 -0.87
N GLY A 305 7.98 7.10 -0.88
CA GLY A 305 7.05 6.66 0.15
C GLY A 305 6.77 5.17 0.09
N ASP A 306 6.57 4.63 -1.11
CA ASP A 306 6.31 3.21 -1.28
C ASP A 306 7.58 2.38 -1.28
N SER A 307 8.75 3.01 -1.39
CA SER A 307 10.02 2.32 -1.24
C SER A 307 10.39 2.11 0.22
N GLN A 308 9.67 2.74 1.15
CA GLN A 308 10.03 2.66 2.56
C GLN A 308 9.81 1.26 3.12
N LYS A 309 8.64 0.68 2.86
CA LYS A 309 8.34 -0.65 3.39
C LYS A 309 9.26 -1.71 2.81
N SER A 310 9.52 -1.65 1.50
CA SER A 310 10.41 -2.63 0.89
C SER A 310 11.83 -2.51 1.43
N LEU A 311 12.31 -1.28 1.61
CA LEU A 311 13.65 -1.06 2.12
C LEU A 311 13.77 -1.55 3.57
N HIS A 312 12.79 -1.23 4.40
CA HIS A 312 12.80 -1.70 5.78
C HIS A 312 12.70 -3.22 5.85
N HIS A 313 11.86 -3.82 5.00
CA HIS A 313 11.77 -5.27 4.96
C HIS A 313 13.08 -5.91 4.55
N PHE A 314 13.75 -5.34 3.54
CA PHE A 314 15.02 -5.88 3.10
C PHE A 314 16.06 -5.81 4.20
N TRP A 315 16.16 -4.67 4.88
CA TRP A 315 17.21 -4.56 5.90
C TRP A 315 16.88 -5.38 7.14
N GLU A 316 15.59 -5.51 7.48
CA GLU A 316 15.22 -6.40 8.58
C GLU A 316 15.53 -7.85 8.23
N MET A 317 15.29 -8.24 6.98
CA MET A 317 15.63 -9.60 6.56
C MET A 317 17.15 -9.81 6.54
N VAL A 318 17.90 -8.79 6.15
CA VAL A 318 19.36 -8.92 6.16
C VAL A 318 19.87 -9.06 7.58
N ALA A 319 19.30 -8.30 8.51
CA ALA A 319 19.62 -8.48 9.92
C ALA A 319 19.26 -9.88 10.38
N TYR A 320 18.12 -10.39 9.94
CA TYR A 320 17.69 -11.75 10.29
C TYR A 320 18.66 -12.80 9.77
N ILE A 321 19.06 -12.67 8.51
CA ILE A 321 19.99 -13.62 7.90
C ILE A 321 21.35 -13.56 8.58
N ALA A 322 21.85 -12.35 8.83
CA ALA A 322 23.13 -12.21 9.51
C ALA A 322 23.08 -12.77 10.91
N ASN A 323 21.98 -12.52 11.63
CA ASN A 323 21.82 -13.05 12.98
C ASN A 323 21.78 -14.57 12.98
N THR A 324 21.02 -15.16 12.05
CA THR A 324 20.95 -16.62 11.96
C THR A 324 22.30 -17.22 11.62
N LEU A 325 22.99 -16.65 10.63
CA LEU A 325 24.30 -17.16 10.23
C LEU A 325 25.31 -17.02 11.37
N ILE A 326 25.28 -15.90 12.08
CA ILE A 326 26.21 -15.69 13.18
C ILE A 326 25.94 -16.67 14.31
N PHE A 327 24.67 -16.90 14.64
CA PHE A 327 24.37 -17.83 15.71
C PHE A 327 24.77 -19.25 15.35
N ILE A 328 24.48 -19.70 14.12
CA ILE A 328 24.83 -21.06 13.75
C ILE A 328 26.34 -21.22 13.61
N LEU A 329 27.01 -20.24 13.02
CA LEU A 329 28.47 -20.28 12.92
C LEU A 329 29.12 -20.25 14.29
N SER A 330 28.59 -19.43 15.21
CA SER A 330 29.13 -19.38 16.56
C SER A 330 28.95 -20.71 17.25
N GLY A 331 27.80 -21.35 17.09
CA GLY A 331 27.62 -22.68 17.65
C GLY A 331 28.63 -23.66 17.09
N VAL A 332 28.83 -23.64 15.77
CA VAL A 332 29.75 -24.57 15.12
C VAL A 332 31.17 -24.35 15.63
N VAL A 333 31.59 -23.09 15.71
CA VAL A 333 32.97 -22.80 16.11
C VAL A 333 33.17 -23.01 17.60
N ILE A 334 32.14 -22.80 18.43
CA ILE A 334 32.24 -23.17 19.84
C ILE A 334 32.44 -24.67 19.97
N ALA A 335 31.64 -25.45 19.24
CA ALA A 335 31.78 -26.90 19.30
C ALA A 335 33.16 -27.32 18.82
N GLU A 336 33.67 -26.67 17.77
CA GLU A 336 35.01 -26.95 17.27
C GLU A 336 36.08 -26.64 18.31
N GLY A 337 35.97 -25.50 18.97
CA GLY A 337 37.03 -25.05 19.85
C GLY A 337 37.04 -25.76 21.20
N ILE A 338 35.85 -26.06 21.74
CA ILE A 338 35.78 -26.72 23.03
C ILE A 338 35.86 -28.24 22.91
N LEU A 339 36.00 -28.76 21.70
CA LEU A 339 36.21 -30.19 21.51
C LEU A 339 37.52 -30.45 20.77
N ASP A 340 38.50 -29.56 20.95
CA ASP A 340 39.83 -29.70 20.39
C ASP A 340 40.66 -30.61 21.31
N SER A 341 41.98 -30.63 21.09
CA SER A 341 42.84 -31.45 21.95
C SER A 341 42.76 -31.04 23.41
N ASP A 342 42.54 -29.75 23.68
CA ASP A 342 42.49 -29.29 25.06
C ASP A 342 41.22 -29.72 25.77
N LYS A 343 40.12 -29.87 25.03
CA LYS A 343 38.83 -30.29 25.58
C LYS A 343 38.37 -29.33 26.68
N ILE A 344 38.14 -28.09 26.27
CA ILE A 344 37.72 -27.01 27.17
C ILE A 344 36.31 -27.31 27.69
N ALA A 345 35.61 -28.21 27.02
CA ALA A 345 34.25 -28.60 27.39
C ALA A 345 34.22 -29.63 28.50
N TYR A 346 35.35 -30.25 28.82
CA TYR A 346 35.38 -31.30 29.84
C TYR A 346 36.29 -30.86 30.98
N GLN A 347 36.43 -29.56 31.18
CA GLN A 347 37.37 -29.03 32.16
C GLN A 347 36.69 -28.59 33.46
N GLY A 348 35.37 -28.51 33.49
CA GLY A 348 34.71 -28.09 34.71
C GLY A 348 34.81 -26.59 34.94
N ASN A 349 36.03 -26.08 35.07
CA ASN A 349 36.24 -24.65 35.29
C ASN A 349 35.52 -23.83 34.23
N SER A 350 35.46 -24.34 33.00
CA SER A 350 34.71 -23.67 31.94
C SER A 350 33.28 -23.40 32.38
N TRP A 351 32.59 -24.42 32.91
CA TRP A 351 31.18 -24.26 33.27
C TRP A 351 31.02 -23.47 34.55
N ARG A 352 31.86 -23.75 35.57
CA ARG A 352 31.79 -22.97 36.80
C ARG A 352 31.90 -21.48 36.50
N PHE A 353 32.90 -21.10 35.70
CA PHE A 353 33.08 -19.69 35.41
C PHE A 353 32.16 -19.17 34.32
N LEU A 354 31.50 -20.04 33.56
CA LEU A 354 30.41 -19.59 32.70
C LEU A 354 29.24 -19.11 33.54
N PHE A 355 28.85 -19.88 34.55
CA PHE A 355 27.76 -19.43 35.41
C PHE A 355 28.18 -18.26 36.30
N LEU A 356 29.44 -18.23 36.73
CA LEU A 356 29.95 -17.04 37.40
C LEU A 356 29.90 -15.83 36.48
N LEU A 357 30.23 -16.00 35.20
CA LEU A 357 30.14 -14.89 34.26
C LEU A 357 28.70 -14.43 34.07
N TYR A 358 27.73 -15.35 34.10
CA TYR A 358 26.34 -14.93 34.01
C TYR A 358 25.92 -14.11 35.22
N VAL A 359 26.29 -14.55 36.43
CA VAL A 359 25.92 -13.75 37.59
C VAL A 359 26.67 -12.42 37.56
N TYR A 360 27.87 -12.39 36.98
CA TYR A 360 28.60 -11.13 36.82
C TYR A 360 27.89 -10.20 35.83
N ILE A 361 27.34 -10.75 34.75
CA ILE A 361 26.51 -9.95 33.85
C ILE A 361 25.36 -9.31 34.62
N GLN A 362 24.67 -10.12 35.42
CA GLN A 362 23.51 -9.61 36.14
C GLN A 362 23.91 -8.52 37.14
N LEU A 363 24.98 -8.77 37.91
CA LEU A 363 25.44 -7.76 38.87
C LEU A 363 25.95 -6.50 38.18
N SER A 364 26.64 -6.62 37.06
CA SER A 364 27.14 -5.43 36.37
C SER A 364 25.98 -4.60 35.83
N ARG A 365 24.96 -5.25 35.27
CA ARG A 365 23.79 -4.50 34.81
C ARG A 365 23.07 -3.83 35.98
N VAL A 366 22.96 -4.54 37.12
CA VAL A 366 22.35 -3.96 38.30
C VAL A 366 23.13 -2.73 38.75
N VAL A 367 24.46 -2.84 38.77
CA VAL A 367 25.31 -1.73 39.20
C VAL A 367 25.15 -0.55 38.25
N VAL A 368 25.16 -0.80 36.95
CA VAL A 368 25.01 0.27 35.97
C VAL A 368 23.70 1.00 36.17
N VAL A 369 22.60 0.25 36.24
CA VAL A 369 21.29 0.88 36.35
C VAL A 369 21.15 1.61 37.67
N GLY A 370 21.62 1.01 38.76
CA GLY A 370 21.51 1.68 40.05
C GLY A 370 22.34 2.94 40.13
N VAL A 371 23.56 2.92 39.60
CA VAL A 371 24.42 4.11 39.62
C VAL A 371 23.82 5.21 38.77
N LEU A 372 23.29 4.87 37.59
CA LEU A 372 22.74 5.90 36.73
C LEU A 372 21.30 6.28 37.07
N TYR A 373 20.66 5.57 38.00
CA TYR A 373 19.26 5.83 38.32
C TYR A 373 19.00 7.25 38.82
N PRO A 374 19.79 7.83 39.73
CA PRO A 374 19.50 9.20 40.15
C PRO A 374 19.51 10.20 39.01
N LEU A 375 20.25 9.91 37.94
CA LEU A 375 20.23 10.75 36.75
C LEU A 375 19.26 10.22 35.70
N LEU A 376 19.01 8.90 35.67
CA LEU A 376 18.08 8.34 34.71
C LEU A 376 16.64 8.72 35.01
N CYS A 377 16.29 8.93 36.27
CA CYS A 377 14.93 9.26 36.67
C CYS A 377 14.62 10.75 36.55
N ARG A 378 15.59 11.57 36.13
CA ARG A 378 15.39 13.00 36.00
C ARG A 378 15.48 13.49 34.56
N PHE A 379 15.92 12.66 33.63
CA PHE A 379 16.13 13.05 32.24
C PHE A 379 15.19 12.27 31.34
N GLY A 380 14.75 12.91 30.26
CA GLY A 380 13.86 12.26 29.31
C GLY A 380 12.60 11.76 29.98
N TYR A 381 12.18 10.56 29.59
CA TYR A 381 11.07 9.91 30.27
C TYR A 381 11.46 9.53 31.69
N GLY A 382 10.53 9.74 32.62
CA GLY A 382 10.77 9.33 33.99
C GLY A 382 10.94 7.83 34.13
N LEU A 383 11.96 7.42 34.86
CA LEU A 383 12.25 6.00 35.09
C LEU A 383 11.96 5.72 36.57
N ASP A 384 10.86 5.02 36.84
CA ASP A 384 10.56 4.64 38.21
C ASP A 384 11.19 3.28 38.50
N TRP A 385 10.97 2.78 39.72
CA TRP A 385 11.61 1.55 40.14
C TRP A 385 11.09 0.34 39.37
N LYS A 386 9.87 0.42 38.84
CA LYS A 386 9.32 -0.70 38.07
C LYS A 386 10.00 -0.80 36.71
N GLU A 387 10.15 0.33 36.02
CA GLU A 387 10.85 0.30 34.73
C GLU A 387 12.34 0.00 34.91
N SER A 388 12.91 0.33 36.07
CA SER A 388 14.30 0.01 36.34
C SER A 388 14.53 -1.50 36.41
N ILE A 389 13.60 -2.25 36.99
CA ILE A 389 13.75 -3.70 37.05
C ILE A 389 13.74 -4.31 35.65
N ILE A 390 12.84 -3.85 34.79
CA ILE A 390 12.80 -4.34 33.42
C ILE A 390 14.05 -3.90 32.66
N LEU A 391 14.55 -2.70 32.93
CA LEU A 391 15.80 -2.25 32.31
C LEU A 391 16.95 -3.16 32.69
N VAL A 392 17.03 -3.55 33.96
CA VAL A 392 18.07 -4.47 34.40
C VAL A 392 17.89 -5.84 33.75
N TRP A 393 16.67 -6.37 33.78
CA TRP A 393 16.43 -7.74 33.36
C TRP A 393 16.51 -7.92 31.85
N SER A 394 16.24 -6.87 31.06
CA SER A 394 16.32 -6.96 29.61
C SER A 394 17.76 -6.76 29.14
N GLY A 395 18.66 -7.52 29.76
CA GLY A 395 20.06 -7.51 29.38
C GLY A 395 20.36 -8.63 28.40
N LEU A 396 19.66 -8.64 27.28
CA LEU A 396 19.82 -9.72 26.31
C LEU A 396 21.09 -9.50 25.50
N ARG A 397 21.94 -10.53 25.46
CA ARG A 397 23.12 -10.53 24.62
C ARG A 397 22.81 -11.31 23.34
N GLY A 398 23.36 -10.84 22.23
CA GLY A 398 22.98 -11.43 20.96
C GLY A 398 24.10 -11.62 19.97
N ALA A 399 23.82 -11.35 18.70
CA ALA A 399 24.74 -11.66 17.63
C ALA A 399 25.91 -10.69 17.53
N VAL A 400 25.81 -9.50 18.11
CA VAL A 400 26.93 -8.57 18.08
C VAL A 400 28.06 -9.06 18.96
N ALA A 401 27.75 -9.42 20.21
CA ALA A 401 28.76 -10.00 21.08
C ALA A 401 29.28 -11.31 20.54
N LEU A 402 28.38 -12.13 19.97
CA LEU A 402 28.81 -13.38 19.36
C LEU A 402 29.78 -13.14 18.23
N ALA A 403 29.50 -12.15 17.37
CA ALA A 403 30.38 -11.84 16.26
C ALA A 403 31.73 -11.32 16.74
N LEU A 404 31.72 -10.46 17.76
CA LEU A 404 32.99 -9.93 18.29
C LEU A 404 33.85 -11.05 18.87
N SER A 405 33.23 -11.93 19.66
CA SER A 405 34.00 -13.03 20.25
C SER A 405 34.43 -14.04 19.19
N LEU A 406 33.62 -14.21 18.15
CA LEU A 406 34.02 -15.09 17.05
C LEU A 406 35.19 -14.51 16.28
N SER A 407 35.23 -13.19 16.11
CA SER A 407 36.38 -12.56 15.46
C SER A 407 37.62 -12.65 16.33
N VAL A 408 37.45 -12.57 17.66
CA VAL A 408 38.57 -12.76 18.57
C VAL A 408 39.08 -14.20 18.48
N LYS A 409 38.16 -15.16 18.45
CA LYS A 409 38.55 -16.57 18.36
C LYS A 409 39.24 -16.88 17.04
N GLN A 410 38.71 -16.36 15.94
CA GLN A 410 39.28 -16.67 14.63
C GLN A 410 40.66 -16.03 14.48
N SER A 411 40.89 -14.89 15.12
CA SER A 411 42.19 -14.23 15.10
C SER A 411 43.11 -14.73 16.20
N SER A 412 42.64 -15.64 17.04
CA SER A 412 43.46 -16.14 18.14
C SER A 412 44.45 -17.18 17.62
N GLY A 413 45.37 -17.59 18.50
CA GLY A 413 46.43 -18.49 18.16
C GLY A 413 47.79 -17.85 18.08
N ASN A 414 47.87 -16.52 18.11
CA ASN A 414 49.14 -15.82 18.07
C ASN A 414 49.67 -15.64 19.50
N SER A 415 50.76 -14.88 19.62
CA SER A 415 51.38 -14.66 20.91
C SER A 415 50.55 -13.79 21.84
N HIS A 416 49.74 -12.88 21.29
CA HIS A 416 49.01 -11.93 22.11
C HIS A 416 47.77 -12.58 22.73
N ILE A 417 46.84 -13.02 21.90
CA ILE A 417 45.66 -13.76 22.34
C ILE A 417 45.87 -15.20 21.93
N SER A 418 46.10 -16.07 22.92
CA SER A 418 46.37 -17.46 22.63
C SER A 418 45.13 -18.13 22.05
N LYS A 419 45.35 -19.30 21.44
CA LYS A 419 44.23 -20.07 20.90
C LYS A 419 43.27 -20.48 22.01
N GLU A 420 43.80 -20.90 23.16
CA GLU A 420 42.97 -21.28 24.28
C GLU A 420 42.15 -20.09 24.78
N THR A 421 42.77 -18.92 24.85
CA THR A 421 42.07 -17.71 25.26
C THR A 421 40.95 -17.31 24.31
N GLY A 422 41.19 -17.29 23.00
CA GLY A 422 40.16 -16.96 22.04
C GLY A 422 39.03 -17.96 22.04
N THR A 423 39.36 -19.24 22.18
CA THR A 423 38.32 -20.25 22.34
C THR A 423 37.52 -20.01 23.61
N LEU A 424 38.19 -19.62 24.70
CA LEU A 424 37.49 -19.28 25.92
C LEU A 424 36.59 -18.07 25.74
N PHE A 425 37.08 -17.06 25.02
CA PHE A 425 36.24 -15.88 24.76
C PHE A 425 34.97 -16.27 24.02
N LEU A 426 35.11 -17.04 22.94
CA LEU A 426 33.94 -17.44 22.17
C LEU A 426 33.01 -18.31 22.99
N PHE A 427 33.57 -19.25 23.76
CA PHE A 427 32.74 -20.13 24.59
C PHE A 427 31.98 -19.34 25.64
N PHE A 428 32.66 -18.45 26.35
CA PHE A 428 32.00 -17.65 27.38
C PHE A 428 30.96 -16.73 26.78
N THR A 429 31.26 -16.07 25.67
CA THR A 429 30.29 -15.19 25.06
C THR A 429 29.07 -15.96 24.55
N GLY A 430 29.29 -17.12 23.94
CA GLY A 430 28.17 -17.93 23.50
C GLY A 430 27.32 -18.42 24.65
N GLY A 431 27.96 -18.86 25.73
CA GLY A 431 27.21 -19.28 26.89
C GLY A 431 26.44 -18.15 27.53
N ILE A 432 27.03 -16.95 27.56
CA ILE A 432 26.32 -15.80 28.12
C ILE A 432 25.16 -15.40 27.24
N VAL A 433 25.35 -15.42 25.93
CA VAL A 433 24.23 -15.14 25.02
C VAL A 433 23.11 -16.13 25.23
N PHE A 434 23.45 -17.42 25.29
CA PHE A 434 22.44 -18.46 25.50
C PHE A 434 21.73 -18.27 26.84
N LEU A 435 22.49 -18.07 27.91
CA LEU A 435 21.89 -17.95 29.24
C LEU A 435 21.03 -16.70 29.35
N THR A 436 21.52 -15.57 28.84
CA THR A 436 20.74 -14.35 28.87
C THR A 436 19.45 -14.52 28.09
N LEU A 437 19.51 -15.10 26.89
CA LEU A 437 18.29 -15.29 26.12
C LEU A 437 17.31 -16.20 26.87
N ILE A 438 17.75 -17.39 27.27
CA ILE A 438 16.87 -18.35 27.94
C ILE A 438 16.28 -17.77 29.22
N VAL A 439 17.12 -17.21 30.10
CA VAL A 439 16.67 -16.83 31.42
C VAL A 439 16.11 -15.41 31.47
N ASN A 440 16.24 -14.65 30.40
CA ASN A 440 15.83 -13.26 30.39
C ASN A 440 14.68 -13.00 29.42
N GLY A 441 14.79 -13.44 28.17
CA GLY A 441 13.69 -13.24 27.24
C GLY A 441 12.45 -14.03 27.65
N SER A 442 12.65 -15.22 28.21
CA SER A 442 11.54 -16.06 28.63
C SER A 442 10.96 -15.64 29.97
N THR A 443 11.69 -14.88 30.78
CA THR A 443 11.23 -14.54 32.13
C THR A 443 10.92 -13.06 32.31
N THR A 444 11.33 -12.20 31.38
CA THR A 444 10.95 -10.80 31.48
C THR A 444 9.46 -10.60 31.23
N GLN A 445 8.83 -11.49 30.47
CA GLN A 445 7.37 -11.47 30.38
C GLN A 445 6.73 -11.73 31.74
N PHE A 446 7.28 -12.69 32.48
CA PHE A 446 6.78 -12.94 33.83
C PHE A 446 7.03 -11.76 34.74
N VAL A 447 8.22 -11.16 34.65
CA VAL A 447 8.55 -10.02 35.51
C VAL A 447 7.68 -8.81 35.14
N LEU A 448 7.28 -8.70 33.88
CA LEU A 448 6.41 -7.60 33.46
C LEU A 448 4.96 -7.84 33.86
N ARG A 449 4.48 -9.08 33.75
CA ARG A 449 3.13 -9.38 34.24
C ARG A 449 3.06 -9.25 35.75
N LEU A 450 4.08 -9.75 36.45
CA LEU A 450 4.29 -9.34 37.82
C LEU A 450 4.63 -7.85 37.82
N LEU A 451 4.46 -7.21 38.99
CA LEU A 451 4.55 -5.77 39.16
C LEU A 451 3.39 -5.04 38.48
N ARG A 452 2.48 -5.75 37.82
CA ARG A 452 1.27 -5.17 37.23
C ARG A 452 1.61 -4.07 36.23
N MET A 453 2.50 -4.39 35.29
CA MET A 453 2.87 -3.46 34.22
C MET A 453 2.36 -3.89 32.86
N ASP A 454 1.54 -4.94 32.79
CA ASP A 454 0.95 -5.40 31.54
C ASP A 454 -0.50 -4.97 31.38
N ILE A 455 -1.06 -4.27 32.37
CA ILE A 455 -2.47 -3.92 32.36
C ILE A 455 -2.70 -2.74 31.42
N LEU A 456 -3.69 -2.87 30.55
CA LEU A 456 -4.01 -1.81 29.60
C LEU A 456 -4.96 -0.81 30.26
N PRO A 457 -4.62 0.48 30.29
CA PRO A 457 -5.45 1.45 31.00
C PRO A 457 -6.81 1.63 30.35
N ALA A 458 -7.74 2.19 31.13
CA ALA A 458 -9.13 2.29 30.71
C ALA A 458 -9.32 3.10 29.43
N PRO A 459 -8.71 4.28 29.25
CA PRO A 459 -8.86 4.97 27.96
C PRO A 459 -8.38 4.14 26.78
N LYS A 460 -7.25 3.44 26.93
CA LYS A 460 -6.74 2.62 25.84
C LYS A 460 -7.65 1.42 25.59
N LYS A 461 -8.21 0.84 26.65
CA LYS A 461 -9.16 -0.26 26.49
C LYS A 461 -10.40 0.20 25.74
N ARG A 462 -10.92 1.39 26.09
CA ARG A 462 -12.05 1.96 25.38
C ARG A 462 -11.73 2.20 23.91
N ILE A 463 -10.53 2.70 23.63
CA ILE A 463 -10.15 2.96 22.25
C ILE A 463 -10.02 1.66 21.46
N LEU A 464 -9.47 0.62 22.09
CA LEU A 464 -9.37 -0.68 21.43
C LEU A 464 -10.74 -1.26 21.14
N GLU A 465 -11.67 -1.13 22.09
CA GLU A 465 -13.03 -1.61 21.85
C GLU A 465 -13.70 -0.82 20.73
N TYR A 466 -13.45 0.48 20.66
CA TYR A 466 -13.98 1.28 19.56
C TYR A 466 -13.43 0.81 18.22
N THR A 467 -12.13 0.53 18.17
CA THR A 467 -11.54 0.06 16.91
C THR A 467 -12.12 -1.29 16.51
N LYS A 468 -12.32 -2.19 17.46
CA LYS A 468 -12.92 -3.47 17.14
C LYS A 468 -14.36 -3.31 16.67
N TYR A 469 -15.11 -2.39 17.28
CA TYR A 469 -16.47 -2.11 16.83
C TYR A 469 -16.47 -1.56 15.40
N GLU A 470 -15.54 -0.66 15.09
CA GLU A 470 -15.47 -0.13 13.73
C GLU A 470 -15.06 -1.19 12.73
N MET A 471 -14.21 -2.14 13.15
CA MET A 471 -13.87 -3.25 12.27
C MET A 471 -15.08 -4.15 12.02
N LEU A 472 -15.90 -4.39 13.05
CA LEU A 472 -17.15 -5.09 12.83
C LEU A 472 -18.04 -4.36 11.83
N ASN A 473 -18.16 -3.04 11.99
CA ASN A 473 -18.99 -2.27 11.07
C ASN A 473 -18.46 -2.35 9.65
N LYS A 474 -17.14 -2.27 9.49
CA LYS A 474 -16.54 -2.40 8.16
C LYS A 474 -16.81 -3.78 7.57
N ALA A 475 -16.71 -4.83 8.38
CA ALA A 475 -16.94 -6.18 7.88
C ALA A 475 -18.38 -6.36 7.43
N LEU A 476 -19.34 -5.93 8.24
CA LEU A 476 -20.74 -6.01 7.84
C LEU A 476 -21.03 -5.16 6.61
N ARG A 477 -20.45 -3.96 6.52
CA ARG A 477 -20.70 -3.14 5.34
C ARG A 477 -20.13 -3.78 4.09
N ALA A 478 -18.94 -4.37 4.19
CA ALA A 478 -18.38 -5.13 3.07
C ALA A 478 -19.24 -6.34 2.74
N PHE A 479 -19.97 -6.86 3.73
CA PHE A 479 -20.85 -8.00 3.45
C PHE A 479 -22.11 -7.55 2.72
N GLN A 480 -22.66 -6.37 3.06
CA GLN A 480 -23.76 -5.85 2.25
C GLN A 480 -23.30 -5.56 0.82
N ASP A 481 -22.14 -4.93 0.68
CA ASP A 481 -21.70 -4.46 -0.64
C ASP A 481 -21.47 -5.59 -1.62
N LEU A 482 -21.35 -6.83 -1.15
CA LEU A 482 -21.20 -7.98 -2.03
C LEU A 482 -22.31 -9.00 -1.88
N GLY A 483 -23.43 -8.65 -1.25
CA GLY A 483 -24.53 -9.58 -1.14
C GLY A 483 -25.45 -9.62 -2.33
N ASP A 484 -25.30 -8.70 -3.27
CA ASP A 484 -26.16 -8.62 -4.45
C ASP A 484 -25.44 -9.26 -5.63
N ASP A 485 -25.47 -10.59 -5.67
CA ASP A 485 -24.90 -11.36 -6.76
C ASP A 485 -25.92 -12.38 -7.23
N GLU A 486 -26.35 -12.27 -8.49
CA GLU A 486 -27.28 -13.23 -9.06
C GLU A 486 -26.60 -14.44 -9.66
N GLU A 487 -25.35 -14.31 -10.11
CA GLU A 487 -24.63 -15.41 -10.74
C GLU A 487 -24.06 -16.38 -9.71
N LEU A 488 -23.22 -15.87 -8.80
CA LEU A 488 -22.66 -16.74 -7.77
C LEU A 488 -23.70 -17.10 -6.72
N GLY A 489 -24.56 -16.16 -6.36
CA GLY A 489 -25.59 -16.40 -5.37
C GLY A 489 -25.31 -15.66 -4.08
N PRO A 490 -25.84 -16.16 -2.97
CA PRO A 490 -25.59 -15.54 -1.67
C PRO A 490 -24.36 -16.11 -0.99
N ALA A 491 -23.70 -15.27 -0.20
CA ALA A 491 -22.59 -15.71 0.60
C ALA A 491 -23.08 -16.38 1.88
N ASP A 492 -22.14 -16.85 2.68
CA ASP A 492 -22.42 -17.46 3.98
C ASP A 492 -21.84 -16.57 5.06
N TRP A 493 -22.71 -15.82 5.75
CA TRP A 493 -22.21 -14.96 6.83
C TRP A 493 -21.55 -15.75 7.95
N PRO A 494 -22.06 -16.91 8.39
CA PRO A 494 -21.37 -17.63 9.47
C PRO A 494 -19.90 -17.90 9.18
N THR A 495 -19.56 -18.22 7.94
CA THR A 495 -18.16 -18.46 7.58
C THR A 495 -17.34 -17.18 7.66
N VAL A 496 -17.88 -16.08 7.14
CA VAL A 496 -17.17 -14.80 7.19
C VAL A 496 -16.94 -14.38 8.63
N GLU A 497 -17.97 -14.57 9.47
CA GLU A 497 -17.86 -14.29 10.90
C GLU A 497 -16.80 -15.17 11.56
N SER A 498 -16.76 -16.45 11.18
CA SER A 498 -15.75 -17.38 11.68
C SER A 498 -14.36 -16.86 11.38
N TYR A 499 -14.17 -16.30 10.19
CA TYR A 499 -12.87 -15.76 9.79
C TYR A 499 -12.56 -14.43 10.46
N ILE A 500 -13.54 -13.79 11.10
CA ILE A 500 -13.31 -12.52 11.80
C ILE A 500 -13.79 -12.64 13.24
N SER A 501 -13.75 -13.85 13.80
CA SER A 501 -14.31 -14.12 15.12
C SER A 501 -13.36 -13.75 16.25
N SER A 502 -12.36 -12.91 15.96
CA SER A 502 -11.46 -12.43 17.00
C SER A 502 -11.57 -10.92 17.18
N LEU A 503 -12.72 -10.35 16.84
CA LEU A 503 -12.90 -8.91 16.84
C LEU A 503 -14.00 -8.49 17.82
N ASP A 524 -22.16 9.97 33.76
CA ASP A 524 -21.16 10.24 32.73
C ASP A 524 -20.97 11.75 32.47
N PRO A 525 -22.03 12.49 32.14
CA PRO A 525 -21.84 13.90 31.73
C PRO A 525 -21.51 14.85 32.87
N LYS A 526 -21.31 14.36 34.10
CA LYS A 526 -21.02 15.22 35.23
C LYS A 526 -19.60 15.11 35.75
N SER A 527 -18.87 14.05 35.38
CA SER A 527 -17.49 13.90 35.84
C SER A 527 -16.54 14.59 34.87
N LEU A 528 -15.71 15.49 35.41
CA LEU A 528 -14.82 16.27 34.59
C LEU A 528 -13.74 15.39 33.95
N LYS A 529 -13.33 14.34 34.64
CA LYS A 529 -12.31 13.44 34.10
C LYS A 529 -12.79 12.73 32.85
N ASP A 530 -14.02 12.20 32.87
CA ASP A 530 -14.54 11.49 31.71
C ASP A 530 -14.81 12.46 30.56
N ILE A 531 -15.24 13.68 30.85
CA ILE A 531 -15.45 14.65 29.79
C ILE A 531 -14.14 15.05 29.14
N ARG A 532 -13.08 15.21 29.94
CA ARG A 532 -11.75 15.46 29.38
C ARG A 532 -11.30 14.29 28.52
N MET A 533 -11.56 13.06 28.98
CA MET A 533 -11.19 11.89 28.20
C MET A 533 -11.93 11.83 26.88
N ARG A 534 -13.22 12.18 26.88
CA ARG A 534 -13.99 12.24 25.65
C ARG A 534 -13.46 13.33 24.72
N PHE A 535 -13.10 14.49 25.28
CA PHE A 535 -12.54 15.55 24.45
C PHE A 535 -11.24 15.12 23.79
N LEU A 536 -10.37 14.44 24.55
CA LEU A 536 -9.11 13.97 23.99
C LEU A 536 -9.34 12.88 22.96
N ASN A 537 -10.38 12.06 23.16
CA ASN A 537 -10.76 11.09 22.12
C ASN A 537 -11.21 11.80 20.86
N GLY A 538 -11.94 12.91 20.99
CA GLY A 538 -12.32 13.68 19.83
C GLY A 538 -11.12 14.29 19.11
N VAL A 539 -10.14 14.77 19.88
CA VAL A 539 -8.92 15.29 19.27
C VAL A 539 -8.18 14.18 18.54
N GLN A 540 -8.12 12.99 19.13
CA GLN A 540 -7.53 11.83 18.46
C GLN A 540 -8.27 11.52 17.16
N ALA A 541 -9.60 11.53 17.20
CA ALA A 541 -10.39 11.26 16.01
C ALA A 541 -10.14 12.29 14.93
N THR A 542 -10.00 13.55 15.31
CA THR A 542 -9.73 14.60 14.32
C THR A 542 -8.35 14.45 13.72
N TYR A 543 -7.35 14.08 14.52
CA TYR A 543 -6.03 13.79 13.98
C TYR A 543 -6.10 12.64 12.98
N TRP A 544 -6.85 11.60 13.33
CA TRP A 544 -7.03 10.46 12.43
C TRP A 544 -7.69 10.90 11.13
N GLU A 545 -8.72 11.74 11.23
CA GLU A 545 -9.43 12.20 10.04
C GLU A 545 -8.53 13.03 9.14
N MET A 546 -7.72 13.92 9.72
CA MET A 546 -6.86 14.75 8.87
C MET A 546 -5.70 13.96 8.30
N LEU A 547 -5.21 12.94 9.01
CA LEU A 547 -4.22 12.05 8.41
C LEU A 547 -4.83 11.29 7.24
N ASP A 548 -6.07 10.81 7.39
CA ASP A 548 -6.73 10.09 6.30
C ASP A 548 -6.96 11.01 5.10
N GLU A 549 -7.39 12.24 5.35
CA GLU A 549 -7.63 13.18 4.26
C GLU A 549 -6.35 13.76 3.68
N GLY A 550 -5.21 13.57 4.35
CA GLY A 550 -3.94 14.02 3.84
C GLY A 550 -3.50 15.38 4.32
N ARG A 551 -4.19 15.97 5.30
CA ARG A 551 -3.78 17.27 5.80
C ARG A 551 -2.48 17.20 6.59
N ILE A 552 -2.19 16.07 7.22
CA ILE A 552 -0.94 15.89 7.95
C ILE A 552 -0.29 14.59 7.50
N SER A 553 1.04 14.56 7.61
CA SER A 553 1.81 13.39 7.22
C SER A 553 1.82 12.37 8.35
N GLU A 554 2.41 11.21 8.08
CA GLU A 554 2.40 10.12 9.07
C GLU A 554 3.27 10.44 10.27
N VAL A 555 4.38 11.16 10.06
CA VAL A 555 5.23 11.52 11.18
C VAL A 555 4.54 12.57 12.06
N THR A 556 3.93 13.58 11.44
CA THR A 556 3.17 14.57 12.21
C THR A 556 2.00 13.92 12.93
N ALA A 557 1.32 12.99 12.25
CA ALA A 557 0.22 12.27 12.88
C ALA A 557 0.70 11.48 14.08
N ASN A 558 1.85 10.80 13.95
CA ASN A 558 2.39 10.04 15.07
C ASN A 558 2.74 10.95 16.24
N ILE A 559 3.35 12.10 15.96
CA ILE A 559 3.71 13.03 17.02
C ILE A 559 2.46 13.51 17.76
N LEU A 560 1.44 13.92 17.00
CA LEU A 560 0.22 14.44 17.62
C LEU A 560 -0.50 13.35 18.41
N MET A 561 -0.59 12.14 17.84
CA MET A 561 -1.27 11.04 18.52
C MET A 561 -0.54 10.65 19.80
N GLN A 562 0.80 10.67 19.76
CA GLN A 562 1.56 10.41 20.97
C GLN A 562 1.31 11.47 22.02
N SER A 563 1.21 12.74 21.61
CA SER A 563 0.89 13.80 22.56
C SER A 563 -0.47 13.57 23.20
N VAL A 564 -1.45 13.17 22.40
CA VAL A 564 -2.79 12.94 22.96
C VAL A 564 -2.76 11.73 23.90
N ASP A 565 -2.03 10.69 23.53
CA ASP A 565 -1.93 9.52 24.39
C ASP A 565 -1.28 9.87 25.72
N GLU A 566 -0.24 10.71 25.70
CA GLU A 566 0.33 11.22 26.94
C GLU A 566 -0.71 11.99 27.74
N ALA A 567 -1.48 12.85 27.07
CA ALA A 567 -2.49 13.66 27.76
C ALA A 567 -3.62 12.82 28.33
N LEU A 568 -3.86 11.63 27.78
CA LEU A 568 -4.97 10.79 28.25
C LEU A 568 -4.71 10.18 29.62
N ASP A 569 -3.50 10.28 30.14
CA ASP A 569 -3.18 9.79 31.47
C ASP A 569 -3.34 10.86 32.54
N GLN A 570 -3.33 12.14 32.16
CA GLN A 570 -3.53 13.25 33.09
C GLN A 570 -4.90 13.89 32.93
N VAL A 571 -5.89 13.11 32.49
CA VAL A 571 -7.24 13.64 32.35
C VAL A 571 -7.85 14.02 33.68
N SER A 572 -7.31 13.51 34.79
CA SER A 572 -7.74 13.96 36.10
C SER A 572 -7.41 15.44 36.29
N THR A 573 -6.26 15.87 35.81
CA THR A 573 -5.84 17.27 35.85
C THR A 573 -6.18 17.94 34.52
N THR A 574 -5.67 19.16 34.33
CA THR A 574 -5.96 19.93 33.14
C THR A 574 -5.46 19.22 31.89
N LEU A 575 -6.09 19.52 30.75
CA LEU A 575 -5.67 18.97 29.47
C LEU A 575 -4.20 19.30 29.22
N CYS A 576 -3.37 18.26 29.11
CA CYS A 576 -1.94 18.42 28.85
C CYS A 576 -1.58 17.97 27.44
N ASP A 577 -2.49 18.20 26.49
CA ASP A 577 -2.25 17.77 25.11
C ASP A 577 -1.05 18.49 24.50
N TRP A 578 -0.87 19.77 24.80
CA TRP A 578 0.22 20.55 24.23
C TRP A 578 1.56 20.23 24.88
N ARG A 579 1.56 19.59 26.05
CA ARG A 579 2.80 19.29 26.74
C ARG A 579 3.69 18.38 25.90
N GLY A 580 3.11 17.38 25.26
CA GLY A 580 3.87 16.49 24.40
C GLY A 580 4.25 17.09 23.07
N LEU A 581 3.69 18.24 22.71
CA LEU A 581 4.02 18.93 21.47
C LEU A 581 5.00 20.07 21.67
N LYS A 582 5.14 20.55 22.90
CA LYS A 582 6.10 21.61 23.18
C LYS A 582 7.52 21.27 22.75
N PRO A 583 8.04 20.05 22.95
CA PRO A 583 9.39 19.75 22.44
C PRO A 583 9.55 19.93 20.94
N HIS A 584 8.50 19.67 20.16
CA HIS A 584 8.58 19.74 18.71
C HIS A 584 8.23 21.12 18.16
N VAL A 585 7.82 22.07 18.99
CA VAL A 585 7.41 23.39 18.56
C VAL A 585 8.28 24.39 19.31
N ASN A 586 9.33 24.90 18.65
CA ASN A 586 10.22 25.88 19.23
C ASN A 586 10.61 26.90 18.19
N PHE A 587 10.89 28.12 18.66
CA PHE A 587 11.28 29.24 17.80
C PHE A 587 12.53 29.88 18.40
N PRO A 588 13.70 29.28 18.19
CA PRO A 588 14.91 29.72 18.93
C PRO A 588 15.35 31.14 18.62
N ASN A 589 15.62 31.44 17.35
CA ASN A 589 16.11 32.78 17.00
C ASN A 589 15.92 32.99 15.50
N TYR A 590 15.99 34.26 15.10
CA TYR A 590 15.79 34.66 13.71
C TYR A 590 16.84 35.69 13.29
N TYR A 591 18.10 35.40 13.58
CA TYR A 591 19.20 36.27 13.16
C TYR A 591 19.35 36.36 11.66
N ASN A 592 18.50 35.69 10.88
CA ASN A 592 18.59 35.78 9.42
C ASN A 592 18.23 37.16 8.90
N PHE A 593 17.65 38.03 9.73
CA PHE A 593 17.30 39.38 9.33
C PHE A 593 18.26 40.43 9.89
N LEU A 594 19.37 40.01 10.49
CA LEU A 594 20.38 40.93 11.02
C LEU A 594 21.55 41.09 10.04
N HIS A 595 21.24 41.08 8.75
CA HIS A 595 22.19 41.17 7.64
C HIS A 595 23.06 39.92 7.53
N SER A 596 22.88 38.93 8.41
CA SER A 596 23.67 37.70 8.30
C SER A 596 23.38 36.97 7.00
N LYS A 597 22.10 36.88 6.61
CA LYS A 597 21.73 36.20 5.38
C LYS A 597 20.68 36.98 4.59
N VAL A 598 20.60 38.29 4.75
CA VAL A 598 19.66 39.08 3.95
C VAL A 598 20.21 39.35 2.56
N VAL A 599 21.52 39.21 2.35
CA VAL A 599 22.10 39.37 1.02
C VAL A 599 21.48 38.41 0.02
N PRO A 600 21.37 37.10 0.30
CA PRO A 600 20.58 36.25 -0.61
C PRO A 600 19.12 36.64 -0.59
N ARG A 601 18.52 36.76 0.61
CA ARG A 601 17.09 36.94 0.81
C ARG A 601 16.35 35.72 0.28
N LYS A 602 17.10 34.74 -0.25
CA LYS A 602 16.66 33.64 -1.09
C LYS A 602 16.93 32.30 -0.44
N LEU A 603 18.06 32.16 0.26
CA LEU A 603 18.26 31.04 1.16
C LEU A 603 17.50 31.19 2.47
N VAL A 604 17.19 32.43 2.88
CA VAL A 604 16.56 32.65 4.18
C VAL A 604 15.23 31.92 4.27
N THR A 605 14.44 31.96 3.19
CA THR A 605 13.18 31.22 3.18
C THR A 605 13.44 29.73 3.27
N TYR A 606 14.51 29.25 2.63
CA TYR A 606 14.81 27.82 2.67
C TYR A 606 15.11 27.37 4.09
N PHE A 607 16.02 28.06 4.78
CA PHE A 607 16.33 27.66 6.15
C PHE A 607 15.14 27.85 7.08
N ALA A 608 14.37 28.91 6.91
CA ALA A 608 13.21 29.12 7.76
C ALA A 608 12.18 28.02 7.57
N VAL A 609 11.92 27.62 6.32
CA VAL A 609 10.94 26.57 6.05
C VAL A 609 11.43 25.23 6.58
N GLU A 610 12.67 24.86 6.26
CA GLU A 610 13.19 23.59 6.75
C GLU A 610 13.31 23.57 8.26
N ARG A 611 13.37 24.74 8.88
CA ARG A 611 13.57 24.86 10.32
C ARG A 611 12.24 25.01 11.07
N LEU A 612 11.19 25.45 10.39
CA LEU A 612 9.88 25.65 10.99
C LEU A 612 8.77 24.89 10.27
N GLU A 613 9.13 23.85 9.51
CA GLU A 613 8.12 23.13 8.74
C GLU A 613 7.27 22.23 9.64
N SER A 614 7.90 21.28 10.32
CA SER A 614 7.16 20.34 11.14
C SER A 614 6.49 21.04 12.31
N ALA A 615 7.12 22.06 12.87
CA ALA A 615 6.52 22.80 13.97
C ALA A 615 5.24 23.52 13.53
N CYS A 616 5.27 24.12 12.33
CA CYS A 616 4.07 24.78 11.81
C CYS A 616 2.95 23.77 11.57
N TYR A 617 3.30 22.60 11.02
CA TYR A 617 2.30 21.56 10.81
C TYR A 617 1.69 21.12 12.13
N ILE A 618 2.54 20.90 13.14
CA ILE A 618 2.05 20.45 14.44
C ILE A 618 1.14 21.50 15.07
N SER A 619 1.55 22.77 15.01
CA SER A 619 0.75 23.83 15.59
C SER A 619 -0.60 23.97 14.88
N ALA A 620 -0.58 23.99 13.55
CA ALA A 620 -1.82 24.14 12.81
C ALA A 620 -2.75 22.95 13.02
N ALA A 621 -2.21 21.73 13.03
CA ALA A 621 -3.03 20.56 13.26
C ALA A 621 -3.58 20.53 14.67
N PHE A 622 -2.77 20.93 15.65
CA PHE A 622 -3.24 20.98 17.03
C PHE A 622 -4.40 21.97 17.16
N LEU A 623 -4.25 23.17 16.61
CA LEU A 623 -5.30 24.17 16.71
C LEU A 623 -6.56 23.72 15.98
N ARG A 624 -6.41 23.16 14.78
CA ARG A 624 -7.57 22.71 14.02
C ARG A 624 -8.30 21.59 14.75
N ALA A 625 -7.56 20.59 15.25
CA ALA A 625 -8.19 19.47 15.93
C ALA A 625 -8.84 19.91 17.22
N HIS A 626 -8.24 20.86 17.93
CA HIS A 626 -8.87 21.34 19.16
C HIS A 626 -10.13 22.13 18.87
N THR A 627 -10.13 22.95 17.81
CA THR A 627 -11.35 23.64 17.43
C THR A 627 -12.45 22.65 17.06
N ILE A 628 -12.10 21.63 16.26
CA ILE A 628 -13.09 20.65 15.83
C ILE A 628 -13.63 19.86 17.02
N ALA A 629 -12.74 19.39 17.89
CA ALA A 629 -13.18 18.64 19.06
C ALA A 629 -13.95 19.50 20.03
N ARG A 630 -13.65 20.80 20.08
CA ARG A 630 -14.40 21.71 20.93
C ARG A 630 -15.83 21.85 20.44
N GLN A 631 -16.00 22.04 19.12
CA GLN A 631 -17.33 22.09 18.55
C GLN A 631 -18.07 20.77 18.74
N GLN A 632 -17.36 19.65 18.58
CA GLN A 632 -17.99 18.33 18.74
C GLN A 632 -18.41 18.09 20.18
N LEU A 633 -17.58 18.48 21.15
CA LEU A 633 -17.95 18.34 22.55
C LEU A 633 -19.11 19.25 22.91
N TYR A 634 -19.20 20.42 22.27
CA TYR A 634 -20.38 21.24 22.47
C TYR A 634 -21.64 20.57 21.91
N ASP A 635 -21.51 19.84 20.80
CA ASP A 635 -22.67 19.15 20.25
C ASP A 635 -23.04 17.93 21.07
N PHE A 636 -22.04 17.22 21.62
CA PHE A 636 -22.33 16.01 22.37
C PHE A 636 -22.87 16.31 23.76
N LEU A 637 -22.36 17.35 24.42
CA LEU A 637 -22.81 17.70 25.76
C LEU A 637 -23.88 18.78 25.77
N GLY A 638 -23.90 19.65 24.77
CA GLY A 638 -24.93 20.67 24.65
C GLY A 638 -24.67 21.94 25.43
N GLU A 639 -24.96 21.95 26.72
CA GLU A 639 -24.82 23.16 27.51
C GLU A 639 -24.28 22.93 28.92
N SER A 640 -23.82 21.71 29.24
CA SER A 640 -23.40 21.42 30.60
C SER A 640 -22.18 22.24 30.98
N ASN A 641 -22.12 22.63 32.26
CA ASN A 641 -21.01 23.47 32.73
C ASN A 641 -19.68 22.73 32.69
N ILE A 642 -19.68 21.41 32.83
CA ILE A 642 -18.45 20.64 32.72
C ILE A 642 -17.91 20.71 31.29
N GLY A 643 -18.81 20.63 30.30
CA GLY A 643 -18.39 20.79 28.93
C GLY A 643 -17.79 22.16 28.68
N SER A 644 -18.39 23.21 29.23
CA SER A 644 -17.83 24.55 29.10
C SER A 644 -16.49 24.66 29.80
N ILE A 645 -16.32 23.98 30.92
CA ILE A 645 -15.04 23.98 31.62
C ILE A 645 -13.95 23.35 30.75
N VAL A 646 -14.24 22.21 30.13
CA VAL A 646 -13.26 21.56 29.27
C VAL A 646 -13.00 22.41 28.03
N ILE A 647 -14.05 23.06 27.50
CA ILE A 647 -13.89 23.91 26.33
C ILE A 647 -12.95 25.07 26.64
N ASN A 648 -13.15 25.71 27.79
CA ASN A 648 -12.28 26.81 28.18
C ASN A 648 -10.87 26.31 28.47
N GLU A 649 -10.75 25.11 29.03
CA GLU A 649 -9.42 24.52 29.24
C GLU A 649 -8.69 24.37 27.93
N SER A 650 -9.38 23.85 26.91
CA SER A 650 -8.75 23.67 25.60
C SER A 650 -8.39 25.02 24.97
N GLU A 651 -9.28 26.01 25.12
CA GLU A 651 -8.99 27.33 24.57
C GLU A 651 -7.77 27.96 25.23
N LYS A 652 -7.65 27.82 26.55
CA LYS A 652 -6.47 28.33 27.25
C LYS A 652 -5.22 27.55 26.86
N GLU A 653 -5.36 26.25 26.62
CA GLU A 653 -4.21 25.44 26.29
C GLU A 653 -3.69 25.75 24.90
N GLY A 654 -4.57 26.08 23.97
CA GLY A 654 -4.15 26.32 22.60
C GLY A 654 -3.54 27.68 22.34
N GLU A 655 -2.96 28.31 23.36
CA GLU A 655 -2.36 29.62 23.22
C GLU A 655 -0.91 29.58 22.77
N GLU A 656 -0.15 28.57 23.19
CA GLU A 656 1.26 28.50 22.79
C GLU A 656 1.40 28.23 21.30
N ALA A 657 0.52 27.40 20.74
CA ALA A 657 0.53 27.18 19.30
C ALA A 657 0.23 28.45 18.53
N LYS A 658 -0.75 29.23 19.00
CA LYS A 658 -1.04 30.51 18.35
C LYS A 658 0.12 31.49 18.49
N LYS A 659 0.78 31.50 19.64
CA LYS A 659 1.95 32.35 19.79
C LYS A 659 3.07 31.95 18.85
N PHE A 660 3.29 30.64 18.69
CA PHE A 660 4.31 30.19 17.75
C PHE A 660 3.97 30.59 16.32
N LEU A 661 2.70 30.43 15.94
CA LEU A 661 2.30 30.80 14.59
C LEU A 661 2.40 32.31 14.38
N GLU A 662 2.16 33.09 15.44
CA GLU A 662 2.40 34.53 15.37
C GLU A 662 3.87 34.86 15.19
N LYS A 663 4.74 34.15 15.90
CA LYS A 663 6.17 34.38 15.72
C LYS A 663 6.60 34.05 14.30
N VAL A 664 6.07 32.97 13.74
CA VAL A 664 6.37 32.62 12.35
C VAL A 664 5.84 33.69 11.40
N ARG A 665 4.62 34.16 11.63
CA ARG A 665 4.04 35.19 10.76
C ARG A 665 4.81 36.49 10.82
N SER A 666 5.25 36.91 12.01
CA SER A 666 5.95 38.18 12.17
C SER A 666 7.37 38.08 11.62
N SER A 667 8.15 37.12 12.15
CA SER A 667 9.54 36.97 11.73
C SER A 667 9.64 36.60 10.26
N PHE A 668 8.93 35.57 9.83
CA PHE A 668 9.03 35.09 8.47
C PHE A 668 7.68 35.11 7.77
N PRO A 669 7.28 36.23 7.18
CA PRO A 669 5.92 36.34 6.62
C PRO A 669 5.64 35.41 5.45
N GLN A 670 6.65 34.84 4.81
CA GLN A 670 6.46 34.02 3.62
C GLN A 670 6.49 32.52 3.89
N VAL A 671 6.86 32.11 5.11
CA VAL A 671 7.04 30.68 5.39
C VAL A 671 5.73 29.93 5.45
N LEU A 672 4.67 30.50 6.04
CA LEU A 672 3.42 29.74 6.14
C LEU A 672 2.79 29.51 4.78
N ARG A 673 2.93 30.46 3.85
CA ARG A 673 2.44 30.24 2.50
C ARG A 673 3.15 29.06 1.86
N VAL A 674 4.48 29.00 1.99
CA VAL A 674 5.25 27.90 1.42
C VAL A 674 4.90 26.59 2.09
N VAL A 675 4.75 26.60 3.41
CA VAL A 675 4.44 25.39 4.16
C VAL A 675 3.07 24.85 3.80
N LYS A 676 2.08 25.73 3.72
CA LYS A 676 0.74 25.32 3.33
C LYS A 676 0.71 24.79 1.90
N THR A 677 1.41 25.48 0.99
CA THR A 677 1.47 25.01 -0.40
C THR A 677 2.13 23.64 -0.48
N LYS A 678 3.21 23.43 0.25
CA LYS A 678 3.90 22.15 0.24
C LYS A 678 3.00 21.05 0.77
N GLN A 679 2.27 21.32 1.86
CA GLN A 679 1.34 20.34 2.40
C GLN A 679 0.26 19.98 1.39
N VAL A 680 -0.33 20.99 0.76
CA VAL A 680 -1.43 20.75 -0.17
C VAL A 680 -0.95 19.95 -1.37
N THR A 681 0.20 20.32 -1.95
CA THR A 681 0.67 19.60 -3.13
C THR A 681 1.20 18.22 -2.77
N TYR A 682 1.68 18.03 -1.54
CA TYR A 682 2.08 16.70 -1.11
C TYR A 682 0.87 15.78 -1.05
N SER A 683 -0.23 16.26 -0.46
CA SER A 683 -1.45 15.47 -0.42
C SER A 683 -1.98 15.21 -1.83
N VAL A 684 -1.91 16.23 -2.68
CA VAL A 684 -2.37 16.08 -4.07
C VAL A 684 -1.59 14.99 -4.78
N LEU A 685 -0.27 15.01 -4.64
CA LEU A 685 0.56 14.02 -5.31
C LEU A 685 0.39 12.63 -4.71
N ASN A 686 0.12 12.54 -3.40
CA ASN A 686 -0.20 11.23 -2.83
C ASN A 686 -1.51 10.68 -3.36
N HIS A 687 -2.52 11.54 -3.51
CA HIS A 687 -3.78 11.08 -4.09
C HIS A 687 -3.57 10.60 -5.52
N LEU A 688 -2.74 11.33 -6.28
CA LEU A 688 -2.41 10.90 -7.63
C LEU A 688 -1.65 9.56 -7.62
N LEU A 689 -0.76 9.37 -6.64
CA LEU A 689 -0.09 8.07 -6.53
C LEU A 689 -1.08 6.96 -6.26
N GLY A 690 -2.04 7.18 -5.37
CA GLY A 690 -3.04 6.16 -5.11
C GLY A 690 -3.84 5.83 -6.34
N TYR A 691 -4.23 6.85 -7.10
CA TYR A 691 -4.95 6.62 -8.35
C TYR A 691 -4.12 5.82 -9.33
N ILE A 692 -2.83 6.15 -9.45
CA ILE A 692 -1.97 5.43 -10.39
C ILE A 692 -1.73 4.00 -9.92
N GLU A 693 -1.64 3.77 -8.61
CA GLU A 693 -1.52 2.40 -8.12
C GLU A 693 -2.76 1.59 -8.45
N ASN A 694 -3.95 2.17 -8.29
CA ASN A 694 -5.16 1.47 -8.70
C ASN A 694 -5.17 1.21 -10.21
N LEU A 695 -4.68 2.16 -11.00
CA LEU A 695 -4.59 1.94 -12.44
C LEU A 695 -3.63 0.80 -12.77
N GLU A 696 -2.51 0.72 -12.06
CA GLU A 696 -1.56 -0.36 -12.30
C GLU A 696 -2.13 -1.71 -11.90
N LYS A 697 -2.86 -1.77 -10.78
CA LYS A 697 -3.44 -3.03 -10.34
C LYS A 697 -4.44 -3.57 -11.35
N VAL A 698 -5.29 -2.69 -11.89
CA VAL A 698 -6.33 -3.13 -12.82
C VAL A 698 -5.77 -3.43 -14.20
N GLY A 699 -4.59 -2.91 -14.52
CA GLY A 699 -4.02 -3.14 -15.85
C GLY A 699 -4.80 -2.47 -16.95
N LEU A 700 -5.40 -1.31 -16.66
CA LEU A 700 -6.24 -0.60 -17.61
C LEU A 700 -5.46 0.18 -18.66
N LEU A 701 -4.32 0.75 -18.30
CA LEU A 701 -3.52 1.55 -19.22
C LEU A 701 -2.35 0.75 -19.77
N GLU A 702 -1.79 1.24 -20.87
CA GLU A 702 -0.56 0.67 -21.38
C GLU A 702 0.55 0.84 -20.37
N GLU A 703 1.43 -0.17 -20.28
CA GLU A 703 2.49 -0.13 -19.28
C GLU A 703 3.53 0.95 -19.57
N LYS A 704 3.51 1.56 -20.75
CA LYS A 704 4.38 2.69 -21.01
C LYS A 704 3.74 4.01 -20.59
N GLU A 705 2.43 4.16 -20.77
CA GLU A 705 1.75 5.37 -20.35
C GLU A 705 1.60 5.44 -18.84
N ILE A 706 1.22 4.32 -18.20
CA ILE A 706 1.08 4.31 -16.76
C ILE A 706 2.44 4.49 -16.09
N ALA A 707 3.49 3.95 -16.69
CA ALA A 707 4.83 4.17 -16.16
C ALA A 707 5.21 5.65 -16.27
N HIS A 708 4.82 6.30 -17.36
CA HIS A 708 5.10 7.72 -17.51
C HIS A 708 4.37 8.54 -16.46
N LEU A 709 3.09 8.21 -16.22
CA LEU A 709 2.34 8.90 -15.17
C LEU A 709 2.96 8.70 -13.80
N HIS A 710 3.36 7.45 -13.49
CA HIS A 710 3.99 7.15 -12.22
C HIS A 710 5.30 7.92 -12.08
N ASP A 711 6.11 7.97 -13.14
CA ASP A 711 7.36 8.70 -13.10
C ASP A 711 7.11 10.19 -12.88
N ALA A 712 6.11 10.75 -13.56
CA ALA A 712 5.80 12.16 -13.40
C ALA A 712 5.40 12.49 -11.95
N VAL A 713 4.51 11.68 -11.38
CA VAL A 713 4.05 11.97 -10.03
C VAL A 713 5.17 11.76 -9.01
N GLN A 714 5.96 10.69 -9.17
CA GLN A 714 7.06 10.45 -8.23
C GLN A 714 8.15 11.50 -8.36
N THR A 715 8.40 11.99 -9.59
CA THR A 715 9.34 13.08 -9.77
C THR A 715 8.83 14.34 -9.09
N GLY A 716 7.53 14.62 -9.20
CA GLY A 716 6.97 15.76 -8.50
C GLY A 716 7.13 15.64 -7.00
N LEU A 717 6.92 14.44 -6.46
CA LEU A 717 7.08 14.26 -5.01
C LEU A 717 8.54 14.41 -4.58
N LYS A 718 9.48 13.87 -5.35
CA LYS A 718 10.88 14.02 -5.00
C LYS A 718 11.33 15.47 -5.11
N LYS A 719 10.81 16.21 -6.10
CA LYS A 719 11.14 17.62 -6.22
C LYS A 719 10.50 18.44 -5.11
N LEU A 720 9.34 18.02 -4.61
CA LEU A 720 8.79 18.62 -3.40
C LEU A 720 9.71 18.41 -2.21
N LEU A 721 9.89 17.16 -1.81
CA LEU A 721 10.63 16.87 -0.59
C LEU A 721 12.10 17.22 -0.70
N ARG A 722 12.59 17.51 -1.91
CA ARG A 722 13.95 18.00 -2.10
C ARG A 722 14.08 19.46 -1.66
N ASN A 723 13.20 20.31 -2.19
CA ASN A 723 13.30 21.74 -2.03
C ASN A 723 11.92 22.31 -1.72
N PRO A 724 11.78 23.18 -0.73
CA PRO A 724 10.48 23.78 -0.47
C PRO A 724 9.99 24.51 -1.70
N PRO A 725 8.67 24.52 -1.93
CA PRO A 725 8.13 25.18 -3.12
C PRO A 725 8.51 26.65 -3.17
N ILE A 726 8.83 27.11 -4.37
CA ILE A 726 9.17 28.53 -4.57
C ILE A 726 7.85 29.24 -4.83
N VAL A 727 7.25 29.72 -3.75
CA VAL A 727 5.97 30.41 -3.83
C VAL A 727 6.24 31.91 -3.91
N LYS A 728 5.68 32.55 -4.93
CA LYS A 728 5.87 33.98 -5.12
C LYS A 728 5.13 34.73 -4.01
N LEU A 729 5.84 35.66 -3.37
CA LEU A 729 5.21 36.43 -2.30
C LEU A 729 4.21 37.39 -2.91
N PRO A 730 2.93 37.30 -2.58
CA PRO A 730 1.92 38.11 -3.27
C PRO A 730 1.99 39.57 -2.82
N LYS A 731 2.04 40.47 -3.80
CA LYS A 731 1.96 41.90 -3.53
C LYS A 731 0.51 42.27 -3.24
N LEU A 732 0.21 43.56 -3.14
CA LEU A 732 -1.18 43.95 -2.92
C LEU A 732 -2.02 43.74 -4.18
N SER A 733 -1.43 43.96 -5.36
CA SER A 733 -2.20 43.87 -6.59
C SER A 733 -2.75 42.45 -6.81
N ASP A 734 -1.89 41.45 -6.75
CA ASP A 734 -2.34 40.08 -6.98
C ASP A 734 -3.17 39.55 -5.82
N MET A 735 -2.99 40.09 -4.60
CA MET A 735 -3.90 39.72 -3.52
C MET A 735 -5.30 40.28 -3.78
N ILE A 736 -5.39 41.51 -4.30
CA ILE A 736 -6.68 42.04 -4.72
C ILE A 736 -7.28 41.15 -5.80
N THR A 737 -6.50 40.85 -6.84
CA THR A 737 -7.04 40.09 -7.97
C THR A 737 -7.34 38.65 -7.60
N SER A 738 -6.80 38.14 -6.50
CA SER A 738 -7.11 36.80 -6.02
C SER A 738 -8.23 36.79 -4.99
N HIS A 739 -8.78 37.95 -4.65
CA HIS A 739 -9.88 37.96 -3.68
C HIS A 739 -11.21 37.77 -4.40
N PRO A 740 -12.16 37.06 -3.80
CA PRO A 740 -13.46 36.84 -4.46
C PRO A 740 -14.21 38.13 -4.75
N LEU A 741 -13.92 39.23 -4.05
CA LEU A 741 -14.54 40.50 -4.37
C LEU A 741 -14.03 41.12 -5.66
N SER A 742 -12.91 40.64 -6.20
CA SER A 742 -12.30 41.27 -7.37
C SER A 742 -13.14 41.11 -8.63
N VAL A 743 -14.07 40.16 -8.68
CA VAL A 743 -14.93 40.05 -9.86
C VAL A 743 -15.85 41.25 -9.95
N ALA A 744 -16.33 41.73 -8.79
CA ALA A 744 -17.16 42.94 -8.79
C ALA A 744 -16.34 44.19 -9.05
N LEU A 745 -15.09 44.21 -8.61
CA LEU A 745 -14.24 45.40 -8.77
C LEU A 745 -13.67 45.44 -10.17
N PRO A 746 -13.93 46.49 -10.95
CA PRO A 746 -13.47 46.53 -12.35
C PRO A 746 -11.96 46.73 -12.42
N PRO A 747 -11.34 46.34 -13.54
CA PRO A 747 -9.89 46.54 -13.67
C PRO A 747 -9.47 48.00 -13.58
N ALA A 748 -10.35 48.93 -13.98
CA ALA A 748 -10.02 50.35 -13.84
C ALA A 748 -9.82 50.73 -12.39
N PHE A 749 -10.69 50.24 -11.51
CA PHE A 749 -10.52 50.46 -10.07
C PHE A 749 -9.39 49.63 -9.49
N CYS A 750 -8.92 48.60 -10.21
CA CYS A 750 -7.89 47.70 -9.69
C CYS A 750 -6.49 48.23 -9.88
N GLU A 751 -6.30 49.27 -10.70
CA GLU A 751 -4.94 49.73 -10.98
C GLU A 751 -4.68 51.19 -10.64
N PRO A 752 -4.95 51.65 -9.40
CA PRO A 752 -4.37 52.96 -9.00
C PRO A 752 -2.95 52.74 -8.47
N LEU A 753 -2.01 52.61 -9.41
CA LEU A 753 -0.65 52.15 -9.10
C LEU A 753 -0.68 50.80 -8.41
N LYS A 754 -1.56 49.92 -8.89
CA LYS A 754 -1.80 48.60 -8.31
C LYS A 754 -2.22 48.72 -6.84
N HIS A 755 -3.05 49.73 -6.57
CA HIS A 755 -3.57 50.00 -5.24
C HIS A 755 -2.44 50.10 -4.22
N SER A 756 -1.49 51.02 -4.45
CA SER A 756 -0.31 51.11 -3.59
C SER A 756 -0.59 51.97 -2.35
N LYS A 757 0.47 52.32 -1.63
CA LYS A 757 0.44 53.26 -0.50
C LYS A 757 -0.23 52.66 0.74
N LYS A 758 -0.76 51.45 0.63
CA LYS A 758 -1.35 50.78 1.78
C LYS A 758 -0.67 49.45 2.05
N GLU A 759 -0.19 49.27 3.27
CA GLU A 759 0.36 47.98 3.66
C GLU A 759 -0.76 47.07 4.15
N PRO A 760 -0.94 45.91 3.53
CA PRO A 760 -2.02 44.99 3.95
C PRO A 760 -1.84 44.44 5.37
N MET A 761 -0.64 44.49 5.92
CA MET A 761 -0.37 43.89 7.22
C MET A 761 -1.11 44.64 8.33
N LYS A 762 -1.80 43.88 9.17
CA LYS A 762 -2.40 44.40 10.40
C LYS A 762 -1.97 43.51 11.55
N LEU A 763 -1.49 44.12 12.62
CA LEU A 763 -1.00 43.37 13.77
C LEU A 763 -2.17 42.73 14.53
N ARG A 764 -1.84 41.72 15.32
CA ARG A 764 -2.86 41.07 16.13
C ARG A 764 -3.37 42.04 17.21
N GLY A 765 -4.69 42.01 17.42
CA GLY A 765 -5.30 42.91 18.39
C GLY A 765 -5.72 44.25 17.83
N VAL A 766 -5.52 44.48 16.54
CA VAL A 766 -5.96 45.73 15.90
C VAL A 766 -7.40 45.56 15.48
N THR A 767 -8.27 46.47 15.94
CA THR A 767 -9.67 46.43 15.57
C THR A 767 -9.82 46.83 14.09
N LEU A 768 -10.68 46.11 13.36
CA LEU A 768 -10.95 46.47 11.98
C LEU A 768 -12.02 47.56 11.92
N TYR A 769 -13.14 47.33 12.59
CA TYR A 769 -14.13 48.39 12.76
C TYR A 769 -14.95 48.11 14.01
N LYS A 770 -15.38 49.19 14.66
CA LYS A 770 -16.13 49.09 15.90
C LYS A 770 -17.61 48.85 15.61
N GLU A 771 -18.26 48.12 16.51
CA GLU A 771 -19.68 47.86 16.35
C GLU A 771 -20.48 49.15 16.58
N GLY A 772 -21.54 49.31 15.77
CA GLY A 772 -22.39 50.47 15.88
C GLY A 772 -21.89 51.66 15.10
N SER A 773 -20.69 51.53 14.53
CA SER A 773 -20.12 52.61 13.74
C SER A 773 -20.76 52.65 12.36
N LYS A 774 -20.59 53.78 11.68
CA LYS A 774 -21.13 53.97 10.34
C LYS A 774 -20.38 53.12 9.34
N PRO A 775 -21.04 52.70 8.26
CA PRO A 775 -20.36 51.89 7.25
C PRO A 775 -19.33 52.68 6.47
N THR A 776 -18.20 52.99 7.11
CA THR A 776 -17.13 53.74 6.46
C THR A 776 -16.46 52.97 5.33
N GLY A 777 -16.59 51.65 5.30
CA GLY A 777 -16.01 50.87 4.24
C GLY A 777 -16.06 49.40 4.58
N VAL A 778 -15.53 48.59 3.66
CA VAL A 778 -15.47 47.15 3.84
C VAL A 778 -14.00 46.74 3.90
N TRP A 779 -13.74 45.59 4.50
CA TRP A 779 -12.39 45.08 4.65
C TRP A 779 -12.26 43.76 3.91
N LEU A 780 -11.17 43.61 3.16
CA LEU A 780 -10.88 42.38 2.43
C LEU A 780 -9.83 41.60 3.20
N ILE A 781 -10.15 40.36 3.56
CA ILE A 781 -9.26 39.50 4.31
C ILE A 781 -8.56 38.56 3.33
N PHE A 782 -7.31 38.85 3.01
CA PHE A 782 -6.50 37.99 2.15
C PHE A 782 -5.84 36.86 2.92
N ASP A 783 -5.59 37.06 4.21
CA ASP A 783 -4.93 36.06 5.05
C ASP A 783 -5.20 36.47 6.49
N GLY A 784 -4.93 35.55 7.41
CA GLY A 784 -5.09 35.85 8.82
C GLY A 784 -6.47 35.48 9.35
N ILE A 785 -6.70 35.91 10.59
CA ILE A 785 -7.90 35.58 11.34
C ILE A 785 -8.46 36.86 11.96
N VAL A 786 -9.77 37.02 11.88
CA VAL A 786 -10.46 38.14 12.52
C VAL A 786 -11.57 37.59 13.41
N LYS A 787 -11.61 38.06 14.65
CA LYS A 787 -12.66 37.70 15.60
C LYS A 787 -13.77 38.73 15.54
N TRP A 788 -15.01 38.27 15.70
CA TRP A 788 -16.16 39.16 15.74
C TRP A 788 -16.90 39.01 17.06
N LYS A 789 -17.24 40.15 17.68
CA LYS A 789 -17.98 40.18 18.92
C LYS A 789 -19.20 41.08 18.73
N SER A 790 -20.35 40.66 19.25
CA SER A 790 -21.56 41.46 19.15
C SER A 790 -22.54 41.02 20.21
N LYS A 791 -22.77 41.88 21.21
CA LYS A 791 -23.82 41.60 22.18
C LYS A 791 -25.21 41.90 21.62
N ILE A 792 -25.32 42.84 20.68
CA ILE A 792 -26.60 43.14 20.06
C ILE A 792 -27.11 41.95 19.27
N LEU A 793 -26.25 41.35 18.46
CA LEU A 793 -26.62 40.20 17.66
C LEU A 793 -26.81 38.97 18.55
N SER A 794 -27.74 38.10 18.15
CA SER A 794 -28.00 36.85 18.86
C SER A 794 -26.85 35.88 18.56
N ASN A 795 -25.72 36.14 19.21
CA ASN A 795 -24.50 35.36 19.03
C ASN A 795 -24.37 34.22 20.02
N ASN A 796 -25.50 33.66 20.47
CA ASN A 796 -25.48 32.63 21.48
C ASN A 796 -24.72 31.40 20.98
N HIS A 797 -23.81 30.90 21.83
CA HIS A 797 -23.07 29.67 21.58
C HIS A 797 -22.24 29.76 20.29
N SER A 798 -21.74 30.96 19.99
CA SER A 798 -20.81 31.15 18.88
C SER A 798 -19.43 30.75 19.40
N LEU A 799 -19.09 29.48 19.19
CA LEU A 799 -17.89 28.91 19.79
C LEU A 799 -16.61 29.29 19.04
N HIS A 800 -16.69 29.49 17.73
CA HIS A 800 -15.54 29.87 16.92
C HIS A 800 -15.90 31.04 16.01
N PRO A 801 -16.00 32.25 16.57
CA PRO A 801 -16.31 33.42 15.73
C PRO A 801 -15.09 33.87 14.94
N THR A 802 -15.05 33.58 13.65
CA THR A 802 -13.81 33.74 12.91
C THR A 802 -14.08 33.83 11.42
N PHE A 803 -13.41 34.79 10.77
CA PHE A 803 -13.35 34.86 9.31
C PHE A 803 -11.88 34.81 8.91
N SER A 804 -11.63 34.27 7.72
CA SER A 804 -10.27 33.96 7.28
C SER A 804 -10.09 34.47 5.86
N HIS A 805 -9.01 33.99 5.22
CA HIS A 805 -8.67 34.40 3.87
C HIS A 805 -9.85 34.19 2.92
N GLY A 806 -9.89 35.02 1.87
CA GLY A 806 -10.98 34.96 0.92
C GLY A 806 -12.30 35.39 1.51
N SER A 807 -12.30 36.39 2.38
CA SER A 807 -13.52 36.88 3.00
C SER A 807 -13.49 38.40 3.00
N THR A 808 -14.63 39.01 2.72
CA THR A 808 -14.78 40.45 2.76
C THR A 808 -15.87 40.80 3.75
N LEU A 809 -15.60 41.78 4.60
CA LEU A 809 -16.42 42.03 5.78
C LEU A 809 -16.90 43.48 5.79
N GLY A 810 -18.21 43.66 5.88
CA GLY A 810 -18.83 44.97 5.89
C GLY A 810 -19.68 45.28 4.68
N LEU A 811 -19.81 44.37 3.71
CA LEU A 811 -20.65 44.65 2.55
C LEU A 811 -22.10 44.87 2.96
N TYR A 812 -22.58 44.09 3.93
CA TYR A 812 -23.96 44.26 4.38
C TYR A 812 -24.21 45.68 4.87
N GLU A 813 -23.25 46.26 5.59
CA GLU A 813 -23.46 47.60 6.15
C GLU A 813 -23.42 48.67 5.07
N VAL A 814 -22.43 48.62 4.17
CA VAL A 814 -22.32 49.65 3.15
C VAL A 814 -23.47 49.56 2.16
N LEU A 815 -23.94 48.34 1.88
CA LEU A 815 -25.04 48.17 0.94
C LEU A 815 -26.37 48.63 1.53
N THR A 816 -26.53 48.53 2.85
CA THR A 816 -27.77 48.90 3.52
C THR A 816 -27.67 50.23 4.26
N GLY A 817 -26.48 50.64 4.68
CA GLY A 817 -26.32 51.83 5.49
C GLY A 817 -26.49 51.59 6.98
N LYS A 818 -26.86 50.38 7.39
CA LYS A 818 -27.05 50.08 8.79
C LYS A 818 -25.72 50.09 9.53
N PRO A 819 -25.72 50.39 10.82
CA PRO A 819 -24.47 50.39 11.58
C PRO A 819 -23.83 49.01 11.62
N TYR A 820 -22.53 49.00 11.91
CA TYR A 820 -21.76 47.77 11.97
C TYR A 820 -22.36 46.80 12.97
N LEU A 821 -22.66 45.58 12.50
CA LEU A 821 -23.37 44.61 13.31
C LEU A 821 -22.49 43.92 14.34
N CYS A 822 -21.18 43.77 14.06
CA CYS A 822 -20.29 43.06 14.95
C CYS A 822 -18.95 43.78 15.03
N ASP A 823 -18.21 43.48 16.09
CA ASP A 823 -16.94 44.14 16.40
C ASP A 823 -15.81 43.23 15.96
N LEU A 824 -15.03 43.68 14.97
CA LEU A 824 -13.90 42.92 14.45
C LEU A 824 -12.60 43.39 15.09
N ILE A 825 -11.84 42.42 15.60
CA ILE A 825 -10.47 42.62 16.05
C ILE A 825 -9.62 41.53 15.41
N THR A 826 -8.44 41.90 14.95
CA THR A 826 -7.57 40.93 14.30
C THR A 826 -7.05 39.94 15.33
N ASP A 827 -7.24 38.65 15.06
CA ASP A 827 -6.72 37.61 15.92
C ASP A 827 -5.37 37.09 15.46
N SER A 828 -4.81 37.66 14.41
CA SER A 828 -3.52 37.23 13.90
C SER A 828 -2.92 38.35 13.06
N MET A 829 -1.78 38.09 12.45
CA MET A 829 -1.18 38.99 11.48
C MET A 829 -2.02 38.92 10.20
N VAL A 830 -2.92 39.88 10.05
CA VAL A 830 -3.90 39.85 8.97
C VAL A 830 -3.39 40.68 7.80
N LEU A 831 -3.39 40.09 6.61
CA LEU A 831 -3.17 40.83 5.37
C LEU A 831 -4.52 41.33 4.90
N CYS A 832 -4.86 42.55 5.30
CA CYS A 832 -6.18 43.12 5.09
C CYS A 832 -6.09 44.44 4.33
N PHE A 833 -7.02 44.63 3.39
CA PHE A 833 -7.08 45.84 2.59
C PHE A 833 -8.43 46.52 2.82
N PHE A 834 -8.40 47.85 2.87
CA PHE A 834 -9.58 48.69 3.03
C PHE A 834 -9.93 49.37 1.71
N ILE A 835 -11.15 49.13 1.23
CA ILE A 835 -11.71 49.84 0.10
C ILE A 835 -12.91 50.64 0.59
N ASP A 836 -12.99 51.90 0.17
CA ASP A 836 -13.98 52.81 0.73
C ASP A 836 -15.39 52.45 0.28
N SER A 837 -16.38 52.90 1.06
CA SER A 837 -17.77 52.60 0.73
C SER A 837 -18.19 53.25 -0.57
N GLU A 838 -17.56 54.36 -0.95
CA GLU A 838 -17.89 55.03 -2.21
C GLU A 838 -17.59 54.13 -3.41
N LYS A 839 -16.44 53.43 -3.37
CA LYS A 839 -16.11 52.51 -4.44
C LYS A 839 -17.11 51.36 -4.51
N ILE A 840 -17.50 50.82 -3.35
CA ILE A 840 -18.46 49.71 -3.33
C ILE A 840 -19.84 50.18 -3.75
N LEU A 841 -20.28 51.33 -3.25
CA LEU A 841 -21.60 51.84 -3.60
C LEU A 841 -21.69 52.25 -5.06
N SER A 842 -20.60 52.80 -5.63
CA SER A 842 -20.59 53.14 -7.04
C SER A 842 -20.70 51.91 -7.93
N LEU A 843 -20.47 50.72 -7.38
CA LEU A 843 -20.59 49.48 -8.14
C LEU A 843 -22.02 49.00 -8.27
N GLN A 844 -22.98 49.66 -7.62
CA GLN A 844 -24.36 49.23 -7.62
C GLN A 844 -25.13 49.62 -8.87
N SER A 845 -24.44 49.99 -9.95
CA SER A 845 -25.13 50.37 -11.18
C SER A 845 -25.83 49.18 -11.83
N ASP A 846 -25.12 48.07 -11.97
CA ASP A 846 -25.66 46.90 -12.66
C ASP A 846 -26.36 45.98 -11.67
N SER A 847 -27.25 45.14 -12.20
CA SER A 847 -28.00 44.19 -11.39
C SER A 847 -27.32 42.83 -11.29
N THR A 848 -26.33 42.56 -12.14
CA THR A 848 -25.54 41.35 -12.04
C THR A 848 -24.52 41.44 -10.91
N ILE A 849 -24.04 42.65 -10.64
CA ILE A 849 -23.09 42.87 -9.56
C ILE A 849 -23.78 43.07 -8.23
N ASP A 850 -24.97 43.68 -8.22
CA ASP A 850 -25.74 43.81 -6.99
C ASP A 850 -26.08 42.45 -6.40
N ASP A 851 -26.48 41.50 -7.26
CA ASP A 851 -26.77 40.15 -6.81
C ASP A 851 -25.55 39.55 -6.11
N PHE A 852 -24.38 39.68 -6.72
CA PHE A 852 -23.16 39.10 -6.15
C PHE A 852 -22.80 39.77 -4.82
N LEU A 853 -22.92 41.09 -4.75
CA LEU A 853 -22.62 41.78 -3.49
C LEU A 853 -23.56 41.35 -2.38
N TRP A 854 -24.86 41.24 -2.68
CA TRP A 854 -25.79 40.81 -1.65
C TRP A 854 -25.58 39.35 -1.29
N GLN A 855 -25.08 38.53 -2.22
CA GLN A 855 -24.75 37.15 -1.88
C GLN A 855 -23.54 37.07 -0.96
N GLU A 856 -22.56 37.96 -1.17
CA GLU A 856 -21.44 38.05 -0.23
C GLU A 856 -21.93 38.44 1.16
N SER A 857 -22.82 39.44 1.21
CA SER A 857 -23.42 39.82 2.47
C SER A 857 -24.16 38.65 3.10
N ALA A 858 -24.82 37.85 2.27
CA ALA A 858 -25.52 36.67 2.75
C ALA A 858 -24.54 35.67 3.38
N LEU A 859 -23.38 35.48 2.76
CA LEU A 859 -22.33 34.64 3.33
C LEU A 859 -21.94 35.12 4.72
N VAL A 860 -21.62 36.41 4.81
CA VAL A 860 -21.14 36.96 6.08
C VAL A 860 -22.20 36.86 7.16
N LEU A 861 -23.46 37.16 6.82
CA LEU A 861 -24.53 37.08 7.81
C LEU A 861 -24.92 35.64 8.14
N LEU A 862 -24.75 34.71 7.20
CA LEU A 862 -24.96 33.30 7.52
C LEU A 862 -23.98 32.85 8.59
N LYS A 863 -22.71 33.25 8.45
CA LYS A 863 -21.76 32.93 9.51
C LYS A 863 -21.96 33.81 10.73
N LEU A 864 -22.70 34.92 10.61
CA LEU A 864 -22.96 35.79 11.74
C LEU A 864 -24.28 35.50 12.43
N LEU A 865 -25.40 35.58 11.71
CA LEU A 865 -26.72 35.41 12.30
C LEU A 865 -26.97 33.97 12.77
N ARG A 866 -26.53 33.00 11.99
CA ARG A 866 -26.75 31.61 12.33
C ARG A 866 -25.42 30.90 12.47
N PRO A 867 -24.75 31.02 13.62
CA PRO A 867 -23.46 30.35 13.82
C PRO A 867 -23.57 28.93 14.32
N GLN A 868 -24.75 28.47 14.73
CA GLN A 868 -24.92 27.11 15.22
C GLN A 868 -24.75 26.07 14.12
N ILE A 869 -24.80 26.48 12.86
CA ILE A 869 -24.66 25.56 11.74
C ILE A 869 -23.52 26.01 10.84
N PHE A 870 -23.45 27.31 10.56
CA PHE A 870 -22.61 27.84 9.49
C PHE A 870 -21.26 28.37 9.96
N GLU A 871 -20.90 28.18 11.24
CA GLU A 871 -19.54 28.57 11.63
C GLU A 871 -18.56 27.42 11.48
N SER A 872 -19.02 26.18 11.63
CA SER A 872 -18.18 25.01 11.39
C SER A 872 -18.28 24.53 9.96
N VAL A 873 -18.19 25.45 9.00
CA VAL A 873 -18.15 25.15 7.58
C VAL A 873 -17.22 26.16 6.93
N ALA A 874 -16.47 25.73 5.92
CA ALA A 874 -15.59 26.64 5.22
C ALA A 874 -16.40 27.70 4.49
N MET A 875 -15.75 28.82 4.19
CA MET A 875 -16.38 29.84 3.37
C MET A 875 -16.05 29.63 1.91
N GLN A 876 -15.83 28.36 1.56
CA GLN A 876 -15.79 27.90 0.18
C GLN A 876 -16.97 26.96 -0.04
N GLU A 877 -17.25 26.11 0.96
CA GLU A 877 -18.47 25.31 0.94
C GLU A 877 -19.70 26.21 1.07
N LEU A 878 -19.62 27.25 1.89
CA LEU A 878 -20.73 28.18 2.04
C LEU A 878 -20.93 28.98 0.75
N ARG A 879 -19.83 29.30 0.07
CA ARG A 879 -19.93 29.92 -1.24
C ARG A 879 -20.57 28.98 -2.26
N ALA A 880 -20.26 27.68 -2.18
CA ALA A 880 -20.95 26.72 -3.03
C ALA A 880 -22.45 26.70 -2.73
N LEU A 881 -22.79 26.76 -1.44
CA LEU A 881 -24.20 26.73 -1.04
C LEU A 881 -24.95 27.96 -1.58
N VAL A 882 -24.34 29.14 -1.45
CA VAL A 882 -25.00 30.36 -1.90
C VAL A 882 -25.00 30.49 -3.43
N SER A 883 -23.93 30.05 -4.09
CA SER A 883 -23.76 30.22 -5.52
C SER A 883 -24.55 29.21 -6.34
N THR A 884 -25.20 28.24 -5.69
CA THR A 884 -25.98 27.25 -6.40
C THR A 884 -27.13 27.90 -7.15
N GLU A 885 -27.43 27.39 -8.34
CA GLU A 885 -28.54 27.91 -9.13
C GLU A 885 -29.86 27.82 -8.39
N SER A 886 -29.99 26.89 -7.44
CA SER A 886 -31.23 26.76 -6.68
C SER A 886 -31.42 27.87 -5.66
N SER A 887 -30.34 28.56 -5.28
CA SER A 887 -30.46 29.71 -4.39
C SER A 887 -30.92 30.93 -5.18
N LYS A 888 -31.84 31.69 -4.59
CA LYS A 888 -32.47 32.78 -5.32
C LYS A 888 -32.50 34.04 -4.47
N LEU A 889 -31.90 35.11 -5.00
CA LEU A 889 -32.03 36.43 -4.40
C LEU A 889 -33.21 37.16 -5.02
N THR A 890 -34.07 37.71 -4.16
CA THR A 890 -35.30 38.32 -4.64
C THR A 890 -35.62 39.62 -3.92
N THR A 891 -35.89 40.68 -4.69
CA THR A 891 -36.47 41.89 -4.11
C THR A 891 -37.99 41.74 -4.09
N TYR A 892 -38.58 41.90 -2.91
CA TYR A 892 -39.99 41.56 -2.68
C TYR A 892 -40.78 42.84 -2.45
N VAL A 893 -41.81 43.04 -3.27
CA VAL A 893 -42.69 44.20 -3.18
C VAL A 893 -43.50 44.10 -1.89
N THR A 894 -43.87 45.25 -1.33
CA THR A 894 -44.65 45.30 -0.10
C THR A 894 -45.94 44.50 -0.23
N GLY A 895 -46.24 43.71 0.81
CA GLY A 895 -47.46 42.94 0.86
C GLY A 895 -47.35 41.51 0.34
N GLU A 896 -46.21 41.14 -0.23
CA GLU A 896 -46.04 39.79 -0.74
C GLU A 896 -45.66 38.84 0.39
N SER A 897 -45.40 37.59 0.05
CA SER A 897 -44.99 36.57 0.99
C SER A 897 -43.70 35.91 0.50
N ILE A 898 -42.88 35.48 1.46
CA ILE A 898 -41.60 34.84 1.18
C ILE A 898 -41.77 33.33 1.40
N GLU A 899 -41.23 32.55 0.47
CA GLU A 899 -41.48 31.12 0.45
C GLU A 899 -40.30 30.36 1.07
N ILE A 900 -40.22 30.42 2.39
CA ILE A 900 -39.35 29.49 3.11
C ILE A 900 -40.09 28.17 3.29
N ASP A 901 -39.35 27.07 3.19
CA ASP A 901 -39.99 25.77 3.10
C ASP A 901 -39.09 24.73 3.75
N CYS A 902 -39.44 23.46 3.60
CA CYS A 902 -38.63 22.37 4.10
C CYS A 902 -37.37 22.20 3.27
N ASN A 903 -36.31 21.71 3.91
CA ASN A 903 -35.04 21.44 3.26
C ASN A 903 -34.42 22.69 2.63
N SER A 904 -34.66 23.84 3.25
CA SER A 904 -34.11 25.10 2.75
C SER A 904 -34.10 26.12 3.87
N ILE A 905 -33.31 27.17 3.68
CA ILE A 905 -33.19 28.26 4.64
C ILE A 905 -33.23 29.59 3.90
N GLY A 906 -33.56 30.64 4.63
CA GLY A 906 -33.61 31.97 4.07
C GLY A 906 -33.08 32.98 5.06
N LEU A 907 -32.68 34.13 4.53
CA LEU A 907 -32.08 35.18 5.35
C LEU A 907 -32.53 36.53 4.83
N LEU A 908 -33.15 37.33 5.69
CA LEU A 908 -33.62 38.66 5.30
C LEU A 908 -32.43 39.60 5.16
N LEU A 909 -32.42 40.38 4.08
CA LEU A 909 -31.33 41.29 3.79
C LEU A 909 -31.67 42.73 4.16
N GLU A 910 -32.74 43.28 3.58
CA GLU A 910 -33.08 44.67 3.80
C GLU A 910 -34.59 44.83 3.65
N GLY A 911 -35.26 45.20 4.74
CA GLY A 911 -36.69 45.37 4.75
C GLY A 911 -37.27 44.94 6.07
N PHE A 912 -38.58 44.75 6.09
CA PHE A 912 -39.31 44.35 7.28
C PHE A 912 -40.29 43.24 6.93
N VAL A 913 -40.54 42.35 7.88
CA VAL A 913 -41.36 41.16 7.66
C VAL A 913 -42.19 40.91 8.91
N LYS A 914 -43.43 40.43 8.72
CA LYS A 914 -44.31 40.07 9.82
C LYS A 914 -44.85 38.66 9.63
N PRO A 915 -44.84 37.83 10.66
CA PRO A 915 -45.19 36.41 10.51
C PRO A 915 -46.69 36.16 10.69
N VAL A 916 -47.05 34.89 10.63
CA VAL A 916 -48.43 34.42 10.75
C VAL A 916 -48.55 33.53 11.97
N GLY A 917 -49.62 33.73 12.75
CA GLY A 917 -49.91 32.89 13.89
C GLY A 917 -49.22 33.29 15.17
N ILE A 918 -48.34 34.29 15.13
CA ILE A 918 -47.66 34.79 16.31
C ILE A 918 -47.96 36.27 16.41
N LYS A 919 -47.78 36.82 17.62
CA LYS A 919 -48.04 38.23 17.86
C LYS A 919 -47.20 39.08 16.90
N GLU A 920 -47.82 40.14 16.37
CA GLU A 920 -47.22 40.96 15.33
C GLU A 920 -45.85 41.48 15.77
N GLU A 921 -44.80 41.03 15.08
CA GLU A 921 -43.43 41.40 15.40
C GLU A 921 -42.79 42.06 14.19
N LEU A 922 -42.06 43.15 14.42
CA LEU A 922 -41.37 43.87 13.36
C LEU A 922 -39.91 43.41 13.34
N ILE A 923 -39.66 42.34 12.60
CA ILE A 923 -38.33 41.75 12.54
C ILE A 923 -37.38 42.67 11.78
N SER A 924 -36.20 42.87 12.35
CA SER A 924 -35.21 43.76 11.76
C SER A 924 -34.68 43.18 10.45
N SER A 925 -33.84 43.97 9.77
CA SER A 925 -33.36 43.56 8.45
C SER A 925 -32.50 42.30 8.48
N PRO A 926 -31.53 42.12 9.39
CA PRO A 926 -30.85 40.82 9.45
C PRO A 926 -31.66 39.85 10.30
N ALA A 927 -32.15 38.78 9.68
CA ALA A 927 -33.11 37.94 10.38
C ALA A 927 -32.76 36.46 10.39
N ALA A 928 -32.14 35.96 9.31
CA ALA A 928 -31.92 34.53 9.15
C ALA A 928 -33.24 33.78 9.31
N LEU A 929 -34.17 34.03 8.39
CA LEU A 929 -35.55 33.55 8.51
C LEU A 929 -35.58 32.03 8.31
N SER A 930 -35.77 31.30 9.41
CA SER A 930 -35.78 29.85 9.49
C SER A 930 -37.20 29.33 9.68
N PRO A 931 -37.51 28.15 9.13
CA PRO A 931 -38.86 27.59 9.30
C PRO A 931 -39.15 27.26 10.76
N SER A 932 -40.18 27.89 11.30
CA SER A 932 -40.61 27.57 12.66
C SER A 932 -41.25 26.19 12.73
N ASN A 933 -42.01 25.83 11.70
CA ASN A 933 -42.68 24.53 11.63
C ASN A 933 -41.90 23.49 10.85
N GLY A 934 -40.71 23.84 10.36
CA GLY A 934 -39.89 22.91 9.60
C GLY A 934 -40.14 22.98 8.10
N GLN A 958 -47.14 32.55 6.44
CA GLN A 958 -46.02 33.00 7.27
C GLN A 958 -45.23 34.10 6.58
N TYR A 959 -44.76 35.06 7.37
CA TYR A 959 -43.81 36.08 6.90
C TYR A 959 -44.34 36.89 5.73
N ILE A 960 -45.40 37.68 5.98
CA ILE A 960 -45.86 38.63 4.96
C ILE A 960 -44.84 39.75 4.86
N VAL A 961 -44.48 40.11 3.62
CA VAL A 961 -43.57 41.23 3.41
C VAL A 961 -44.23 42.53 3.86
N GLU A 962 -43.56 43.25 4.75
CA GLU A 962 -44.10 44.46 5.36
C GLU A 962 -43.77 45.72 4.55
N THR A 963 -42.48 45.99 4.35
CA THR A 963 -42.01 47.09 3.54
C THR A 963 -41.22 46.53 2.37
N ARG A 964 -40.56 47.41 1.60
CA ARG A 964 -39.76 46.96 0.48
C ARG A 964 -38.67 46.05 1.00
N ALA A 965 -38.78 44.76 0.72
CA ALA A 965 -37.96 43.75 1.37
C ALA A 965 -36.88 43.23 0.43
N ARG A 966 -35.82 42.72 1.05
CA ARG A 966 -34.76 42.00 0.37
C ARG A 966 -34.50 40.72 1.13
N ALA A 967 -34.44 39.61 0.41
CA ALA A 967 -34.18 38.32 1.04
C ALA A 967 -33.60 37.38 0.01
N ILE A 968 -32.83 36.40 0.49
CA ILE A 968 -32.27 35.35 -0.35
C ILE A 968 -32.47 34.03 0.38
N ILE A 969 -32.94 33.01 -0.34
CA ILE A 969 -33.30 31.73 0.24
C ILE A 969 -32.35 30.67 -0.30
N PHE A 970 -31.70 29.94 0.61
CA PHE A 970 -30.73 28.91 0.27
C PHE A 970 -31.35 27.53 0.46
N ASN A 971 -30.99 26.61 -0.42
CA ASN A 971 -31.43 25.23 -0.31
C ASN A 971 -30.37 24.37 0.40
N ILE A 972 -30.31 24.54 1.72
CA ILE A 972 -29.38 23.79 2.55
C ILE A 972 -29.82 22.33 2.63
N HIS A 1007 -14.77 8.40 11.59
CA HIS A 1007 -13.98 8.42 12.82
C HIS A 1007 -14.59 9.38 13.84
N ARG A 1008 -15.66 10.08 13.44
CA ARG A 1008 -16.28 11.11 14.26
C ARG A 1008 -17.09 10.54 15.42
N GLY A 1009 -16.97 9.24 15.68
CA GLY A 1009 -17.73 8.63 16.75
C GLY A 1009 -16.89 8.20 17.92
N LEU A 1010 -15.59 8.51 17.89
CA LEU A 1010 -14.73 8.15 19.01
C LEU A 1010 -15.06 8.94 20.27
N MET A 1011 -15.46 10.21 20.11
CA MET A 1011 -15.79 11.03 21.27
C MET A 1011 -16.99 10.45 22.03
N SER A 1012 -17.96 9.92 21.31
CA SER A 1012 -19.24 9.50 21.88
C SER A 1012 -19.57 8.07 21.46
N TRP A 1013 -18.60 7.16 21.61
CA TRP A 1013 -18.77 5.85 20.99
C TRP A 1013 -19.90 5.03 21.60
N PRO A 1014 -19.85 4.59 22.87
CA PRO A 1014 -20.92 3.71 23.33
C PRO A 1014 -22.15 4.49 23.75
N GLU A 1015 -22.46 5.54 22.99
CA GLU A 1015 -23.68 6.31 23.16
C GLU A 1015 -24.33 6.57 21.81
N ASN A 1016 -23.51 6.79 20.79
CA ASN A 1016 -24.02 7.10 19.46
C ASN A 1016 -24.36 5.87 18.64
N ILE A 1017 -24.14 4.68 19.18
CA ILE A 1017 -24.50 3.45 18.49
C ILE A 1017 -25.93 3.05 18.83
N LEU A 1030 -37.59 -5.66 16.56
CA LEU A 1030 -37.82 -4.59 15.59
C LEU A 1030 -39.06 -4.89 14.75
N SER A 1031 -39.14 -4.25 13.59
CA SER A 1031 -40.26 -4.46 12.68
C SER A 1031 -40.20 -5.85 12.07
N LEU A 1032 -41.27 -6.27 11.40
CA LEU A 1032 -41.28 -7.55 10.71
C LEU A 1032 -40.69 -7.47 9.32
N SER A 1033 -40.42 -6.27 8.82
CA SER A 1033 -39.69 -6.07 7.58
C SER A 1033 -38.23 -5.72 7.82
N GLU A 1034 -37.88 -5.21 9.00
CA GLU A 1034 -36.49 -5.05 9.40
C GLU A 1034 -35.82 -6.38 9.73
N ARG A 1035 -36.55 -7.30 10.33
CA ARG A 1035 -36.01 -8.64 10.56
C ARG A 1035 -35.82 -9.39 9.25
N ALA A 1036 -36.73 -9.17 8.29
CA ALA A 1036 -36.60 -9.81 6.99
C ALA A 1036 -35.40 -9.28 6.21
N MET A 1037 -35.10 -7.99 6.36
CA MET A 1037 -33.91 -7.44 5.70
C MET A 1037 -32.65 -8.11 6.20
N GLN A 1038 -32.55 -8.32 7.52
CA GLN A 1038 -31.39 -9.04 8.06
C GLN A 1038 -31.35 -10.47 7.53
N LEU A 1039 -32.51 -11.11 7.39
CA LEU A 1039 -32.56 -12.42 6.75
C LEU A 1039 -32.13 -12.38 5.30
N SER A 1040 -32.51 -11.33 4.57
CA SER A 1040 -32.23 -11.26 3.13
C SER A 1040 -30.78 -10.96 2.82
N ILE A 1041 -30.06 -10.30 3.73
CA ILE A 1041 -28.66 -9.95 3.50
C ILE A 1041 -27.72 -10.98 4.14
N PHE A 1042 -27.91 -11.24 5.43
CA PHE A 1042 -27.18 -12.18 6.27
C PHE A 1042 -27.77 -13.58 6.18
N GLY A 1043 -27.37 -14.43 7.11
CA GLY A 1043 -27.89 -15.78 7.23
C GLY A 1043 -29.10 -15.73 8.13
N SER A 1044 -28.97 -16.12 9.40
CA SER A 1044 -30.16 -16.04 10.24
C SER A 1044 -30.42 -14.59 10.62
N MET A 1045 -29.65 -14.03 11.55
CA MET A 1045 -29.81 -12.64 12.02
C MET A 1045 -28.56 -12.27 12.79
N VAL A 1046 -28.06 -11.05 12.54
CA VAL A 1046 -26.94 -10.54 13.32
C VAL A 1046 -27.27 -9.15 13.83
N ASN A 1047 -26.86 -8.88 15.08
CA ASN A 1047 -27.12 -7.59 15.72
C ASN A 1047 -26.23 -6.49 15.13
N VAL A 1048 -26.66 -5.98 13.98
CA VAL A 1048 -25.91 -4.99 13.23
C VAL A 1048 -25.69 -3.72 14.06
N SER B 32 43.19 -9.03 4.33
CA SER B 32 43.28 -9.15 2.88
C SER B 32 41.96 -9.59 2.21
N PRO B 33 41.31 -10.67 2.70
CA PRO B 33 40.04 -11.06 2.08
C PRO B 33 38.92 -10.07 2.28
N VAL B 34 39.10 -9.09 3.17
CA VAL B 34 38.08 -8.06 3.38
C VAL B 34 37.96 -7.14 2.17
N ASP B 35 38.94 -7.17 1.26
CA ASP B 35 38.90 -6.31 0.09
C ASP B 35 37.89 -6.78 -0.95
N ALA B 36 37.41 -8.01 -0.86
CA ALA B 36 36.30 -8.44 -1.70
C ALA B 36 35.03 -7.65 -1.36
N VAL B 37 34.87 -7.29 -0.09
CA VAL B 37 33.77 -6.42 0.31
C VAL B 37 33.90 -5.06 -0.37
N LEU B 38 35.12 -4.53 -0.44
CA LEU B 38 35.35 -3.28 -1.15
C LEU B 38 35.01 -3.42 -2.63
N PHE B 39 35.41 -4.53 -3.24
CA PHE B 39 35.07 -4.76 -4.64
C PHE B 39 33.56 -4.74 -4.84
N VAL B 40 32.82 -5.44 -3.97
CA VAL B 40 31.36 -5.49 -4.09
C VAL B 40 30.78 -4.09 -3.92
N GLY B 41 31.26 -3.34 -2.93
CA GLY B 41 30.72 -2.01 -2.69
C GLY B 41 30.97 -1.04 -3.82
N MET B 42 32.19 -1.03 -4.34
CA MET B 42 32.50 -0.12 -5.43
C MET B 42 31.80 -0.54 -6.72
N SER B 43 31.66 -1.85 -6.94
CA SER B 43 30.89 -2.32 -8.09
C SER B 43 29.44 -1.89 -7.99
N LEU B 44 28.85 -1.99 -6.79
CA LEU B 44 27.48 -1.56 -6.60
C LEU B 44 27.32 -0.06 -6.82
N VAL B 45 28.28 0.73 -6.32
CA VAL B 45 28.22 2.18 -6.52
C VAL B 45 28.31 2.52 -7.99
N LEU B 46 29.23 1.86 -8.71
CA LEU B 46 29.35 2.09 -10.15
C LEU B 46 28.09 1.67 -10.89
N GLY B 47 27.47 0.57 -10.46
CA GLY B 47 26.22 0.14 -11.07
C GLY B 47 25.10 1.15 -10.86
N ILE B 48 24.99 1.69 -9.65
CA ILE B 48 23.99 2.71 -9.37
C ILE B 48 24.25 3.95 -10.21
N ALA B 49 25.52 4.37 -10.29
CA ALA B 49 25.85 5.55 -11.07
C ALA B 49 25.53 5.35 -12.54
N SER B 50 25.84 4.18 -13.10
CA SER B 50 25.53 3.90 -14.50
C SER B 50 24.03 3.84 -14.74
N ARG B 51 23.29 3.19 -13.85
CA ARG B 51 21.85 3.07 -14.02
C ARG B 51 21.17 4.43 -13.91
N HIS B 52 21.63 5.27 -13.00
CA HIS B 52 21.05 6.59 -12.83
C HIS B 52 21.41 7.51 -13.98
N LEU B 53 22.67 7.50 -14.40
CA LEU B 53 23.12 8.42 -15.44
C LEU B 53 22.56 8.03 -16.80
N LEU B 54 22.44 6.73 -17.06
CA LEU B 54 22.00 6.25 -18.38
C LEU B 54 20.52 5.88 -18.39
N ARG B 55 19.69 6.62 -17.66
CA ARG B 55 18.25 6.43 -17.71
C ARG B 55 17.64 7.28 -18.80
N GLY B 56 16.75 6.68 -19.59
CA GLY B 56 16.19 7.35 -20.74
C GLY B 56 17.26 7.71 -21.76
N THR B 57 18.14 6.75 -22.06
CA THR B 57 19.25 7.01 -22.96
C THR B 57 19.33 6.00 -24.10
N ARG B 58 18.48 4.97 -24.10
CA ARG B 58 18.48 3.87 -25.06
C ARG B 58 19.67 2.94 -24.81
N VAL B 59 20.58 3.36 -23.94
CA VAL B 59 21.82 2.65 -23.70
C VAL B 59 21.73 1.96 -22.36
N PRO B 60 21.80 0.62 -22.32
CA PRO B 60 21.79 -0.05 -21.02
C PRO B 60 22.98 0.36 -20.18
N TYR B 61 22.76 0.48 -18.87
CA TYR B 61 23.85 0.76 -17.96
C TYR B 61 24.86 -0.39 -17.91
N THR B 62 24.47 -1.56 -18.41
CA THR B 62 25.34 -2.73 -18.36
C THR B 62 26.53 -2.60 -19.29
N VAL B 63 26.37 -1.87 -20.40
CA VAL B 63 27.53 -1.62 -21.26
C VAL B 63 28.52 -0.71 -20.56
N ALA B 64 28.02 0.27 -19.80
CA ALA B 64 28.92 1.09 -18.99
C ALA B 64 29.60 0.26 -17.93
N LEU B 65 28.88 -0.69 -17.33
CA LEU B 65 29.50 -1.58 -16.36
C LEU B 65 30.59 -2.42 -16.98
N LEU B 66 30.35 -2.97 -18.17
CA LEU B 66 31.36 -3.76 -18.85
C LEU B 66 32.58 -2.92 -19.22
N VAL B 67 32.36 -1.70 -19.71
CA VAL B 67 33.47 -0.83 -20.05
C VAL B 67 34.27 -0.44 -18.81
N ILE B 68 33.57 -0.14 -17.71
CA ILE B 68 34.24 0.22 -16.47
C ILE B 68 35.07 -0.96 -15.96
N GLY B 69 34.48 -2.17 -16.00
CA GLY B 69 35.23 -3.34 -15.56
C GLY B 69 36.43 -3.62 -16.43
N ILE B 70 36.29 -3.45 -17.74
CA ILE B 70 37.42 -3.68 -18.65
C ILE B 70 38.53 -2.67 -18.38
N ALA B 71 38.18 -1.40 -18.20
CA ALA B 71 39.19 -0.39 -17.90
C ALA B 71 39.86 -0.66 -16.56
N LEU B 72 39.08 -1.05 -15.56
CA LEU B 72 39.63 -1.32 -14.23
C LEU B 72 40.57 -2.52 -14.26
N GLY B 73 40.16 -3.59 -14.95
CA GLY B 73 41.03 -4.73 -15.11
C GLY B 73 42.26 -4.43 -15.93
N SER B 74 42.14 -3.54 -16.92
CA SER B 74 43.30 -3.11 -17.67
C SER B 74 44.30 -2.39 -16.77
N LEU B 75 43.79 -1.51 -15.89
CA LEU B 75 44.67 -0.85 -14.93
C LEU B 75 45.34 -1.87 -14.01
N GLU B 76 44.59 -2.87 -13.55
CA GLU B 76 45.14 -3.79 -12.57
C GLU B 76 46.11 -4.80 -13.21
N TYR B 77 45.87 -5.19 -14.46
CA TYR B 77 46.58 -6.31 -15.06
C TYR B 77 47.42 -5.93 -16.27
N GLY B 78 46.90 -5.13 -17.18
CA GLY B 78 47.65 -4.76 -18.36
C GLY B 78 48.70 -3.71 -18.07
N ALA B 79 48.26 -2.54 -17.59
CA ALA B 79 49.18 -1.48 -17.23
C ALA B 79 49.92 -1.77 -15.93
N LYS B 80 49.37 -2.63 -15.07
CA LYS B 80 49.99 -3.03 -13.81
C LYS B 80 50.28 -1.82 -12.92
N HIS B 81 49.28 -0.95 -12.81
CA HIS B 81 49.33 0.14 -11.85
C HIS B 81 49.01 -0.37 -10.45
N ASN B 82 49.37 0.42 -9.46
CA ASN B 82 49.08 0.11 -8.06
C ASN B 82 47.72 0.68 -7.70
N LEU B 83 46.69 -0.16 -7.74
CA LEU B 83 45.35 0.23 -7.34
C LEU B 83 45.13 0.09 -5.85
N GLY B 84 46.13 -0.39 -5.11
CA GLY B 84 46.03 -0.55 -3.68
C GLY B 84 44.99 -1.58 -3.28
N LYS B 85 44.05 -1.17 -2.42
CA LYS B 85 43.02 -2.10 -1.96
C LYS B 85 41.97 -2.37 -3.01
N ILE B 86 41.84 -1.50 -4.02
CA ILE B 86 40.96 -1.78 -5.15
C ILE B 86 41.45 -3.01 -5.90
N GLY B 87 42.75 -3.04 -6.21
CA GLY B 87 43.33 -4.17 -6.91
C GLY B 87 43.30 -5.45 -6.11
N HIS B 88 43.39 -5.34 -4.79
CA HIS B 88 43.31 -6.54 -3.94
C HIS B 88 41.95 -7.21 -4.09
N GLY B 89 40.86 -6.44 -4.01
CA GLY B 89 39.55 -7.01 -4.24
C GLY B 89 39.37 -7.50 -5.66
N ILE B 90 39.95 -6.78 -6.63
CA ILE B 90 39.87 -7.20 -8.02
C ILE B 90 40.49 -8.58 -8.19
N ARG B 91 41.67 -8.79 -7.60
CA ARG B 91 42.35 -10.07 -7.73
C ARG B 91 41.65 -11.17 -6.95
N ILE B 92 41.13 -10.85 -5.77
CA ILE B 92 40.36 -11.83 -4.99
C ILE B 92 39.18 -12.32 -5.80
N TRP B 93 38.44 -11.41 -6.44
CA TRP B 93 37.29 -11.81 -7.22
C TRP B 93 37.70 -12.46 -8.54
N ASN B 94 38.87 -12.11 -9.07
CA ASN B 94 39.37 -12.79 -10.26
C ASN B 94 39.74 -14.23 -9.97
N GLU B 95 40.08 -14.56 -8.73
CA GLU B 95 40.35 -15.94 -8.34
C GLU B 95 39.11 -16.66 -7.84
N ILE B 96 37.92 -16.28 -8.34
CA ILE B 96 36.68 -16.91 -7.94
C ILE B 96 36.59 -18.31 -8.54
N ASP B 97 35.96 -19.22 -7.82
CA ASP B 97 35.70 -20.54 -8.36
C ASP B 97 34.60 -20.45 -9.42
N PRO B 98 34.75 -21.16 -10.54
CA PRO B 98 33.70 -21.11 -11.57
C PRO B 98 32.36 -21.58 -11.05
N GLU B 99 32.38 -22.67 -10.28
CA GLU B 99 31.17 -23.33 -9.86
C GLU B 99 30.53 -22.58 -8.68
N LEU B 100 31.36 -22.01 -7.80
CA LEU B 100 30.85 -21.07 -6.81
C LEU B 100 30.26 -19.83 -7.49
N LEU B 101 30.92 -19.34 -8.53
CA LEU B 101 30.40 -18.23 -9.30
C LEU B 101 28.98 -18.51 -9.78
N LEU B 102 28.79 -19.66 -10.45
CA LEU B 102 27.47 -19.99 -10.96
C LEU B 102 26.48 -20.18 -9.83
N ALA B 103 26.87 -20.91 -8.78
CA ALA B 103 25.95 -21.20 -7.69
C ALA B 103 25.49 -19.95 -6.97
N VAL B 104 26.34 -18.93 -6.88
CA VAL B 104 25.94 -17.70 -6.19
C VAL B 104 25.15 -16.80 -7.12
N PHE B 105 25.53 -16.72 -8.39
CA PHE B 105 25.01 -15.66 -9.24
C PHE B 105 23.86 -16.08 -10.14
N LEU B 106 23.89 -17.28 -10.72
CA LEU B 106 22.83 -17.65 -11.68
C LEU B 106 21.45 -17.74 -11.03
N PRO B 107 21.28 -18.36 -9.85
CA PRO B 107 19.96 -18.26 -9.20
C PRO B 107 19.55 -16.84 -8.93
N ALA B 108 20.48 -15.98 -8.53
CA ALA B 108 20.16 -14.58 -8.28
C ALA B 108 19.67 -13.89 -9.56
N LEU B 109 20.35 -14.15 -10.68
CA LEU B 109 19.94 -13.57 -11.95
C LEU B 109 18.57 -14.06 -12.38
N LEU B 110 18.31 -15.36 -12.27
CA LEU B 110 17.20 -15.97 -12.96
C LEU B 110 15.94 -16.14 -12.11
N PHE B 111 16.06 -16.08 -10.78
CA PHE B 111 14.90 -16.33 -9.94
C PHE B 111 13.85 -15.24 -10.12
N GLU B 112 14.26 -13.98 -10.17
CA GLU B 112 13.28 -12.91 -10.37
C GLU B 112 12.64 -12.99 -11.75
N SER B 113 13.43 -13.32 -12.76
CA SER B 113 12.87 -13.45 -14.11
C SER B 113 11.83 -14.55 -14.18
N SER B 114 12.12 -15.70 -13.55
CA SER B 114 11.16 -16.80 -13.58
C SER B 114 9.99 -16.60 -12.62
N PHE B 115 10.17 -15.84 -11.56
CA PHE B 115 9.17 -15.66 -10.52
C PHE B 115 8.23 -14.50 -10.79
N SER B 116 8.69 -13.48 -11.50
CA SER B 116 7.84 -12.38 -11.91
C SER B 116 7.05 -12.68 -13.14
N MET B 117 7.25 -13.90 -13.64
CA MET B 117 6.48 -14.39 -14.77
C MET B 117 4.99 -14.39 -14.46
N GLU B 118 4.20 -13.84 -15.37
CA GLU B 118 2.75 -13.79 -15.21
C GLU B 118 2.16 -14.99 -15.93
N VAL B 119 1.40 -15.80 -15.19
CA VAL B 119 0.99 -17.13 -15.65
C VAL B 119 -0.03 -17.11 -16.77
N HIS B 120 -0.97 -16.16 -16.77
CA HIS B 120 -2.06 -16.24 -17.75
C HIS B 120 -1.60 -15.83 -19.15
N GLN B 121 -0.76 -14.81 -19.28
CA GLN B 121 -0.21 -14.53 -20.60
C GLN B 121 0.68 -15.67 -21.09
N ILE B 122 1.39 -16.32 -20.17
CA ILE B 122 2.19 -17.48 -20.54
C ILE B 122 1.31 -18.63 -21.01
N LYS B 123 0.18 -18.88 -20.35
CA LYS B 123 -0.71 -19.93 -20.84
C LYS B 123 -1.34 -19.53 -22.17
N ARG B 124 -1.48 -18.24 -22.43
CA ARG B 124 -1.97 -17.76 -23.72
C ARG B 124 -0.97 -17.95 -24.84
N CYS B 125 0.33 -17.84 -24.58
CA CYS B 125 1.33 -17.94 -25.65
C CYS B 125 2.34 -19.06 -25.43
N LEU B 126 1.99 -20.09 -24.66
CA LEU B 126 2.97 -21.11 -24.28
C LEU B 126 3.45 -21.93 -25.46
N GLY B 127 2.60 -22.16 -26.46
CA GLY B 127 3.06 -22.90 -27.64
C GLY B 127 4.19 -22.15 -28.32
N GLN B 128 4.01 -20.84 -28.53
CA GLN B 128 5.08 -20.01 -29.08
C GLN B 128 6.29 -20.00 -28.14
N MET B 129 6.04 -20.02 -26.83
CA MET B 129 7.16 -19.95 -25.88
C MET B 129 8.05 -21.18 -26.02
N VAL B 130 7.45 -22.37 -25.96
CA VAL B 130 8.24 -23.58 -26.08
C VAL B 130 8.85 -23.70 -27.47
N LEU B 131 8.15 -23.22 -28.51
CA LEU B 131 8.67 -23.27 -29.86
C LEU B 131 9.92 -22.41 -30.00
N LEU B 132 9.90 -21.21 -29.44
CA LEU B 132 11.07 -20.34 -29.49
C LEU B 132 12.15 -20.75 -28.50
N ALA B 133 11.80 -21.55 -27.50
CA ALA B 133 12.75 -21.92 -26.46
C ALA B 133 13.53 -23.18 -26.81
N VAL B 134 12.83 -24.31 -26.97
CA VAL B 134 13.55 -25.57 -27.15
C VAL B 134 14.10 -25.67 -28.58
N PRO B 135 13.26 -25.74 -29.63
CA PRO B 135 13.85 -25.87 -30.97
C PRO B 135 14.49 -24.59 -31.45
N GLY B 136 14.07 -23.43 -30.96
CA GLY B 136 14.76 -22.21 -31.31
C GLY B 136 16.19 -22.19 -30.82
N VAL B 137 16.40 -22.56 -29.56
CA VAL B 137 17.76 -22.62 -29.03
C VAL B 137 18.54 -23.73 -29.71
N LEU B 138 17.89 -24.85 -30.02
CA LEU B 138 18.60 -25.92 -30.72
C LEU B 138 19.09 -25.47 -32.09
N ILE B 139 18.23 -24.78 -32.85
CA ILE B 139 18.61 -24.30 -34.18
C ILE B 139 19.69 -23.25 -34.08
N SER B 140 19.57 -22.32 -33.13
CA SER B 140 20.59 -21.29 -32.96
C SER B 140 21.92 -21.91 -32.58
N THR B 141 21.90 -22.90 -31.68
CA THR B 141 23.13 -23.58 -31.29
C THR B 141 23.75 -24.29 -32.48
N ALA B 142 22.94 -24.99 -33.28
CA ALA B 142 23.48 -25.68 -34.45
C ALA B 142 24.12 -24.69 -35.41
N CYS B 143 23.44 -23.60 -35.72
CA CYS B 143 23.96 -22.62 -36.66
C CYS B 143 25.25 -21.99 -36.14
N LEU B 144 25.23 -21.50 -34.90
CA LEU B 144 26.41 -20.84 -34.35
C LEU B 144 27.58 -21.80 -34.22
N GLY B 145 27.34 -23.01 -33.73
CA GLY B 145 28.41 -23.98 -33.60
C GLY B 145 29.02 -24.34 -34.94
N SER B 146 28.19 -24.59 -35.95
CA SER B 146 28.71 -24.92 -37.27
C SER B 146 29.51 -23.77 -37.84
N LEU B 147 29.02 -22.54 -37.70
CA LEU B 147 29.70 -21.39 -38.28
C LEU B 147 31.04 -21.14 -37.60
N VAL B 148 31.07 -21.13 -36.26
CA VAL B 148 32.33 -20.90 -35.56
C VAL B 148 33.22 -22.11 -35.56
N LYS B 149 32.73 -23.27 -36.01
CA LYS B 149 33.61 -24.40 -36.26
C LYS B 149 34.31 -24.28 -37.60
N VAL B 150 33.55 -23.97 -38.65
CA VAL B 150 34.10 -23.93 -40.00
C VAL B 150 34.98 -22.69 -40.19
N THR B 151 34.63 -21.56 -39.57
CA THR B 151 35.27 -20.30 -39.97
C THR B 151 36.37 -19.88 -39.00
N PHE B 152 36.20 -20.15 -37.70
CA PHE B 152 37.13 -19.61 -36.73
C PHE B 152 38.50 -20.28 -36.86
N PRO B 153 39.60 -19.56 -36.55
CA PRO B 153 40.93 -20.06 -36.88
C PRO B 153 41.62 -20.81 -35.76
N TYR B 154 40.87 -21.14 -34.70
CA TYR B 154 41.46 -21.65 -33.47
C TYR B 154 41.53 -23.17 -33.45
N GLU B 155 41.26 -23.81 -34.58
CA GLU B 155 41.23 -25.27 -34.69
C GLU B 155 40.47 -25.90 -33.54
N TRP B 156 39.28 -25.38 -33.25
CA TRP B 156 38.48 -25.88 -32.14
C TRP B 156 37.87 -27.22 -32.55
N ASP B 157 37.27 -27.91 -31.59
CA ASP B 157 36.57 -29.15 -31.81
C ASP B 157 35.12 -28.84 -32.16
N TRP B 158 34.34 -29.88 -32.46
CA TRP B 158 32.90 -29.69 -32.51
C TRP B 158 32.31 -29.50 -31.14
N LYS B 159 32.89 -30.15 -30.12
CA LYS B 159 32.43 -29.97 -28.75
C LYS B 159 32.64 -28.53 -28.29
N THR B 160 33.84 -27.98 -28.53
CA THR B 160 34.13 -26.61 -28.13
C THR B 160 33.31 -25.61 -28.94
N SER B 161 33.20 -25.84 -30.25
CA SER B 161 32.41 -24.95 -31.11
C SER B 161 30.95 -24.93 -30.69
N LEU B 162 30.37 -26.10 -30.41
CA LEU B 162 28.97 -26.15 -30.00
C LEU B 162 28.79 -25.64 -28.57
N LEU B 163 29.82 -25.77 -27.73
CA LEU B 163 29.77 -25.17 -26.41
C LEU B 163 29.67 -23.66 -26.49
N LEU B 164 30.49 -23.06 -27.36
CA LEU B 164 30.38 -21.62 -27.59
C LEU B 164 29.03 -21.27 -28.20
N GLY B 165 28.55 -22.07 -29.15
CA GLY B 165 27.29 -21.77 -29.80
C GLY B 165 26.11 -21.80 -28.85
N GLY B 166 26.07 -22.79 -27.96
CA GLY B 166 25.00 -22.88 -26.97
C GLY B 166 25.18 -21.98 -25.77
N LEU B 167 26.41 -21.50 -25.54
CA LEU B 167 26.64 -20.52 -24.49
C LEU B 167 26.02 -19.18 -24.85
N LEU B 168 26.50 -18.58 -25.93
CA LEU B 168 25.94 -17.34 -26.48
C LEU B 168 24.75 -17.59 -27.40
N SER B 169 23.80 -18.36 -26.88
CA SER B 169 22.49 -18.55 -27.48
C SER B 169 21.39 -18.28 -26.47
N ALA B 170 21.74 -17.74 -25.30
CA ALA B 170 20.81 -17.48 -24.21
C ALA B 170 20.51 -15.99 -24.15
N THR B 171 19.33 -15.60 -24.61
CA THR B 171 18.89 -14.22 -24.56
C THR B 171 18.56 -13.87 -23.12
N ASP B 172 19.13 -12.77 -22.63
CA ASP B 172 18.98 -12.42 -21.22
C ASP B 172 17.57 -11.93 -20.93
N PRO B 173 16.94 -12.38 -19.85
CA PRO B 173 15.59 -11.89 -19.52
C PRO B 173 15.62 -10.54 -18.83
N VAL B 174 16.67 -10.27 -18.05
CA VAL B 174 16.77 -9.00 -17.35
C VAL B 174 16.92 -7.86 -18.35
N ALA B 175 17.86 -7.99 -19.29
CA ALA B 175 18.09 -6.94 -20.28
C ALA B 175 16.89 -6.74 -21.17
N VAL B 176 16.26 -7.84 -21.60
CA VAL B 176 15.10 -7.73 -22.47
C VAL B 176 13.92 -7.12 -21.74
N VAL B 177 13.73 -7.47 -20.46
CA VAL B 177 12.65 -6.86 -19.68
C VAL B 177 12.90 -5.36 -19.53
N ALA B 178 14.13 -4.98 -19.21
CA ALA B 178 14.46 -3.56 -19.08
C ALA B 178 14.23 -2.83 -20.39
N LEU B 179 14.58 -3.46 -21.51
CA LEU B 179 14.35 -2.87 -22.82
C LEU B 179 12.86 -2.73 -23.12
N LEU B 180 12.07 -3.75 -22.77
CA LEU B 180 10.64 -3.72 -23.07
C LEU B 180 9.91 -2.71 -22.20
N LYS B 181 10.45 -2.40 -21.02
CA LYS B 181 9.81 -1.39 -20.18
C LYS B 181 9.76 -0.04 -20.89
N GLU B 182 10.85 0.35 -21.54
CA GLU B 182 10.92 1.61 -22.25
C GLU B 182 10.62 1.50 -23.74
N LEU B 183 10.44 0.29 -24.26
CA LEU B 183 10.25 0.11 -25.70
C LEU B 183 8.90 0.63 -26.15
N GLY B 184 7.84 0.29 -25.42
CA GLY B 184 6.50 0.69 -25.82
C GLY B 184 5.83 -0.25 -26.80
N ALA B 185 6.28 -1.50 -26.88
CA ALA B 185 5.66 -2.47 -27.76
C ALA B 185 4.36 -2.97 -27.18
N SER B 186 3.60 -3.70 -28.00
CA SER B 186 2.31 -4.22 -27.58
C SER B 186 2.49 -5.29 -26.50
N LYS B 187 1.42 -5.53 -25.74
CA LYS B 187 1.48 -6.53 -24.68
C LYS B 187 1.71 -7.92 -25.24
N LYS B 188 1.14 -8.21 -26.41
CA LYS B 188 1.34 -9.53 -27.02
C LYS B 188 2.81 -9.76 -27.35
N LEU B 189 3.41 -8.82 -28.09
CA LEU B 189 4.82 -8.96 -28.47
C LEU B 189 5.73 -8.90 -27.26
N SER B 190 5.43 -8.03 -26.31
CA SER B 190 6.23 -7.95 -25.10
C SER B 190 6.21 -9.26 -24.34
N THR B 191 5.03 -9.86 -24.19
CA THR B 191 4.92 -11.15 -23.53
C THR B 191 5.68 -12.23 -24.28
N ILE B 192 5.55 -12.26 -25.60
CA ILE B 192 6.24 -13.28 -26.39
C ILE B 192 7.75 -13.16 -26.19
N ILE B 193 8.28 -11.94 -26.34
CA ILE B 193 9.71 -11.73 -26.26
C ILE B 193 10.22 -12.06 -24.86
N GLU B 194 9.52 -11.59 -23.83
CA GLU B 194 9.95 -11.82 -22.45
C GLU B 194 9.95 -13.31 -22.11
N GLY B 195 8.88 -14.02 -22.49
CA GLY B 195 8.83 -15.44 -22.17
C GLY B 195 9.87 -16.25 -22.91
N GLU B 196 10.06 -15.99 -24.20
CA GLU B 196 11.06 -16.73 -24.94
C GLU B 196 12.46 -16.41 -24.40
N SER B 197 12.66 -15.17 -23.95
CA SER B 197 13.96 -14.81 -23.38
C SER B 197 14.21 -15.55 -22.07
N LEU B 198 13.18 -15.70 -21.24
CA LEU B 198 13.39 -16.36 -19.97
C LEU B 198 13.40 -17.88 -20.08
N MET B 199 12.95 -18.44 -21.20
CA MET B 199 13.06 -19.89 -21.40
C MET B 199 14.28 -20.28 -22.23
N ASN B 200 14.78 -19.38 -23.07
CA ASN B 200 16.04 -19.61 -23.75
C ASN B 200 17.17 -19.83 -22.76
N ASP B 201 17.10 -19.20 -21.59
CA ASP B 201 18.12 -19.43 -20.58
C ASP B 201 18.13 -20.87 -20.13
N GLY B 202 16.96 -21.43 -19.81
CA GLY B 202 16.91 -22.81 -19.39
C GLY B 202 17.41 -23.75 -20.47
N THR B 203 16.91 -23.59 -21.70
CA THR B 203 17.32 -24.50 -22.76
C THR B 203 18.81 -24.36 -23.09
N ALA B 204 19.31 -23.12 -23.15
CA ALA B 204 20.69 -22.89 -23.53
C ALA B 204 21.65 -23.31 -22.44
N ILE B 205 21.25 -23.17 -21.17
CA ILE B 205 22.13 -23.67 -20.11
C ILE B 205 22.10 -25.18 -20.05
N VAL B 206 20.98 -25.83 -20.41
CA VAL B 206 20.98 -27.28 -20.51
C VAL B 206 21.96 -27.73 -21.59
N VAL B 207 21.89 -27.13 -22.78
CA VAL B 207 22.81 -27.55 -23.83
C VAL B 207 24.23 -27.14 -23.49
N PHE B 208 24.41 -26.04 -22.78
CA PHE B 208 25.74 -25.62 -22.35
C PHE B 208 26.36 -26.64 -21.41
N GLN B 209 25.59 -27.13 -20.43
CA GLN B 209 26.10 -28.17 -19.55
C GLN B 209 26.40 -29.44 -20.33
N LEU B 210 25.53 -29.80 -21.28
CA LEU B 210 25.77 -30.98 -22.09
C LEU B 210 27.11 -30.89 -22.82
N PHE B 211 27.33 -29.79 -23.54
CA PHE B 211 28.54 -29.68 -24.34
C PHE B 211 29.76 -29.39 -23.48
N LEU B 212 29.58 -28.83 -22.28
CA LEU B 212 30.70 -28.64 -21.37
C LEU B 212 31.16 -29.98 -20.80
N LYS B 213 30.22 -30.84 -20.42
CA LYS B 213 30.59 -32.19 -20.00
C LYS B 213 31.20 -32.97 -21.16
N MET B 214 30.71 -32.72 -22.38
CA MET B 214 31.32 -33.34 -23.55
C MET B 214 32.78 -32.90 -23.70
N ALA B 215 33.04 -31.59 -23.56
CA ALA B 215 34.40 -31.08 -23.65
C ALA B 215 35.26 -31.59 -22.52
N MET B 216 34.66 -31.91 -21.37
CA MET B 216 35.39 -32.50 -20.25
C MET B 216 35.62 -33.99 -20.42
N GLY B 217 35.49 -34.52 -21.62
CA GLY B 217 35.74 -35.92 -21.87
C GLY B 217 34.65 -36.86 -21.45
N GLN B 218 33.40 -36.40 -21.42
CA GLN B 218 32.28 -37.24 -21.03
C GLN B 218 31.24 -37.29 -22.14
N ASN B 219 30.17 -38.05 -21.93
CA ASN B 219 29.02 -38.10 -22.83
C ASN B 219 29.44 -38.42 -24.26
N SER B 220 30.36 -39.38 -24.38
CA SER B 220 30.89 -39.77 -25.67
C SER B 220 29.91 -40.58 -26.51
N ASP B 221 28.95 -41.25 -25.88
CA ASP B 221 27.99 -42.10 -26.58
C ASP B 221 26.62 -41.45 -26.61
N TRP B 222 25.80 -41.89 -27.57
CA TRP B 222 24.43 -41.41 -27.68
C TRP B 222 23.58 -41.81 -26.48
N SER B 223 23.77 -43.03 -25.97
CA SER B 223 23.01 -43.45 -24.79
C SER B 223 23.38 -42.61 -23.57
N SER B 224 24.68 -42.32 -23.41
CA SER B 224 25.10 -41.44 -22.33
C SER B 224 24.53 -40.03 -22.52
N ILE B 225 24.43 -39.58 -23.77
CA ILE B 225 23.81 -38.29 -24.06
C ILE B 225 22.36 -38.28 -23.60
N ILE B 226 21.63 -39.34 -23.94
CA ILE B 226 20.22 -39.40 -23.58
C ILE B 226 20.06 -39.46 -22.06
N LYS B 227 20.88 -40.25 -21.38
CA LYS B 227 20.79 -40.33 -19.93
C LYS B 227 21.14 -38.99 -19.28
N PHE B 228 22.17 -38.32 -19.79
CA PHE B 228 22.55 -37.02 -19.24
C PHE B 228 21.43 -36.01 -19.43
N LEU B 229 20.85 -35.95 -20.63
CA LEU B 229 19.77 -35.01 -20.87
C LEU B 229 18.57 -35.33 -19.99
N LEU B 230 18.21 -36.61 -19.91
CA LEU B 230 17.09 -37.02 -19.07
C LEU B 230 17.29 -36.59 -17.63
N LYS B 231 18.46 -36.90 -17.05
CA LYS B 231 18.74 -36.49 -15.69
C LYS B 231 18.73 -34.97 -15.57
N VAL B 232 19.65 -34.30 -16.25
CA VAL B 232 19.87 -32.87 -16.09
C VAL B 232 18.60 -32.06 -16.33
N ALA B 233 17.70 -32.53 -17.19
CA ALA B 233 16.47 -31.79 -17.43
C ALA B 233 15.32 -32.24 -16.54
N LEU B 234 14.92 -33.51 -16.65
CA LEU B 234 13.74 -33.97 -15.92
C LEU B 234 13.99 -33.99 -14.42
N GLY B 235 15.16 -34.47 -13.98
CA GLY B 235 15.43 -34.47 -12.56
C GLY B 235 15.53 -33.07 -11.97
N ALA B 236 16.08 -32.13 -12.75
CA ALA B 236 16.11 -30.74 -12.29
C ALA B 236 14.70 -30.18 -12.17
N VAL B 237 13.85 -30.44 -13.16
CA VAL B 237 12.46 -29.98 -13.08
C VAL B 237 11.75 -30.64 -11.90
N GLY B 238 12.02 -31.92 -11.66
CA GLY B 238 11.39 -32.60 -10.54
C GLY B 238 11.84 -32.08 -9.20
N ILE B 239 13.14 -31.80 -9.05
CA ILE B 239 13.65 -31.23 -7.81
C ILE B 239 13.07 -29.84 -7.59
N GLY B 240 13.00 -29.03 -8.64
CA GLY B 240 12.37 -27.73 -8.52
C GLY B 240 10.92 -27.83 -8.12
N LEU B 241 10.18 -28.77 -8.71
CA LEU B 241 8.78 -28.95 -8.36
C LEU B 241 8.61 -29.42 -6.93
N ALA B 242 9.46 -30.34 -6.48
CA ALA B 242 9.37 -30.83 -5.10
C ALA B 242 9.68 -29.74 -4.09
N PHE B 243 10.74 -28.98 -4.33
CA PHE B 243 11.07 -27.87 -3.44
C PHE B 243 9.97 -26.82 -3.47
N GLY B 244 9.39 -26.57 -4.64
CA GLY B 244 8.29 -25.63 -4.73
C GLY B 244 7.08 -26.09 -3.94
N ILE B 245 6.73 -27.37 -4.05
CA ILE B 245 5.57 -27.90 -3.31
C ILE B 245 5.81 -27.77 -1.80
N ALA B 246 7.00 -28.19 -1.35
CA ALA B 246 7.30 -28.14 0.07
C ALA B 246 7.28 -26.71 0.58
N SER B 247 7.91 -25.79 -0.15
CA SER B 247 7.98 -24.40 0.29
C SER B 247 6.63 -23.70 0.20
N VAL B 248 5.80 -24.07 -0.77
CA VAL B 248 4.47 -23.46 -0.87
C VAL B 248 3.58 -23.93 0.26
N ILE B 249 3.66 -25.21 0.64
CA ILE B 249 2.92 -25.66 1.81
C ILE B 249 3.42 -24.95 3.06
N TRP B 250 4.74 -24.83 3.20
CA TRP B 250 5.30 -24.10 4.33
C TRP B 250 4.79 -22.67 4.39
N LEU B 251 4.77 -21.99 3.24
CA LEU B 251 4.27 -20.62 3.19
C LEU B 251 2.79 -20.56 3.56
N LYS B 252 2.02 -21.54 3.11
CA LYS B 252 0.62 -21.61 3.50
C LYS B 252 0.46 -21.74 5.00
N PHE B 253 1.44 -22.34 5.67
CA PHE B 253 1.39 -22.44 7.13
C PHE B 253 2.21 -21.37 7.85
N ILE B 254 2.70 -20.35 7.12
CA ILE B 254 3.32 -19.17 7.72
C ILE B 254 2.33 -18.02 7.56
N PHE B 255 1.84 -17.51 8.69
CA PHE B 255 0.67 -16.63 8.66
C PHE B 255 1.02 -15.16 8.55
N ASN B 256 1.73 -14.61 9.53
CA ASN B 256 2.09 -13.20 9.54
C ASN B 256 3.59 -13.09 9.82
N ASP B 257 4.38 -13.23 8.76
CA ASP B 257 5.82 -12.95 8.85
C ASP B 257 6.30 -12.72 7.42
N THR B 258 6.48 -11.45 7.05
CA THR B 258 6.92 -11.10 5.72
C THR B 258 8.44 -11.19 5.54
N VAL B 259 9.18 -11.42 6.61
CA VAL B 259 10.63 -11.56 6.51
C VAL B 259 11.03 -13.01 6.26
N ILE B 260 10.43 -13.95 7.01
CA ILE B 260 10.77 -15.33 6.75
C ILE B 260 10.16 -15.80 5.45
N GLU B 261 9.12 -15.11 4.97
CA GLU B 261 8.55 -15.47 3.67
C GLU B 261 9.50 -15.16 2.53
N ILE B 262 10.33 -14.13 2.66
CA ILE B 262 11.32 -13.81 1.64
C ILE B 262 12.61 -14.59 1.85
N THR B 263 13.06 -14.72 3.10
CA THR B 263 14.24 -15.55 3.32
C THR B 263 13.96 -17.02 3.06
N LEU B 264 12.68 -17.43 3.06
CA LEU B 264 12.33 -18.77 2.62
C LEU B 264 12.56 -18.93 1.13
N THR B 265 12.19 -17.92 0.34
CA THR B 265 12.51 -17.96 -1.08
C THR B 265 14.02 -18.03 -1.30
N ILE B 266 14.78 -17.24 -0.54
CA ILE B 266 16.23 -17.28 -0.65
C ILE B 266 16.75 -18.68 -0.34
N ALA B 267 16.33 -19.22 0.81
CA ALA B 267 16.85 -20.50 1.27
C ALA B 267 16.45 -21.63 0.33
N VAL B 268 15.19 -21.66 -0.11
CA VAL B 268 14.73 -22.73 -0.98
C VAL B 268 15.39 -22.62 -2.35
N SER B 269 15.59 -21.40 -2.86
CA SER B 269 16.27 -21.24 -4.14
C SER B 269 17.70 -21.75 -4.06
N TYR B 270 18.45 -21.30 -3.05
CA TYR B 270 19.86 -21.68 -2.95
C TYR B 270 20.06 -23.08 -2.39
N PHE B 271 19.01 -23.72 -1.89
CA PHE B 271 19.07 -25.11 -1.50
C PHE B 271 18.67 -26.03 -2.64
N ALA B 272 17.69 -25.61 -3.45
CA ALA B 272 17.34 -26.36 -4.65
C ALA B 272 18.48 -26.35 -5.66
N TYR B 273 19.14 -25.19 -5.84
CA TYR B 273 20.29 -25.16 -6.73
C TYR B 273 21.35 -26.15 -6.28
N TYR B 274 21.66 -26.17 -4.99
CA TYR B 274 22.70 -27.07 -4.49
C TYR B 274 22.25 -28.53 -4.61
N THR B 275 21.03 -28.84 -4.20
CA THR B 275 20.54 -30.21 -4.27
C THR B 275 20.55 -30.73 -5.71
N ALA B 276 20.27 -29.87 -6.68
CA ALA B 276 20.32 -30.33 -8.07
C ALA B 276 21.75 -30.44 -8.60
N GLN B 277 22.59 -29.45 -8.34
CA GLN B 277 23.90 -29.43 -8.97
C GLN B 277 24.87 -30.41 -8.30
N GLU B 278 24.86 -30.47 -6.97
CA GLU B 278 25.87 -31.23 -6.23
C GLU B 278 25.39 -32.58 -5.78
N TRP B 279 24.12 -32.73 -5.43
CA TRP B 279 23.64 -33.96 -4.83
C TRP B 279 23.00 -34.89 -5.86
N ALA B 280 22.13 -34.35 -6.70
CA ALA B 280 21.52 -35.13 -7.77
C ALA B 280 22.24 -35.01 -9.10
N GLY B 281 23.22 -34.12 -9.22
CA GLY B 281 23.92 -33.96 -10.47
C GLY B 281 23.11 -33.38 -11.60
N ALA B 282 21.94 -32.82 -11.30
CA ALA B 282 21.08 -32.22 -12.31
C ALA B 282 21.54 -30.79 -12.59
N SER B 283 20.71 -30.02 -13.28
CA SER B 283 20.99 -28.62 -13.57
C SER B 283 20.36 -27.76 -12.47
N GLY B 284 21.21 -27.09 -11.69
CA GLY B 284 20.68 -26.21 -10.67
C GLY B 284 19.96 -25.01 -11.23
N VAL B 285 20.35 -24.58 -12.43
CA VAL B 285 19.68 -23.44 -13.07
C VAL B 285 18.26 -23.81 -13.45
N LEU B 286 18.07 -24.96 -14.08
CA LEU B 286 16.73 -25.41 -14.42
C LEU B 286 15.90 -25.63 -13.17
N THR B 287 16.51 -26.13 -12.10
CA THR B 287 15.79 -26.29 -10.85
C THR B 287 15.33 -24.95 -10.29
N VAL B 288 16.20 -23.95 -10.32
CA VAL B 288 15.83 -22.64 -9.79
C VAL B 288 14.74 -22.00 -10.66
N MET B 289 14.82 -22.21 -11.98
CA MET B 289 13.81 -21.63 -12.86
C MET B 289 12.46 -22.30 -12.70
N THR B 290 12.44 -23.64 -12.57
CA THR B 290 11.17 -24.30 -12.30
C THR B 290 10.63 -23.95 -10.92
N LEU B 291 11.51 -23.74 -9.94
CA LEU B 291 11.06 -23.27 -8.64
C LEU B 291 10.42 -21.89 -8.72
N GLY B 292 11.05 -20.98 -9.49
CA GLY B 292 10.48 -19.65 -9.66
C GLY B 292 9.16 -19.68 -10.40
N MET B 293 9.05 -20.52 -11.43
CA MET B 293 7.80 -20.64 -12.16
C MET B 293 6.71 -21.27 -11.29
N PHE B 294 7.08 -22.23 -10.45
CA PHE B 294 6.13 -22.79 -9.50
C PHE B 294 5.65 -21.73 -8.51
N TYR B 295 6.57 -20.87 -8.06
CA TYR B 295 6.17 -19.77 -7.20
C TYR B 295 5.23 -18.81 -7.92
N ALA B 296 5.52 -18.52 -9.20
CA ALA B 296 4.66 -17.64 -9.97
C ALA B 296 3.27 -18.24 -10.17
N ALA B 297 3.20 -19.56 -10.33
CA ALA B 297 1.92 -20.19 -10.61
C ALA B 297 1.12 -20.45 -9.34
N PHE B 298 1.66 -21.25 -8.43
CA PHE B 298 0.90 -21.77 -7.29
C PHE B 298 1.24 -21.09 -5.97
N ALA B 299 1.95 -19.98 -5.99
CA ALA B 299 2.30 -19.29 -4.74
C ALA B 299 1.90 -17.82 -4.75
N ARG B 300 1.05 -17.39 -5.67
CA ARG B 300 0.53 -16.03 -5.60
C ARG B 300 -0.30 -15.82 -4.34
N THR B 301 -0.92 -16.90 -3.84
CA THR B 301 -1.69 -16.84 -2.60
C THR B 301 -0.94 -17.44 -1.41
N ALA B 302 0.24 -18.01 -1.64
CA ALA B 302 1.03 -18.53 -0.52
C ALA B 302 1.71 -17.39 0.24
N PHE B 303 2.12 -16.35 -0.47
CA PHE B 303 2.68 -15.18 0.17
C PHE B 303 1.56 -14.22 0.60
N LYS B 304 1.87 -13.38 1.59
CA LYS B 304 0.94 -12.34 1.98
C LYS B 304 0.76 -11.34 0.86
N GLY B 305 -0.39 -10.66 0.86
CA GLY B 305 -0.66 -9.66 -0.15
C GLY B 305 0.32 -8.51 -0.11
N ASP B 306 0.60 -8.01 1.10
CA ASP B 306 1.54 -6.91 1.26
C ASP B 306 3.00 -7.36 1.26
N SER B 307 3.25 -8.65 1.39
CA SER B 307 4.59 -9.21 1.21
C SER B 307 4.99 -9.35 -0.25
N GLN B 308 4.04 -9.19 -1.17
CA GLN B 308 4.32 -9.41 -2.58
C GLN B 308 5.26 -8.36 -3.14
N LYS B 309 4.97 -7.08 -2.88
CA LYS B 309 5.80 -6.01 -3.41
C LYS B 309 7.20 -6.05 -2.84
N SER B 310 7.33 -6.29 -1.53
CA SER B 310 8.66 -6.35 -0.91
C SER B 310 9.46 -7.52 -1.46
N LEU B 311 8.81 -8.67 -1.63
CA LEU B 311 9.50 -9.85 -2.16
C LEU B 311 9.96 -9.63 -3.60
N HIS B 312 9.07 -9.06 -4.43
CA HIS B 312 9.45 -8.78 -5.81
C HIS B 312 10.56 -7.74 -5.88
N HIS B 313 10.49 -6.71 -5.04
CA HIS B 313 11.55 -5.71 -5.00
C HIS B 313 12.87 -6.33 -4.59
N PHE B 314 12.85 -7.19 -3.58
CA PHE B 314 14.09 -7.83 -3.14
C PHE B 314 14.69 -8.68 -4.25
N TRP B 315 13.88 -9.48 -4.92
CA TRP B 315 14.46 -10.37 -5.94
C TRP B 315 14.87 -9.59 -7.18
N GLU B 316 14.16 -8.52 -7.53
CA GLU B 316 14.60 -7.66 -8.62
C GLU B 316 15.92 -6.98 -8.28
N MET B 317 16.08 -6.54 -7.03
CA MET B 317 17.34 -5.95 -6.61
C MET B 317 18.47 -6.97 -6.58
N VAL B 318 18.16 -8.21 -6.20
CA VAL B 318 19.19 -9.25 -6.21
C VAL B 318 19.62 -9.55 -7.64
N ALA B 319 18.67 -9.59 -8.57
CA ALA B 319 19.01 -9.73 -9.97
C ALA B 319 19.86 -8.56 -10.44
N TYR B 320 19.52 -7.34 -9.99
CA TYR B 320 20.30 -6.16 -10.34
C TYR B 320 21.73 -6.24 -9.83
N ILE B 321 21.89 -6.63 -8.57
CA ILE B 321 23.22 -6.74 -7.97
C ILE B 321 24.03 -7.83 -8.65
N ALA B 322 23.41 -8.98 -8.89
CA ALA B 322 24.12 -10.06 -9.57
C ALA B 322 24.51 -9.67 -10.98
N ASN B 323 23.62 -8.97 -11.69
CA ASN B 323 23.93 -8.51 -13.04
C ASN B 323 25.07 -7.51 -13.05
N THR B 324 25.05 -6.56 -12.12
CA THR B 324 26.13 -5.58 -12.02
C THR B 324 27.45 -6.24 -11.70
N LEU B 325 27.46 -7.13 -10.70
CA LEU B 325 28.68 -7.81 -10.30
C LEU B 325 29.21 -8.68 -11.44
N ILE B 326 28.32 -9.37 -12.15
CA ILE B 326 28.76 -10.22 -13.25
C ILE B 326 29.34 -9.39 -14.38
N PHE B 327 28.69 -8.27 -14.71
CA PHE B 327 29.23 -7.44 -15.78
C PHE B 327 30.58 -6.84 -15.44
N ILE B 328 30.74 -6.33 -14.21
CA ILE B 328 32.02 -5.74 -13.83
C ILE B 328 33.10 -6.80 -13.70
N LEU B 329 32.77 -7.95 -13.10
CA LEU B 329 33.73 -9.05 -13.01
C LEU B 329 34.12 -9.56 -14.38
N SER B 330 33.15 -9.67 -15.29
CA SER B 330 33.45 -10.13 -16.64
C SER B 330 34.36 -9.14 -17.35
N GLY B 331 34.12 -7.84 -17.18
CA GLY B 331 35.03 -6.86 -17.74
C GLY B 331 36.44 -7.01 -17.18
N VAL B 332 36.55 -7.17 -15.86
CA VAL B 332 37.85 -7.30 -15.21
C VAL B 332 38.58 -8.54 -15.72
N VAL B 333 37.88 -9.66 -15.81
CA VAL B 333 38.53 -10.91 -16.20
C VAL B 333 38.82 -10.92 -17.71
N ILE B 334 38.00 -10.28 -18.53
CA ILE B 334 38.34 -10.11 -19.93
C ILE B 334 39.63 -9.31 -20.06
N ALA B 335 39.72 -8.20 -19.34
CA ALA B 335 40.93 -7.38 -19.40
C ALA B 335 42.14 -8.18 -18.92
N GLU B 336 41.96 -8.99 -17.88
CA GLU B 336 43.03 -9.84 -17.38
C GLU B 336 43.48 -10.87 -18.41
N GLY B 337 42.52 -11.51 -19.08
CA GLY B 337 42.85 -12.61 -19.96
C GLY B 337 43.40 -12.16 -21.30
N ILE B 338 42.87 -11.05 -21.84
CA ILE B 338 43.34 -10.58 -23.14
C ILE B 338 44.55 -9.67 -23.02
N LEU B 339 45.05 -9.45 -21.81
CA LEU B 339 46.29 -8.70 -21.63
C LEU B 339 47.32 -9.55 -20.88
N ASP B 340 47.26 -10.87 -21.07
CA ASP B 340 48.21 -11.80 -20.51
C ASP B 340 49.43 -11.88 -21.44
N SER B 341 50.30 -12.87 -21.22
CA SER B 341 51.47 -13.03 -22.07
C SER B 341 51.10 -13.21 -23.53
N ASP B 342 49.97 -13.87 -23.81
CA ASP B 342 49.58 -14.13 -25.19
C ASP B 342 49.10 -12.87 -25.89
N LYS B 343 48.52 -11.92 -25.15
CA LYS B 343 48.02 -10.66 -25.71
C LYS B 343 46.98 -10.92 -26.79
N ILE B 344 45.88 -11.54 -26.38
CA ILE B 344 44.78 -11.88 -27.29
C ILE B 344 44.11 -10.62 -27.80
N ALA B 345 44.36 -9.49 -27.13
CA ALA B 345 43.79 -8.21 -27.50
C ALA B 345 44.57 -7.52 -28.61
N TYR B 346 45.77 -8.00 -28.94
CA TYR B 346 46.59 -7.36 -29.96
C TYR B 346 46.84 -8.34 -31.10
N GLN B 347 45.92 -9.28 -31.29
CA GLN B 347 46.11 -10.34 -32.28
C GLN B 347 45.33 -10.09 -33.57
N GLY B 348 44.43 -9.13 -33.61
CA GLY B 348 43.68 -8.89 -34.82
C GLY B 348 42.59 -9.91 -35.05
N ASN B 349 42.97 -11.18 -35.17
CA ASN B 349 42.00 -12.24 -35.40
C ASN B 349 40.91 -12.22 -34.33
N SER B 350 41.27 -11.84 -33.11
CA SER B 350 40.28 -11.69 -32.05
C SER B 350 39.16 -10.76 -32.48
N TRP B 351 39.50 -9.58 -33.01
CA TRP B 351 38.49 -8.60 -33.36
C TRP B 351 37.77 -8.97 -34.66
N ARG B 352 38.52 -9.45 -35.66
CA ARG B 352 37.86 -9.88 -36.90
C ARG B 352 36.79 -10.92 -36.60
N PHE B 353 37.13 -11.92 -35.79
CA PHE B 353 36.16 -12.97 -35.51
C PHE B 353 35.18 -12.58 -34.40
N LEU B 354 35.44 -11.52 -33.64
CA LEU B 354 34.39 -10.96 -32.79
C LEU B 354 33.27 -10.38 -33.63
N PHE B 355 33.62 -9.58 -34.64
CA PHE B 355 32.58 -9.03 -35.50
C PHE B 355 31.94 -10.10 -36.38
N LEU B 356 32.72 -11.10 -36.81
CA LEU B 356 32.12 -12.25 -37.48
C LEU B 356 31.15 -12.97 -36.56
N LEU B 357 31.49 -13.11 -35.28
CA LEU B 357 30.59 -13.75 -34.34
C LEU B 357 29.32 -12.94 -34.15
N TYR B 358 29.42 -11.61 -34.18
CA TYR B 358 28.21 -10.79 -34.08
C TYR B 358 27.30 -11.01 -35.29
N VAL B 359 27.87 -11.00 -36.49
CA VAL B 359 27.02 -11.23 -37.66
C VAL B 359 26.47 -12.65 -37.63
N TYR B 360 27.21 -13.59 -37.05
CA TYR B 360 26.70 -14.96 -36.89
C TYR B 360 25.54 -15.01 -35.91
N ILE B 361 25.62 -14.23 -34.82
CA ILE B 361 24.47 -14.09 -33.92
C ILE B 361 23.25 -13.62 -34.68
N GLN B 362 23.43 -12.57 -35.48
CA GLN B 362 22.29 -12.00 -36.20
C GLN B 362 21.71 -13.01 -37.20
N LEU B 363 22.58 -13.68 -37.97
CA LEU B 363 22.10 -14.67 -38.93
C LEU B 363 21.44 -15.86 -38.25
N SER B 364 21.99 -16.32 -37.13
CA SER B 364 21.38 -17.45 -36.44
C SER B 364 20.00 -17.09 -35.89
N ARG B 365 19.85 -15.89 -35.33
CA ARG B 365 18.54 -15.46 -34.87
C ARG B 365 17.56 -15.34 -36.03
N VAL B 366 18.03 -14.80 -37.16
CA VAL B 366 17.19 -14.71 -38.35
C VAL B 366 16.74 -16.09 -38.80
N VAL B 367 17.67 -17.05 -38.83
CA VAL B 367 17.36 -18.40 -39.25
C VAL B 367 16.34 -19.03 -38.31
N VAL B 368 16.55 -18.87 -37.00
CA VAL B 368 15.64 -19.45 -36.01
C VAL B 368 14.23 -18.90 -36.21
N VAL B 369 14.11 -17.58 -36.28
CA VAL B 369 12.79 -16.96 -36.38
C VAL B 369 12.13 -17.32 -37.71
N GLY B 370 12.89 -17.30 -38.81
CA GLY B 370 12.31 -17.65 -40.10
C GLY B 370 11.86 -19.09 -40.17
N VAL B 371 12.65 -20.01 -39.63
CA VAL B 371 12.28 -21.43 -39.66
C VAL B 371 11.04 -21.67 -38.80
N LEU B 372 10.98 -21.05 -37.63
CA LEU B 372 9.84 -21.27 -36.76
C LEU B 372 8.63 -20.41 -37.10
N TYR B 373 8.77 -19.46 -38.04
CA TYR B 373 7.67 -18.55 -38.35
C TYR B 373 6.41 -19.25 -38.84
N PRO B 374 6.47 -20.23 -39.76
CA PRO B 374 5.22 -20.88 -40.18
C PRO B 374 4.47 -21.52 -39.02
N LEU B 375 5.16 -21.92 -37.96
CA LEU B 375 4.51 -22.43 -36.76
C LEU B 375 4.29 -21.34 -35.72
N LEU B 376 5.15 -20.32 -35.69
CA LEU B 376 5.00 -19.24 -34.73
C LEU B 376 3.78 -18.36 -35.03
N CYS B 377 3.40 -18.24 -36.29
CA CYS B 377 2.27 -17.39 -36.68
C CYS B 377 0.93 -18.10 -36.56
N ARG B 378 0.92 -19.37 -36.14
CA ARG B 378 -0.31 -20.13 -36.01
C ARG B 378 -0.63 -20.51 -34.57
N PHE B 379 0.30 -20.32 -33.65
CA PHE B 379 0.13 -20.73 -32.26
C PHE B 379 0.13 -19.51 -31.36
N GLY B 380 -0.64 -19.58 -30.28
CA GLY B 380 -0.70 -18.48 -29.33
C GLY B 380 -1.12 -17.19 -29.99
N TYR B 381 -0.46 -16.10 -29.60
CA TYR B 381 -0.67 -14.83 -30.28
C TYR B 381 -0.13 -14.89 -31.70
N GLY B 382 -0.88 -14.30 -32.63
CA GLY B 382 -0.42 -14.22 -34.00
C GLY B 382 0.85 -13.41 -34.14
N LEU B 383 1.83 -13.93 -34.88
CA LEU B 383 3.09 -13.25 -35.11
C LEU B 383 3.13 -12.85 -36.58
N ASP B 384 2.97 -11.56 -36.86
CA ASP B 384 3.06 -11.08 -38.22
C ASP B 384 4.51 -10.70 -38.53
N TRP B 385 4.75 -10.21 -39.74
CA TRP B 385 6.11 -9.92 -40.17
C TRP B 385 6.71 -8.75 -39.40
N LYS B 386 5.86 -7.86 -38.87
CA LYS B 386 6.39 -6.73 -38.10
C LYS B 386 6.89 -7.18 -36.74
N GLU B 387 6.13 -8.03 -36.04
CA GLU B 387 6.61 -8.55 -34.76
C GLU B 387 7.77 -9.50 -34.94
N SER B 388 7.88 -10.14 -36.09
CA SER B 388 9.01 -11.01 -36.38
C SER B 388 10.33 -10.25 -36.44
N ILE B 389 10.32 -9.04 -37.02
CA ILE B 389 11.53 -8.23 -37.09
C ILE B 389 11.99 -7.84 -35.69
N ILE B 390 11.06 -7.43 -34.83
CA ILE B 390 11.43 -7.10 -33.45
C ILE B 390 11.88 -8.33 -32.69
N LEU B 391 11.27 -9.49 -32.97
CA LEU B 391 11.72 -10.73 -32.35
C LEU B 391 13.16 -11.04 -32.73
N VAL B 392 13.50 -10.85 -34.00
CA VAL B 392 14.88 -11.08 -34.45
C VAL B 392 15.82 -10.06 -33.80
N TRP B 393 15.44 -8.79 -33.82
CA TRP B 393 16.36 -7.73 -33.41
C TRP B 393 16.55 -7.68 -31.90
N SER B 394 15.57 -8.13 -31.11
CA SER B 394 15.69 -8.14 -29.65
C SER B 394 16.46 -9.38 -29.19
N GLY B 395 17.61 -9.59 -29.81
CA GLY B 395 18.49 -10.67 -29.44
C GLY B 395 19.55 -10.20 -28.46
N LEU B 396 19.12 -9.65 -27.34
CA LEU B 396 20.05 -9.09 -26.37
C LEU B 396 20.70 -10.20 -25.55
N ARG B 397 22.02 -10.21 -25.52
CA ARG B 397 22.78 -11.11 -24.68
C ARG B 397 23.18 -10.38 -23.40
N GLY B 398 23.18 -11.10 -22.29
CA GLY B 398 23.39 -10.43 -21.02
C GLY B 398 24.26 -11.19 -20.03
N ALA B 399 23.87 -11.13 -18.77
CA ALA B 399 24.70 -11.66 -17.69
C ALA B 399 24.69 -13.17 -17.59
N VAL B 400 23.70 -13.85 -18.18
CA VAL B 400 23.70 -15.31 -18.14
C VAL B 400 24.81 -15.87 -19.03
N ALA B 401 24.89 -15.40 -20.27
CA ALA B 401 25.96 -15.81 -21.15
C ALA B 401 27.32 -15.37 -20.61
N LEU B 402 27.38 -14.16 -20.05
CA LEU B 402 28.62 -13.69 -19.44
C LEU B 402 29.04 -14.60 -18.30
N ALA B 403 28.11 -15.01 -17.45
CA ALA B 403 28.44 -15.88 -16.33
C ALA B 403 28.89 -17.26 -16.81
N LEU B 404 28.22 -17.81 -17.84
CA LEU B 404 28.61 -19.11 -18.36
C LEU B 404 30.01 -19.06 -18.95
N SER B 405 30.31 -18.03 -19.75
CA SER B 405 31.64 -17.91 -20.34
C SER B 405 32.69 -17.61 -19.28
N LEU B 406 32.32 -16.88 -18.23
CA LEU B 406 33.25 -16.63 -17.14
C LEU B 406 33.55 -17.90 -16.36
N SER B 407 32.55 -18.77 -16.20
CA SER B 407 32.80 -20.05 -15.55
C SER B 407 33.66 -20.96 -16.42
N VAL B 408 33.49 -20.87 -17.75
CA VAL B 408 34.36 -21.62 -18.65
C VAL B 408 35.79 -21.09 -18.58
N LYS B 409 35.95 -19.78 -18.54
CA LYS B 409 37.27 -19.17 -18.46
C LYS B 409 37.96 -19.51 -17.14
N GLN B 410 37.22 -19.44 -16.03
CA GLN B 410 37.83 -19.69 -14.73
C GLN B 410 38.21 -21.15 -14.57
N SER B 411 37.47 -22.05 -15.21
CA SER B 411 37.79 -23.47 -15.19
C SER B 411 38.77 -23.86 -16.30
N SER B 412 39.16 -22.92 -17.15
CA SER B 412 40.08 -23.24 -18.24
C SER B 412 41.51 -23.34 -17.73
N GLY B 413 42.39 -23.79 -18.61
CA GLY B 413 43.78 -24.03 -18.28
C GLY B 413 44.14 -25.49 -18.19
N ASN B 414 43.17 -26.39 -18.22
CA ASN B 414 43.44 -27.82 -18.18
C ASN B 414 43.63 -28.35 -19.61
N SER B 415 43.73 -29.67 -19.74
CA SER B 415 43.97 -30.28 -21.03
C SER B 415 42.76 -30.21 -21.95
N HIS B 416 41.55 -30.16 -21.40
CA HIS B 416 40.34 -30.20 -22.22
C HIS B 416 40.06 -28.83 -22.84
N ILE B 417 39.80 -27.82 -22.00
CA ILE B 417 39.62 -26.45 -22.44
C ILE B 417 40.87 -25.70 -22.04
N SER B 418 41.68 -25.32 -23.02
CA SER B 418 42.93 -24.64 -22.74
C SER B 418 42.67 -23.26 -22.16
N LYS B 419 43.71 -22.68 -21.56
CA LYS B 419 43.58 -21.33 -21.02
C LYS B 419 43.28 -20.33 -22.12
N GLU B 420 43.95 -20.48 -23.26
CA GLU B 420 43.71 -19.58 -24.39
C GLU B 420 42.27 -19.71 -24.89
N THR B 421 41.75 -20.93 -24.95
CA THR B 421 40.37 -21.16 -25.36
C THR B 421 39.35 -20.55 -24.41
N GLY B 422 39.50 -20.75 -23.10
CA GLY B 422 38.60 -20.17 -22.14
C GLY B 422 38.63 -18.66 -22.15
N THR B 423 39.84 -18.11 -22.29
CA THR B 423 39.96 -16.66 -22.45
C THR B 423 39.25 -16.20 -23.71
N LEU B 424 39.39 -16.96 -24.79
CA LEU B 424 38.67 -16.62 -26.03
C LEU B 424 37.17 -16.72 -25.84
N PHE B 425 36.69 -17.73 -25.12
CA PHE B 425 35.26 -17.83 -24.85
C PHE B 425 34.76 -16.61 -24.11
N LEU B 426 35.44 -16.23 -23.03
CA LEU B 426 35.01 -15.07 -22.26
C LEU B 426 35.09 -13.80 -23.09
N PHE B 427 36.16 -13.63 -23.86
CA PHE B 427 36.31 -12.43 -24.68
C PHE B 427 35.22 -12.34 -25.74
N PHE B 428 34.95 -13.44 -26.44
CA PHE B 428 33.93 -13.44 -27.47
C PHE B 428 32.55 -13.22 -26.88
N THR B 429 32.24 -13.87 -25.75
CA THR B 429 30.94 -13.69 -25.14
C THR B 429 30.76 -12.26 -24.63
N GLY B 430 31.79 -11.68 -24.02
CA GLY B 430 31.70 -10.30 -23.58
C GLY B 430 31.54 -9.33 -24.73
N GLY B 431 32.29 -9.55 -25.81
CA GLY B 431 32.13 -8.71 -26.98
C GLY B 431 30.77 -8.83 -27.62
N ILE B 432 30.22 -10.05 -27.65
CA ILE B 432 28.88 -10.23 -28.20
C ILE B 432 27.82 -9.59 -27.31
N VAL B 433 27.97 -9.72 -26.00
CA VAL B 433 27.04 -9.05 -25.09
C VAL B 433 27.10 -7.55 -25.30
N PHE B 434 28.30 -6.99 -25.37
CA PHE B 434 28.47 -5.55 -25.58
C PHE B 434 27.87 -5.12 -26.90
N LEU B 435 28.18 -5.83 -27.99
CA LEU B 435 27.72 -5.45 -29.30
C LEU B 435 26.20 -5.59 -29.42
N THR B 436 25.65 -6.68 -28.90
CA THR B 436 24.21 -6.85 -28.94
C THR B 436 23.51 -5.74 -28.15
N LEU B 437 24.00 -5.43 -26.96
CA LEU B 437 23.38 -4.36 -26.18
C LEU B 437 23.45 -3.03 -26.93
N ILE B 438 24.66 -2.61 -27.34
CA ILE B 438 24.83 -1.33 -28.00
C ILE B 438 24.00 -1.23 -29.27
N VAL B 439 24.10 -2.24 -30.15
CA VAL B 439 23.53 -2.13 -31.49
C VAL B 439 22.07 -2.60 -31.52
N ASN B 440 21.57 -3.19 -30.46
CA ASN B 440 20.24 -3.75 -30.44
C ASN B 440 19.31 -3.04 -29.47
N GLY B 441 19.72 -2.83 -28.22
CA GLY B 441 18.86 -2.12 -27.29
C GLY B 441 18.69 -0.67 -27.69
N SER B 442 19.73 -0.06 -28.26
CA SER B 442 19.67 1.33 -28.68
C SER B 442 18.97 1.52 -30.01
N THR B 443 18.85 0.47 -30.83
CA THR B 443 18.29 0.60 -32.17
C THR B 443 16.96 -0.10 -32.35
N THR B 444 16.55 -0.96 -31.42
CA THR B 444 15.23 -1.56 -31.52
C THR B 444 14.13 -0.54 -31.26
N GLN B 445 14.42 0.52 -30.52
CA GLN B 445 13.47 1.62 -30.41
C GLN B 445 13.26 2.29 -31.77
N PHE B 446 14.35 2.48 -32.53
CA PHE B 446 14.23 3.02 -33.87
C PHE B 446 13.46 2.08 -34.78
N VAL B 447 13.77 0.78 -34.70
CA VAL B 447 13.09 -0.20 -35.54
C VAL B 447 11.61 -0.30 -35.18
N LEU B 448 11.27 -0.06 -33.92
CA LEU B 448 9.87 -0.09 -33.49
C LEU B 448 9.14 1.18 -33.89
N ARG B 449 9.78 2.34 -33.78
CA ARG B 449 9.15 3.57 -34.26
C ARG B 449 9.01 3.54 -35.77
N LEU B 450 10.03 3.09 -36.48
CA LEU B 450 9.86 2.65 -37.85
C LEU B 450 8.92 1.44 -37.86
N LEU B 451 8.32 1.17 -39.01
CA LEU B 451 7.26 0.17 -39.18
C LEU B 451 5.96 0.60 -38.50
N ARG B 452 5.94 1.77 -37.84
CA ARG B 452 4.72 2.33 -37.24
C ARG B 452 4.09 1.36 -36.24
N MET B 453 4.90 0.88 -35.30
CA MET B 453 4.42 0.00 -34.24
C MET B 453 4.42 0.68 -32.87
N ASP B 454 4.72 1.97 -32.81
CA ASP B 454 4.70 2.72 -31.56
C ASP B 454 3.45 3.56 -31.39
N ILE B 455 2.55 3.55 -32.38
CA ILE B 455 1.38 4.43 -32.37
C ILE B 455 0.33 3.84 -31.43
N LEU B 456 -0.21 4.69 -30.56
CA LEU B 456 -1.21 4.26 -29.61
C LEU B 456 -2.60 4.36 -30.26
N PRO B 457 -3.37 3.28 -30.29
CA PRO B 457 -4.65 3.30 -31.00
C PRO B 457 -5.66 4.24 -30.35
N ALA B 458 -6.68 4.59 -31.13
CA ALA B 458 -7.64 5.60 -30.70
C ALA B 458 -8.38 5.23 -29.42
N PRO B 459 -8.90 4.01 -29.24
CA PRO B 459 -9.53 3.69 -27.94
C PRO B 459 -8.59 3.85 -26.76
N LYS B 460 -7.33 3.42 -26.92
CA LYS B 460 -6.37 3.55 -25.82
C LYS B 460 -6.02 5.01 -25.58
N LYS B 461 -5.93 5.82 -26.64
CA LYS B 461 -5.69 7.24 -26.47
C LYS B 461 -6.83 7.91 -25.73
N ARG B 462 -8.07 7.55 -26.08
CA ARG B 462 -9.23 8.07 -25.37
C ARG B 462 -9.21 7.67 -23.89
N ILE B 463 -8.84 6.42 -23.61
CA ILE B 463 -8.78 5.96 -22.23
C ILE B 463 -7.70 6.68 -21.45
N LEU B 464 -6.55 6.93 -22.08
CA LEU B 464 -5.48 7.67 -21.42
C LEU B 464 -5.91 9.11 -21.13
N GLU B 465 -6.60 9.74 -22.08
CA GLU B 465 -7.10 11.09 -21.83
C GLU B 465 -8.13 11.11 -20.72
N TYR B 466 -8.98 10.07 -20.65
CA TYR B 466 -9.92 9.99 -19.54
C TYR B 466 -9.21 9.87 -18.21
N THR B 467 -8.16 9.03 -18.15
CA THR B 467 -7.42 8.88 -16.91
C THR B 467 -6.76 10.18 -16.49
N LYS B 468 -6.18 10.91 -17.46
CA LYS B 468 -5.57 12.20 -17.12
C LYS B 468 -6.61 13.20 -16.65
N TYR B 469 -7.81 13.19 -17.27
CA TYR B 469 -8.89 14.05 -16.82
C TYR B 469 -9.31 13.71 -15.39
N GLU B 470 -9.42 12.42 -15.08
CA GLU B 470 -9.78 12.02 -13.72
C GLU B 470 -8.69 12.39 -12.73
N MET B 471 -7.42 12.33 -13.13
CA MET B 471 -6.34 12.78 -12.27
C MET B 471 -6.42 14.27 -12.01
N LEU B 472 -6.76 15.06 -13.03
CA LEU B 472 -7.01 16.49 -12.81
C LEU B 472 -8.15 16.70 -11.82
N ASN B 473 -9.24 15.95 -11.97
CA ASN B 473 -10.36 16.11 -11.06
C ASN B 473 -9.95 15.75 -9.63
N LYS B 474 -9.17 14.68 -9.46
CA LYS B 474 -8.69 14.30 -8.14
C LYS B 474 -7.80 15.38 -7.56
N ALA B 475 -6.92 15.97 -8.37
CA ALA B 475 -6.03 17.01 -7.88
C ALA B 475 -6.80 18.23 -7.42
N LEU B 476 -7.76 18.69 -8.23
CA LEU B 476 -8.57 19.83 -7.82
C LEU B 476 -9.41 19.52 -6.59
N ARG B 477 -9.97 18.31 -6.49
CA ARG B 477 -10.76 17.98 -5.32
C ARG B 477 -9.89 17.95 -4.06
N ALA B 478 -8.68 17.39 -4.17
CA ALA B 478 -7.75 17.45 -3.06
C ALA B 478 -7.36 18.89 -2.73
N PHE B 479 -7.43 19.78 -3.72
CA PHE B 479 -7.11 21.18 -3.44
C PHE B 479 -8.25 21.87 -2.70
N GLN B 480 -9.51 21.55 -3.04
CA GLN B 480 -10.61 22.06 -2.22
C GLN B 480 -10.54 21.52 -0.80
N ASP B 481 -10.28 20.22 -0.65
CA ASP B 481 -10.37 19.59 0.65
C ASP B 481 -9.34 20.12 1.64
N LEU B 482 -8.32 20.83 1.16
CA LEU B 482 -7.32 21.44 2.04
C LEU B 482 -7.24 22.95 1.90
N GLY B 483 -8.23 23.58 1.26
CA GLY B 483 -8.22 25.03 1.16
C GLY B 483 -8.77 25.76 2.35
N ASP B 484 -9.38 25.06 3.29
CA ASP B 484 -9.99 25.68 4.47
C ASP B 484 -9.03 25.53 5.66
N ASP B 485 -8.03 26.40 5.69
CA ASP B 485 -7.07 26.45 6.78
C ASP B 485 -6.92 27.89 7.25
N GLU B 486 -7.28 28.14 8.50
CA GLU B 486 -7.13 29.47 9.08
C GLU B 486 -5.76 29.72 9.67
N GLU B 487 -5.07 28.66 10.12
CA GLU B 487 -3.76 28.81 10.75
C GLU B 487 -2.65 28.98 9.72
N LEU B 488 -2.51 28.03 8.81
CA LEU B 488 -1.49 28.13 7.77
C LEU B 488 -1.87 29.18 6.72
N GLY B 489 -3.15 29.23 6.37
CA GLY B 489 -3.62 30.18 5.38
C GLY B 489 -4.03 29.49 4.10
N PRO B 490 -3.97 30.22 2.99
CA PRO B 490 -4.29 29.63 1.69
C PRO B 490 -3.06 29.05 1.00
N ALA B 491 -3.30 28.01 0.21
CA ALA B 491 -2.25 27.43 -0.59
C ALA B 491 -2.06 28.23 -1.88
N ASP B 492 -1.09 27.80 -2.68
CA ASP B 492 -0.80 28.42 -3.97
C ASP B 492 -1.13 27.40 -5.05
N TRP B 493 -2.25 27.59 -5.74
CA TRP B 493 -2.61 26.68 -6.82
C TRP B 493 -1.58 26.65 -7.95
N PRO B 494 -1.00 27.79 -8.40
CA PRO B 494 -0.01 27.71 -9.47
C PRO B 494 1.13 26.75 -9.19
N THR B 495 1.60 26.69 -7.94
CA THR B 495 2.66 25.76 -7.59
C THR B 495 2.20 24.31 -7.67
N VAL B 496 1.02 24.03 -7.13
CA VAL B 496 0.48 22.67 -7.19
C VAL B 496 0.29 22.24 -8.64
N GLU B 497 -0.21 23.14 -9.47
CA GLU B 497 -0.36 22.88 -10.90
C GLU B 497 0.99 22.63 -11.57
N SER B 498 2.00 23.41 -11.19
CA SER B 498 3.35 23.23 -11.68
C SER B 498 3.84 21.82 -11.38
N TYR B 499 3.54 21.32 -10.19
CA TYR B 499 3.95 19.98 -9.81
C TYR B 499 3.11 18.88 -10.46
N ILE B 500 2.00 19.23 -11.12
CA ILE B 500 1.18 18.25 -11.80
C ILE B 500 0.94 18.69 -13.24
N SER B 501 1.90 19.44 -13.81
CA SER B 501 1.76 20.04 -15.12
C SER B 501 2.08 19.07 -16.25
N SER B 502 2.06 17.77 -15.97
CA SER B 502 2.27 16.76 -17.00
C SER B 502 1.02 15.89 -17.19
N LEU B 503 -0.15 16.41 -16.85
CA LEU B 503 -1.37 15.63 -16.85
C LEU B 503 -2.40 16.21 -17.81
N ASP B 524 -21.87 10.77 -33.72
CA ASP B 524 -21.44 9.83 -32.68
C ASP B 524 -22.47 8.72 -32.43
N PRO B 525 -23.73 9.06 -32.09
CA PRO B 525 -24.68 8.03 -31.69
C PRO B 525 -25.21 7.16 -32.82
N LYS B 526 -24.70 7.32 -34.05
CA LYS B 526 -25.19 6.55 -35.18
C LYS B 526 -24.20 5.52 -35.70
N SER B 527 -22.92 5.63 -35.33
CA SER B 527 -21.93 4.67 -35.80
C SER B 527 -21.85 3.50 -34.83
N LEU B 528 -22.03 2.28 -35.37
CA LEU B 528 -22.05 1.09 -34.55
C LEU B 528 -20.69 0.82 -33.91
N LYS B 529 -19.61 1.17 -34.61
CA LYS B 529 -18.27 0.96 -34.07
C LYS B 529 -18.04 1.79 -32.82
N ASP B 530 -18.40 3.06 -32.84
CA ASP B 530 -18.18 3.92 -31.68
C ASP B 530 -19.09 3.51 -30.52
N ILE B 531 -20.31 3.06 -30.82
CA ILE B 531 -21.20 2.62 -29.75
C ILE B 531 -20.67 1.34 -29.10
N ARG B 532 -20.12 0.43 -29.91
CA ARG B 532 -19.47 -0.75 -29.35
C ARG B 532 -18.28 -0.36 -28.49
N MET B 533 -17.50 0.62 -28.95
CA MET B 533 -16.35 1.09 -28.18
C MET B 533 -16.78 1.69 -26.84
N ARG B 534 -17.86 2.47 -26.85
CA ARG B 534 -18.40 3.01 -25.62
C ARG B 534 -18.90 1.92 -24.68
N PHE B 535 -19.56 0.90 -25.24
CA PHE B 535 -20.03 -0.21 -24.41
C PHE B 535 -18.86 -0.93 -23.76
N LEU B 536 -17.79 -1.17 -24.52
CA LEU B 536 -16.63 -1.85 -23.96
C LEU B 536 -15.92 -0.97 -22.93
N ASN B 537 -15.95 0.35 -23.13
CA ASN B 537 -15.46 1.25 -22.09
C ASN B 537 -16.29 1.16 -20.83
N GLY B 538 -17.59 1.01 -20.97
CA GLY B 538 -18.44 0.81 -19.80
C GLY B 538 -18.15 -0.50 -19.08
N VAL B 539 -17.89 -1.55 -19.84
CA VAL B 539 -17.51 -2.83 -19.25
C VAL B 539 -16.18 -2.69 -18.50
N GLN B 540 -15.22 -1.98 -19.10
CA GLN B 540 -13.96 -1.69 -18.43
C GLN B 540 -14.18 -0.94 -17.14
N ALA B 541 -15.04 0.08 -17.18
CA ALA B 541 -15.32 0.86 -15.98
C ALA B 541 -15.97 0.01 -14.90
N THR B 542 -16.85 -0.90 -15.29
CA THR B 542 -17.48 -1.77 -14.29
C THR B 542 -16.49 -2.74 -13.68
N TYR B 543 -15.57 -3.28 -14.49
CA TYR B 543 -14.51 -4.12 -13.95
C TYR B 543 -13.66 -3.33 -12.97
N TRP B 544 -13.33 -2.08 -13.31
CA TRP B 544 -12.57 -1.22 -12.41
C TRP B 544 -13.32 -1.00 -11.10
N GLU B 545 -14.63 -0.73 -11.21
CA GLU B 545 -15.43 -0.48 -10.02
C GLU B 545 -15.50 -1.70 -9.11
N MET B 546 -15.67 -2.89 -9.69
CA MET B 546 -15.76 -4.07 -8.84
C MET B 546 -14.41 -4.49 -8.28
N LEU B 547 -13.32 -4.21 -9.00
CA LEU B 547 -12.00 -4.40 -8.38
C LEU B 547 -11.80 -3.45 -7.22
N ASP B 548 -12.21 -2.19 -7.37
CA ASP B 548 -12.08 -1.23 -6.28
C ASP B 548 -12.92 -1.63 -5.08
N GLU B 549 -14.16 -2.08 -5.32
CA GLU B 549 -15.02 -2.49 -4.23
C GLU B 549 -14.66 -3.85 -3.67
N GLY B 550 -13.78 -4.60 -4.33
CA GLY B 550 -13.33 -5.87 -3.82
C GLY B 550 -14.10 -7.08 -4.30
N ARG B 551 -15.00 -6.92 -5.27
CA ARG B 551 -15.74 -8.06 -5.78
C ARG B 551 -14.85 -9.02 -6.57
N ILE B 552 -13.79 -8.53 -7.20
CA ILE B 552 -12.87 -9.38 -7.93
C ILE B 552 -11.45 -9.06 -7.49
N SER B 553 -10.58 -10.05 -7.60
CA SER B 553 -9.19 -9.91 -7.22
C SER B 553 -8.40 -9.26 -8.35
N GLU B 554 -7.12 -8.98 -8.08
CA GLU B 554 -6.30 -8.27 -9.06
C GLU B 554 -5.99 -9.16 -10.26
N VAL B 555 -5.84 -10.46 -10.06
CA VAL B 555 -5.59 -11.36 -11.19
C VAL B 555 -6.83 -11.50 -12.06
N THR B 556 -8.00 -11.66 -11.43
CA THR B 556 -9.25 -11.71 -12.19
C THR B 556 -9.49 -10.39 -12.92
N ALA B 557 -9.21 -9.27 -12.24
CA ALA B 557 -9.35 -7.97 -12.87
C ALA B 557 -8.43 -7.84 -14.08
N ASN B 558 -7.19 -8.29 -13.95
CA ASN B 558 -6.26 -8.22 -15.07
C ASN B 558 -6.74 -9.07 -16.24
N ILE B 559 -7.24 -10.27 -15.95
CA ILE B 559 -7.73 -11.15 -17.02
C ILE B 559 -8.90 -10.48 -17.75
N LEU B 560 -9.86 -9.96 -16.99
CA LEU B 560 -11.03 -9.33 -17.60
C LEU B 560 -10.66 -8.09 -18.39
N MET B 561 -9.78 -7.26 -17.84
CA MET B 561 -9.37 -6.04 -18.51
C MET B 561 -8.60 -6.35 -19.79
N GLN B 562 -7.77 -7.39 -19.76
CA GLN B 562 -7.07 -7.81 -20.97
C GLN B 562 -8.06 -8.30 -22.02
N SER B 563 -9.09 -9.03 -21.60
CA SER B 563 -10.12 -9.46 -22.55
C SER B 563 -10.82 -8.26 -23.19
N VAL B 564 -11.14 -7.24 -22.39
CA VAL B 564 -11.80 -6.07 -22.94
C VAL B 564 -10.86 -5.32 -23.88
N ASP B 565 -9.58 -5.23 -23.51
CA ASP B 565 -8.61 -4.56 -24.38
C ASP B 565 -8.49 -5.27 -25.72
N GLU B 566 -8.48 -6.61 -25.69
CA GLU B 566 -8.50 -7.37 -26.93
C GLU B 566 -9.76 -7.06 -27.73
N ALA B 567 -10.92 -7.02 -27.05
CA ALA B 567 -12.17 -6.75 -27.74
C ALA B 567 -12.25 -5.35 -28.32
N LEU B 568 -11.49 -4.41 -27.77
CA LEU B 568 -11.55 -3.02 -28.23
C LEU B 568 -10.92 -2.82 -29.60
N ASP B 569 -10.21 -3.83 -30.12
CA ASP B 569 -9.65 -3.76 -31.46
C ASP B 569 -10.58 -4.32 -32.52
N GLN B 570 -11.56 -5.14 -32.14
CA GLN B 570 -12.53 -5.70 -33.07
C GLN B 570 -13.91 -5.05 -32.91
N VAL B 571 -13.94 -3.79 -32.47
CA VAL B 571 -15.20 -3.07 -32.31
C VAL B 571 -15.88 -2.86 -33.66
N SER B 572 -15.14 -2.94 -34.76
CA SER B 572 -15.77 -2.90 -36.07
C SER B 572 -16.71 -4.08 -36.27
N THR B 573 -16.30 -5.25 -35.79
CA THR B 573 -17.12 -6.46 -35.82
C THR B 573 -17.85 -6.63 -34.49
N THR B 574 -18.45 -7.80 -34.30
CA THR B 574 -19.24 -8.07 -33.10
C THR B 574 -18.37 -7.99 -31.86
N LEU B 575 -19.00 -7.70 -30.72
CA LEU B 575 -18.30 -7.68 -29.44
C LEU B 575 -17.62 -9.03 -29.18
N CYS B 576 -16.30 -9.00 -29.09
CA CYS B 576 -15.50 -10.20 -28.83
C CYS B 576 -14.93 -10.21 -27.42
N ASP B 577 -15.68 -9.65 -26.46
CA ASP B 577 -15.19 -9.56 -25.09
C ASP B 577 -14.98 -10.94 -24.48
N TRP B 578 -15.86 -11.89 -24.77
CA TRP B 578 -15.76 -13.23 -24.21
C TRP B 578 -14.66 -14.07 -24.86
N ARG B 579 -14.18 -13.65 -26.03
CA ARG B 579 -13.16 -14.43 -26.72
C ARG B 579 -11.89 -14.53 -25.88
N GLY B 580 -11.48 -13.44 -25.24
CA GLY B 580 -10.31 -13.46 -24.39
C GLY B 580 -10.53 -14.14 -23.05
N LEU B 581 -11.77 -14.43 -22.69
CA LEU B 581 -12.09 -15.13 -21.46
C LEU B 581 -12.35 -16.62 -21.65
N LYS B 582 -12.63 -17.03 -22.88
CA LYS B 582 -12.83 -18.45 -23.16
C LYS B 582 -11.67 -19.33 -22.73
N PRO B 583 -10.40 -18.95 -22.94
CA PRO B 583 -9.30 -19.80 -22.44
C PRO B 583 -9.34 -20.03 -20.94
N HIS B 584 -9.80 -19.06 -20.16
CA HIS B 584 -9.82 -19.16 -18.70
C HIS B 584 -11.09 -19.78 -18.15
N VAL B 585 -12.08 -20.05 -18.99
CA VAL B 585 -13.36 -20.59 -18.55
C VAL B 585 -13.58 -21.90 -19.30
N ASN B 586 -13.31 -23.02 -18.63
CA ASN B 586 -13.49 -24.34 -19.22
C ASN B 586 -14.03 -25.29 -18.17
N PHE B 587 -14.80 -26.29 -18.63
CA PHE B 587 -15.41 -27.30 -17.78
C PHE B 587 -15.11 -28.67 -18.39
N PRO B 588 -13.90 -29.19 -18.19
CA PRO B 588 -13.48 -30.39 -18.91
C PRO B 588 -14.29 -31.64 -18.60
N ASN B 589 -14.36 -32.05 -17.33
CA ASN B 589 -15.07 -33.27 -16.98
C ASN B 589 -15.35 -33.26 -15.49
N TYR B 590 -16.29 -34.13 -15.08
CA TYR B 590 -16.72 -34.23 -13.69
C TYR B 590 -16.85 -35.69 -13.28
N TYR B 591 -15.81 -36.48 -13.57
CA TYR B 591 -15.79 -37.88 -13.15
C TYR B 591 -15.76 -38.05 -11.64
N ASN B 592 -15.78 -36.97 -10.86
CA ASN B 592 -15.79 -37.09 -9.41
C ASN B 592 -17.08 -37.70 -8.88
N PHE B 593 -18.13 -37.80 -9.71
CA PHE B 593 -19.39 -38.40 -9.30
C PHE B 593 -19.59 -39.80 -9.87
N LEU B 594 -18.56 -40.39 -10.47
CA LEU B 594 -18.63 -41.75 -10.99
C LEU B 594 -18.01 -42.76 -10.03
N HIS B 595 -18.19 -42.52 -8.73
CA HIS B 595 -17.65 -43.30 -7.62
C HIS B 595 -16.13 -43.18 -7.51
N SER B 596 -15.49 -42.41 -8.39
CA SER B 596 -14.03 -42.24 -8.29
C SER B 596 -13.65 -41.55 -6.99
N LYS B 597 -14.40 -40.51 -6.60
CA LYS B 597 -14.11 -39.80 -5.37
C LYS B 597 -15.37 -39.48 -4.57
N VAL B 598 -16.44 -40.25 -4.74
CA VAL B 598 -17.64 -40.03 -3.93
C VAL B 598 -17.50 -40.63 -2.54
N VAL B 599 -16.55 -41.54 -2.34
CA VAL B 599 -16.31 -42.10 -1.00
C VAL B 599 -15.96 -41.00 0.00
N PRO B 600 -15.02 -40.08 -0.29
CA PRO B 600 -14.87 -38.94 0.62
C PRO B 600 -16.10 -38.05 0.61
N ARG B 601 -16.57 -37.67 -0.59
CA ARG B 601 -17.62 -36.68 -0.79
C ARG B 601 -17.15 -35.33 -0.26
N LYS B 602 -15.92 -35.28 0.27
CA LYS B 602 -15.35 -34.25 1.11
C LYS B 602 -14.14 -33.60 0.45
N LEU B 603 -13.32 -34.38 -0.25
CA LEU B 603 -12.32 -33.84 -1.15
C LEU B 603 -12.93 -33.34 -2.46
N VAL B 604 -14.07 -33.89 -2.87
CA VAL B 604 -14.66 -33.54 -4.17
C VAL B 604 -14.93 -32.05 -4.25
N THR B 605 -15.48 -31.47 -3.17
CA THR B 605 -15.70 -30.03 -3.16
C THR B 605 -14.39 -29.28 -3.26
N TYR B 606 -13.33 -29.79 -2.61
CA TYR B 606 -12.04 -29.13 -2.66
C TYR B 606 -11.50 -29.06 -4.08
N PHE B 607 -11.46 -30.20 -4.77
CA PHE B 607 -10.96 -30.20 -6.14
C PHE B 607 -11.85 -29.38 -7.07
N ALA B 608 -13.18 -29.47 -6.89
CA ALA B 608 -14.07 -28.70 -7.75
C ALA B 608 -13.88 -27.21 -7.55
N VAL B 609 -13.73 -26.76 -6.30
CA VAL B 609 -13.55 -25.34 -6.04
C VAL B 609 -12.20 -24.87 -6.57
N GLU B 610 -11.13 -25.59 -6.25
CA GLU B 610 -9.81 -25.18 -6.73
C GLU B 610 -9.72 -25.25 -8.25
N ARG B 611 -10.58 -26.05 -8.88
CA ARG B 611 -10.57 -26.27 -10.30
C ARG B 611 -11.52 -25.35 -11.06
N LEU B 612 -12.54 -24.82 -10.37
CA LEU B 612 -13.53 -23.94 -10.98
C LEU B 612 -13.63 -22.59 -10.26
N GLU B 613 -12.61 -22.20 -9.50
CA GLU B 613 -12.69 -20.97 -8.73
C GLU B 613 -12.55 -19.75 -9.63
N SER B 614 -11.41 -19.63 -10.31
CA SER B 614 -11.15 -18.45 -11.13
C SER B 614 -12.14 -18.37 -12.29
N ALA B 615 -12.51 -19.53 -12.85
CA ALA B 615 -13.47 -19.52 -13.95
C ALA B 615 -14.83 -19.00 -13.51
N CYS B 616 -15.28 -19.39 -12.32
CA CYS B 616 -16.55 -18.89 -11.80
C CYS B 616 -16.48 -17.40 -11.54
N TYR B 617 -15.36 -16.92 -10.99
CA TYR B 617 -15.18 -15.48 -10.79
C TYR B 617 -15.24 -14.73 -12.11
N ILE B 618 -14.54 -15.25 -13.12
CA ILE B 618 -14.49 -14.58 -14.42
C ILE B 618 -15.88 -14.55 -15.04
N SER B 619 -16.60 -15.67 -14.98
CA SER B 619 -17.93 -15.73 -15.57
C SER B 619 -18.90 -14.79 -14.85
N ALA B 620 -18.91 -14.80 -13.53
CA ALA B 620 -19.81 -13.94 -12.77
C ALA B 620 -19.48 -12.47 -12.99
N ALA B 621 -18.20 -12.11 -13.00
CA ALA B 621 -17.81 -10.73 -13.22
C ALA B 621 -18.14 -10.29 -14.63
N PHE B 622 -17.94 -11.16 -15.63
CA PHE B 622 -18.29 -10.84 -17.00
C PHE B 622 -19.78 -10.57 -17.13
N LEU B 623 -20.61 -11.46 -16.57
CA LEU B 623 -22.05 -11.28 -16.67
C LEU B 623 -22.51 -10.02 -15.94
N ARG B 624 -21.98 -9.79 -14.74
CA ARG B 624 -22.37 -8.60 -13.99
C ARG B 624 -21.96 -7.32 -14.70
N ALA B 625 -20.73 -7.26 -15.21
CA ALA B 625 -20.26 -6.06 -15.89
C ALA B 625 -21.02 -5.83 -17.19
N HIS B 626 -21.38 -6.91 -17.89
CA HIS B 626 -22.14 -6.72 -19.12
C HIS B 626 -23.56 -6.26 -18.83
N THR B 627 -24.18 -6.77 -17.77
CA THR B 627 -25.50 -6.27 -17.37
C THR B 627 -25.43 -4.79 -17.01
N ILE B 628 -24.42 -4.42 -16.21
CA ILE B 628 -24.30 -3.03 -15.78
C ILE B 628 -24.02 -2.11 -16.97
N ALA B 629 -23.10 -2.50 -17.85
CA ALA B 629 -22.80 -1.68 -19.01
C ALA B 629 -23.96 -1.64 -19.99
N ARG B 630 -24.78 -2.69 -20.03
CA ARG B 630 -25.96 -2.70 -20.88
C ARG B 630 -26.98 -1.69 -20.38
N GLN B 631 -27.22 -1.67 -19.08
CA GLN B 631 -28.11 -0.67 -18.50
C GLN B 631 -27.55 0.74 -18.69
N GLN B 632 -26.24 0.91 -18.53
CA GLN B 632 -25.62 2.22 -18.70
C GLN B 632 -25.71 2.71 -20.14
N LEU B 633 -25.49 1.82 -21.10
CA LEU B 633 -25.62 2.19 -22.50
C LEU B 633 -27.06 2.50 -22.86
N TYR B 634 -28.02 1.84 -22.21
CA TYR B 634 -29.41 2.22 -22.41
C TYR B 634 -29.69 3.62 -21.85
N ASP B 635 -29.04 3.98 -20.74
CA ASP B 635 -29.24 5.31 -20.18
C ASP B 635 -28.54 6.39 -21.01
N PHE B 636 -27.36 6.06 -21.56
CA PHE B 636 -26.60 7.05 -22.32
C PHE B 636 -27.19 7.28 -23.71
N LEU B 637 -27.67 6.22 -24.36
CA LEU B 637 -28.22 6.36 -25.70
C LEU B 637 -29.74 6.49 -25.72
N GLY B 638 -30.42 5.95 -24.71
CA GLY B 638 -31.86 6.09 -24.58
C GLY B 638 -32.68 5.08 -25.36
N GLU B 639 -32.87 5.30 -26.66
CA GLU B 639 -33.71 4.42 -27.45
C GLU B 639 -33.19 4.16 -28.85
N SER B 640 -31.98 4.57 -29.18
CA SER B 640 -31.48 4.44 -30.54
C SER B 640 -31.34 2.97 -30.92
N ASN B 641 -31.59 2.67 -32.20
CA ASN B 641 -31.55 1.29 -32.66
C ASN B 641 -30.13 0.73 -32.63
N ILE B 642 -29.11 1.58 -32.77
CA ILE B 642 -27.74 1.11 -32.66
C ILE B 642 -27.45 0.65 -31.23
N GLY B 643 -27.94 1.40 -30.26
CA GLY B 643 -27.80 0.97 -28.87
C GLY B 643 -28.48 -0.37 -28.62
N SER B 644 -29.66 -0.57 -29.18
CA SER B 644 -30.35 -1.85 -29.04
C SER B 644 -29.58 -2.96 -29.74
N ILE B 645 -28.94 -2.64 -30.87
CA ILE B 645 -28.13 -3.64 -31.56
C ILE B 645 -26.96 -4.08 -30.69
N VAL B 646 -26.26 -3.13 -30.08
CA VAL B 646 -25.13 -3.48 -29.22
C VAL B 646 -25.62 -4.21 -27.98
N ILE B 647 -26.78 -3.82 -27.45
CA ILE B 647 -27.34 -4.49 -26.28
C ILE B 647 -27.64 -5.95 -26.58
N ASN B 648 -28.26 -6.20 -27.74
CA ASN B 648 -28.55 -7.57 -28.12
C ASN B 648 -27.27 -8.35 -28.42
N GLU B 649 -26.27 -7.67 -28.99
CA GLU B 649 -24.97 -8.32 -29.19
C GLU B 649 -24.38 -8.79 -27.88
N SER B 650 -24.42 -7.93 -26.87
CA SER B 650 -23.88 -8.30 -25.55
C SER B 650 -24.69 -9.43 -24.93
N GLU B 651 -26.02 -9.38 -25.07
CA GLU B 651 -26.85 -10.44 -24.51
C GLU B 651 -26.57 -11.79 -25.18
N LYS B 652 -26.38 -11.79 -26.51
CA LYS B 652 -26.04 -13.02 -27.20
C LYS B 652 -24.63 -13.49 -26.82
N GLU B 653 -23.72 -12.55 -26.58
CA GLU B 653 -22.35 -12.93 -26.25
C GLU B 653 -22.26 -13.53 -24.86
N GLY B 654 -23.08 -13.06 -23.93
CA GLY B 654 -23.00 -13.53 -22.56
C GLY B 654 -23.66 -14.87 -22.29
N GLU B 655 -23.77 -15.71 -23.32
CA GLU B 655 -24.41 -17.01 -23.17
C GLU B 655 -23.45 -18.11 -22.73
N GLU B 656 -22.19 -18.05 -23.14
CA GLU B 656 -21.24 -19.09 -22.76
C GLU B 656 -20.92 -19.03 -21.27
N ALA B 657 -20.85 -17.82 -20.71
CA ALA B 657 -20.67 -17.70 -19.27
C ALA B 657 -21.85 -18.27 -18.50
N LYS B 658 -23.06 -18.02 -18.96
CA LYS B 658 -24.24 -18.59 -18.31
C LYS B 658 -24.26 -20.11 -18.44
N LYS B 659 -23.84 -20.63 -19.60
CA LYS B 659 -23.76 -22.08 -19.76
C LYS B 659 -22.73 -22.69 -18.81
N PHE B 660 -21.58 -22.02 -18.65
CA PHE B 660 -20.59 -22.52 -17.72
C PHE B 660 -21.11 -22.51 -16.29
N LEU B 661 -21.80 -21.43 -15.90
CA LEU B 661 -22.34 -21.37 -14.55
C LEU B 661 -23.42 -22.41 -14.34
N GLU B 662 -24.19 -22.71 -15.40
CA GLU B 662 -25.15 -23.81 -15.33
C GLU B 662 -24.47 -25.16 -15.15
N LYS B 663 -23.36 -25.38 -15.86
CA LYS B 663 -22.61 -26.62 -15.69
C LYS B 663 -22.10 -26.75 -14.26
N VAL B 664 -21.59 -25.64 -13.71
CA VAL B 664 -21.13 -25.66 -12.32
C VAL B 664 -22.29 -25.94 -11.36
N ARG B 665 -23.43 -25.30 -11.59
CA ARG B 665 -24.60 -25.49 -10.73
C ARG B 665 -25.11 -26.93 -10.78
N SER B 666 -25.14 -27.52 -11.96
CA SER B 666 -25.69 -28.87 -12.13
C SER B 666 -24.71 -29.90 -11.59
N SER B 667 -23.48 -29.90 -12.10
CA SER B 667 -22.48 -30.87 -11.70
C SER B 667 -22.13 -30.72 -10.23
N PHE B 668 -21.78 -29.51 -9.80
CA PHE B 668 -21.33 -29.29 -8.43
C PHE B 668 -22.20 -28.26 -7.74
N PRO B 669 -23.33 -28.65 -7.14
CA PRO B 669 -24.27 -27.68 -6.59
C PRO B 669 -23.74 -26.87 -5.41
N GLN B 670 -22.64 -27.29 -4.78
CA GLN B 670 -22.15 -26.62 -3.58
C GLN B 670 -20.96 -25.70 -3.86
N VAL B 671 -20.41 -25.71 -5.08
CA VAL B 671 -19.21 -24.95 -5.36
C VAL B 671 -19.46 -23.45 -5.42
N LEU B 672 -20.57 -22.99 -6.01
CA LEU B 672 -20.78 -21.55 -6.10
C LEU B 672 -21.00 -20.92 -4.74
N ARG B 673 -21.64 -21.64 -3.82
CA ARG B 673 -21.78 -21.12 -2.46
C ARG B 673 -20.41 -20.92 -1.82
N VAL B 674 -19.52 -21.90 -1.96
CA VAL B 674 -18.18 -21.80 -1.39
C VAL B 674 -17.40 -20.69 -2.07
N VAL B 675 -17.50 -20.58 -3.39
CA VAL B 675 -16.76 -19.58 -4.14
C VAL B 675 -17.23 -18.17 -3.77
N LYS B 676 -18.53 -17.97 -3.69
CA LYS B 676 -19.07 -16.66 -3.30
C LYS B 676 -18.68 -16.33 -1.88
N THR B 677 -18.75 -17.29 -0.96
CA THR B 677 -18.36 -17.04 0.42
C THR B 677 -16.89 -16.67 0.51
N LYS B 678 -16.03 -17.39 -0.23
CA LYS B 678 -14.60 -17.10 -0.23
C LYS B 678 -14.33 -15.69 -0.76
N GLN B 679 -15.00 -15.31 -1.84
CA GLN B 679 -14.83 -13.96 -2.38
C GLN B 679 -15.24 -12.90 -1.36
N VAL B 680 -16.40 -13.10 -0.73
CA VAL B 680 -16.91 -12.10 0.20
C VAL B 680 -15.98 -11.96 1.39
N THR B 681 -15.55 -13.07 1.97
CA THR B 681 -14.69 -12.99 3.15
C THR B 681 -13.28 -12.52 2.78
N TYR B 682 -12.83 -12.76 1.55
CA TYR B 682 -11.56 -12.23 1.12
C TYR B 682 -11.62 -10.71 1.06
N SER B 683 -12.68 -10.16 0.47
CA SER B 683 -12.85 -8.71 0.44
C SER B 683 -12.99 -8.14 1.84
N VAL B 684 -13.73 -8.85 2.70
CA VAL B 684 -13.90 -8.40 4.09
C VAL B 684 -12.57 -8.30 4.79
N LEU B 685 -11.74 -9.34 4.65
CA LEU B 685 -10.44 -9.35 5.33
C LEU B 685 -9.49 -8.33 4.72
N ASN B 686 -9.59 -8.06 3.41
CA ASN B 686 -8.77 -6.98 2.84
C ASN B 686 -9.19 -5.62 3.38
N HIS B 687 -10.49 -5.39 3.53
CA HIS B 687 -10.94 -4.13 4.11
C HIS B 687 -10.44 -3.99 5.53
N LEU B 688 -10.47 -5.09 6.29
CA LEU B 688 -9.91 -5.07 7.64
C LEU B 688 -8.41 -4.80 7.63
N LEU B 689 -7.70 -5.36 6.65
CA LEU B 689 -6.27 -5.06 6.53
C LEU B 689 -6.03 -3.58 6.26
N GLY B 690 -6.82 -2.99 5.37
CA GLY B 690 -6.68 -1.57 5.11
C GLY B 690 -6.92 -0.73 6.35
N TYR B 691 -7.96 -1.09 7.11
CA TYR B 691 -8.24 -0.38 8.35
C TYR B 691 -7.08 -0.52 9.34
N ILE B 692 -6.52 -1.72 9.46
CA ILE B 692 -5.42 -1.94 10.39
C ILE B 692 -4.16 -1.20 9.93
N GLU B 693 -3.93 -1.13 8.62
CA GLU B 693 -2.80 -0.35 8.12
C GLU B 693 -2.96 1.13 8.45
N ASN B 694 -4.17 1.67 8.29
CA ASN B 694 -4.39 3.05 8.70
C ASN B 694 -4.20 3.22 10.21
N LEU B 695 -4.62 2.24 11.00
CA LEU B 695 -4.39 2.30 12.44
C LEU B 695 -2.90 2.29 12.78
N GLU B 696 -2.12 1.49 12.06
CA GLU B 696 -0.69 1.43 12.29
C GLU B 696 -0.01 2.74 11.90
N LYS B 697 -0.43 3.33 10.78
CA LYS B 697 0.18 4.58 10.34
C LYS B 697 -0.05 5.70 11.35
N VAL B 698 -1.26 5.79 11.89
CA VAL B 698 -1.58 6.88 12.81
C VAL B 698 -1.00 6.63 14.20
N GLY B 699 -0.64 5.40 14.52
CA GLY B 699 -0.11 5.09 15.84
C GLY B 699 -1.11 5.29 16.95
N LEU B 700 -2.37 5.00 16.66
CA LEU B 700 -3.46 5.19 17.61
C LEU B 700 -3.57 4.09 18.66
N LEU B 701 -3.28 2.86 18.30
CA LEU B 701 -3.39 1.73 19.21
C LEU B 701 -2.02 1.34 19.77
N GLU B 702 -2.05 0.59 20.87
CA GLU B 702 -0.82 0.01 21.38
C GLU B 702 -0.24 -0.96 20.36
N GLU B 703 1.09 -0.99 20.27
CA GLU B 703 1.73 -1.83 19.28
C GLU B 703 1.56 -3.32 19.55
N LYS B 704 1.07 -3.70 20.73
CA LYS B 704 0.76 -5.09 21.00
C LYS B 704 -0.67 -5.44 20.59
N GLU B 705 -1.61 -4.52 20.76
CA GLU B 705 -2.99 -4.76 20.34
C GLU B 705 -3.13 -4.69 18.83
N ILE B 706 -2.51 -3.68 18.20
CA ILE B 706 -2.60 -3.57 16.76
C ILE B 706 -1.88 -4.73 16.08
N ALA B 707 -0.78 -5.20 16.68
CA ALA B 707 -0.11 -6.38 16.14
C ALA B 707 -1.00 -7.61 16.26
N HIS B 708 -1.75 -7.73 17.36
CA HIS B 708 -2.66 -8.85 17.51
C HIS B 708 -3.77 -8.79 16.46
N LEU B 709 -4.32 -7.60 16.21
CA LEU B 709 -5.34 -7.47 15.17
C LEU B 709 -4.79 -7.81 13.80
N HIS B 710 -3.58 -7.32 13.50
CA HIS B 710 -2.95 -7.63 12.22
C HIS B 710 -2.71 -9.13 12.08
N ASP B 711 -2.23 -9.77 13.13
CA ASP B 711 -2.00 -11.21 13.09
C ASP B 711 -3.30 -11.96 12.88
N ALA B 712 -4.37 -11.54 13.55
CA ALA B 712 -5.66 -12.22 13.40
C ALA B 712 -6.16 -12.11 11.97
N VAL B 713 -6.11 -10.91 11.38
CA VAL B 713 -6.63 -10.73 10.03
C VAL B 713 -5.75 -11.47 9.01
N GLN B 714 -4.43 -11.40 9.17
CA GLN B 714 -3.56 -12.08 8.23
C GLN B 714 -3.67 -13.60 8.36
N THR B 715 -3.87 -14.10 9.58
CA THR B 715 -4.12 -15.52 9.76
C THR B 715 -5.43 -15.94 9.09
N GLY B 716 -6.46 -15.10 9.21
CA GLY B 716 -7.70 -15.39 8.50
C GLY B 716 -7.51 -15.44 7.00
N LEU B 717 -6.72 -14.52 6.46
CA LEU B 717 -6.48 -14.52 5.02
C LEU B 717 -5.67 -15.74 4.58
N LYS B 718 -4.65 -16.12 5.36
CA LYS B 718 -3.88 -17.31 4.99
C LYS B 718 -4.71 -18.57 5.10
N LYS B 719 -5.60 -18.64 6.09
CA LYS B 719 -6.48 -19.79 6.22
C LYS B 719 -7.53 -19.83 5.12
N LEU B 720 -7.94 -18.66 4.61
CA LEU B 720 -8.77 -18.63 3.40
C LEU B 720 -8.02 -19.20 2.22
N LEU B 721 -6.94 -18.54 1.82
CA LEU B 721 -6.24 -18.92 0.60
C LEU B 721 -5.58 -20.29 0.70
N ARG B 722 -5.49 -20.85 1.91
CA ARG B 722 -5.00 -22.20 2.09
C ARG B 722 -6.05 -23.22 1.66
N ASN B 723 -7.26 -23.09 2.19
CA ASN B 723 -8.30 -24.09 2.04
C ASN B 723 -9.62 -23.37 1.73
N PRO B 724 -10.38 -23.83 0.74
CA PRO B 724 -11.67 -23.21 0.48
C PRO B 724 -12.56 -23.29 1.71
N PRO B 725 -13.39 -22.29 1.94
CA PRO B 725 -14.23 -22.28 3.14
C PRO B 725 -15.13 -23.51 3.18
N ILE B 726 -15.28 -24.06 4.39
CA ILE B 726 -16.15 -25.23 4.59
C ILE B 726 -17.54 -24.66 4.85
N VAL B 727 -18.30 -24.50 3.77
CA VAL B 727 -19.65 -23.96 3.85
C VAL B 727 -20.63 -25.11 3.94
N LYS B 728 -21.48 -25.08 4.97
CA LYS B 728 -22.46 -26.15 5.15
C LYS B 728 -23.51 -26.06 4.05
N LEU B 729 -23.78 -27.18 3.40
CA LEU B 729 -24.78 -27.20 2.34
C LEU B 729 -26.16 -27.04 2.96
N PRO B 730 -26.90 -25.98 2.63
CA PRO B 730 -28.18 -25.73 3.32
C PRO B 730 -29.25 -26.72 2.88
N LYS B 731 -29.92 -27.31 3.84
CA LYS B 731 -31.07 -28.16 3.58
C LYS B 731 -32.28 -27.28 3.29
N LEU B 732 -33.46 -27.88 3.20
CA LEU B 732 -34.65 -27.06 2.99
C LEU B 732 -35.02 -26.28 4.24
N SER B 733 -34.81 -26.86 5.42
CA SER B 733 -35.23 -26.20 6.66
C SER B 733 -34.48 -24.89 6.88
N ASP B 734 -33.15 -24.92 6.81
CA ASP B 734 -32.40 -23.69 7.04
C ASP B 734 -32.50 -22.72 5.87
N MET B 735 -32.81 -23.20 4.66
CA MET B 735 -33.12 -22.26 3.59
C MET B 735 -34.43 -21.54 3.84
N ILE B 736 -35.43 -22.25 4.36
CA ILE B 736 -36.67 -21.59 4.79
C ILE B 736 -36.36 -20.57 5.87
N THR B 737 -35.63 -20.97 6.91
CA THR B 737 -35.38 -20.08 8.03
C THR B 737 -34.46 -18.93 7.67
N SER B 738 -33.73 -19.02 6.56
CA SER B 738 -32.90 -17.92 6.08
C SER B 738 -33.60 -17.05 5.04
N HIS B 739 -34.86 -17.37 4.72
CA HIS B 739 -35.56 -16.53 3.75
C HIS B 739 -36.26 -15.38 4.48
N PRO B 740 -36.31 -14.20 3.86
CA PRO B 740 -36.97 -13.06 4.53
C PRO B 740 -38.44 -13.30 4.83
N LEU B 741 -39.10 -14.23 4.13
CA LEU B 741 -40.49 -14.54 4.45
C LEU B 741 -40.63 -15.33 5.74
N SER B 742 -39.55 -15.90 6.28
CA SER B 742 -39.65 -16.76 7.44
C SER B 742 -40.05 -16.03 8.71
N VAL B 743 -39.90 -14.69 8.76
CA VAL B 743 -40.37 -13.97 9.94
C VAL B 743 -41.89 -14.01 10.02
N ALA B 744 -42.57 -13.95 8.88
CA ALA B 744 -44.02 -14.09 8.88
C ALA B 744 -44.46 -15.52 9.14
N LEU B 745 -43.68 -16.49 8.69
CA LEU B 745 -44.06 -17.89 8.85
C LEU B 745 -43.72 -18.37 10.25
N PRO B 746 -44.70 -18.84 11.03
CA PRO B 746 -44.44 -19.22 12.43
C PRO B 746 -43.63 -20.50 12.51
N PRO B 747 -42.93 -20.74 13.62
CA PRO B 747 -42.16 -21.98 13.75
C PRO B 747 -43.02 -23.23 13.67
N ALA B 748 -44.29 -23.15 14.06
CA ALA B 748 -45.19 -24.31 13.94
C ALA B 748 -45.36 -24.70 12.48
N PHE B 749 -45.53 -23.72 11.59
CA PHE B 749 -45.59 -23.98 10.16
C PHE B 749 -44.24 -24.34 9.58
N CYS B 750 -43.14 -24.03 10.29
CA CYS B 750 -41.80 -24.26 9.77
C CYS B 750 -41.31 -25.68 9.96
N GLU B 751 -41.99 -26.49 10.77
CA GLU B 751 -41.48 -27.82 11.06
C GLU B 751 -42.43 -28.96 10.72
N PRO B 752 -42.97 -29.05 9.49
CA PRO B 752 -43.61 -30.32 9.09
C PRO B 752 -42.54 -31.28 8.56
N LEU B 753 -41.84 -31.92 9.48
CA LEU B 753 -40.62 -32.68 9.18
C LEU B 753 -39.60 -31.79 8.48
N LYS B 754 -39.48 -30.56 8.96
CA LYS B 754 -38.62 -29.54 8.37
C LYS B 754 -38.97 -29.29 6.91
N HIS B 755 -40.28 -29.29 6.65
CA HIS B 755 -40.83 -29.06 5.31
C HIS B 755 -40.19 -30.00 4.29
N SER B 756 -40.29 -31.31 4.52
CA SER B 756 -39.62 -32.28 3.66
C SER B 756 -40.46 -32.60 2.43
N LYS B 757 -40.05 -33.65 1.70
CA LYS B 757 -40.80 -34.21 0.58
C LYS B 757 -40.77 -33.33 -0.66
N LYS B 758 -40.16 -32.14 -0.55
CA LYS B 758 -40.03 -31.27 -1.71
C LYS B 758 -38.57 -30.93 -1.98
N GLU B 759 -38.14 -31.21 -3.21
CA GLU B 759 -36.79 -30.80 -3.59
C GLU B 759 -36.80 -29.36 -4.09
N PRO B 760 -36.01 -28.48 -3.47
CA PRO B 760 -36.00 -27.07 -3.90
C PRO B 760 -35.47 -26.85 -5.30
N MET B 761 -34.74 -27.81 -5.86
CA MET B 761 -34.10 -27.64 -7.16
C MET B 761 -35.15 -27.54 -8.26
N LYS B 762 -35.02 -26.52 -9.11
CA LYS B 762 -35.80 -26.39 -10.33
C LYS B 762 -34.84 -26.15 -11.48
N LEU B 763 -35.01 -26.91 -12.56
CA LEU B 763 -34.12 -26.81 -13.70
C LEU B 763 -34.37 -25.51 -14.46
N ARG B 764 -33.39 -25.11 -15.25
CA ARG B 764 -33.53 -23.91 -16.08
C ARG B 764 -34.60 -24.13 -17.14
N GLY B 765 -35.42 -23.11 -17.36
CA GLY B 765 -36.51 -23.20 -18.31
C GLY B 765 -37.81 -23.73 -17.75
N VAL B 766 -37.87 -24.04 -16.46
CA VAL B 766 -39.10 -24.49 -15.84
C VAL B 766 -39.90 -23.28 -15.40
N THR B 767 -41.14 -23.18 -15.86
CA THR B 767 -42.00 -22.07 -15.48
C THR B 767 -42.40 -22.22 -14.02
N LEU B 768 -42.38 -21.10 -13.29
CA LEU B 768 -42.84 -21.12 -11.90
C LEU B 768 -44.35 -20.99 -11.84
N TYR B 769 -44.90 -19.97 -12.50
CA TYR B 769 -46.34 -19.89 -12.67
C TYR B 769 -46.66 -19.08 -13.93
N LYS B 770 -47.76 -19.42 -14.58
CA LYS B 770 -48.17 -18.78 -15.81
C LYS B 770 -48.92 -17.49 -15.51
N GLU B 771 -48.77 -16.52 -16.41
CA GLU B 771 -49.49 -15.26 -16.26
C GLU B 771 -50.98 -15.46 -16.47
N GLY B 772 -51.77 -14.76 -15.66
CA GLY B 772 -53.22 -14.83 -15.77
C GLY B 772 -53.81 -15.98 -14.99
N SER B 773 -52.95 -16.83 -14.43
CA SER B 773 -53.41 -17.95 -13.63
C SER B 773 -53.85 -17.47 -12.25
N LYS B 774 -54.62 -18.33 -11.58
CA LYS B 774 -55.10 -18.03 -10.23
C LYS B 774 -53.96 -18.07 -9.22
N PRO B 775 -54.06 -17.29 -8.15
CA PRO B 775 -52.99 -17.30 -7.14
C PRO B 775 -52.95 -18.60 -6.36
N THR B 776 -52.47 -19.67 -7.00
CA THR B 776 -52.37 -20.97 -6.36
C THR B 776 -51.35 -21.00 -5.22
N GLY B 777 -50.41 -20.07 -5.20
CA GLY B 777 -49.43 -20.01 -4.14
C GLY B 777 -48.33 -19.04 -4.49
N VAL B 778 -47.38 -18.93 -3.57
CA VAL B 778 -46.22 -18.07 -3.76
C VAL B 778 -44.98 -18.94 -3.81
N TRP B 779 -43.92 -18.40 -4.41
CA TRP B 779 -42.67 -19.12 -4.58
C TRP B 779 -41.57 -18.38 -3.84
N LEU B 780 -40.75 -19.12 -3.08
CA LEU B 780 -39.62 -18.58 -2.35
C LEU B 780 -38.34 -18.88 -3.13
N ILE B 781 -37.60 -17.84 -3.48
CA ILE B 781 -36.36 -17.99 -4.25
C ILE B 781 -35.20 -17.92 -3.27
N PHE B 782 -34.62 -19.08 -2.94
CA PHE B 782 -33.44 -19.14 -2.09
C PHE B 782 -32.15 -18.95 -2.87
N ASP B 783 -32.14 -19.26 -4.15
CA ASP B 783 -30.97 -19.14 -5.00
C ASP B 783 -31.46 -19.19 -6.43
N GLY B 784 -30.58 -18.81 -7.35
CA GLY B 784 -30.91 -18.87 -8.75
C GLY B 784 -31.50 -17.58 -9.29
N ILE B 785 -31.99 -17.67 -10.53
CA ILE B 785 -32.49 -16.53 -11.29
C ILE B 785 -33.84 -16.92 -11.89
N VAL B 786 -34.81 -16.01 -11.81
CA VAL B 786 -36.10 -16.19 -12.46
C VAL B 786 -36.39 -14.99 -13.34
N LYS B 787 -36.77 -15.24 -14.59
CA LYS B 787 -37.17 -14.21 -15.53
C LYS B 787 -38.68 -14.00 -15.46
N TRP B 788 -39.11 -12.76 -15.62
CA TRP B 788 -40.53 -12.44 -15.66
C TRP B 788 -40.88 -11.77 -16.98
N LYS B 789 -41.97 -12.24 -17.59
CA LYS B 789 -42.48 -11.68 -18.84
C LYS B 789 -43.95 -11.32 -18.65
N SER B 790 -44.35 -10.17 -19.17
CA SER B 790 -45.74 -9.74 -19.06
C SER B 790 -46.03 -8.70 -20.12
N LYS B 791 -46.85 -9.07 -21.11
CA LYS B 791 -47.30 -8.08 -22.09
C LYS B 791 -48.40 -7.20 -21.52
N ILE B 792 -49.20 -7.72 -20.58
CA ILE B 792 -50.25 -6.91 -19.97
C ILE B 792 -49.64 -5.76 -19.17
N LEU B 793 -48.63 -6.06 -18.36
CA LEU B 793 -47.98 -5.03 -17.56
C LEU B 793 -47.16 -4.10 -18.45
N SER B 794 -47.08 -2.84 -18.05
CA SER B 794 -46.28 -1.84 -18.76
C SER B 794 -44.82 -2.11 -18.47
N ASN B 795 -44.29 -3.14 -19.13
CA ASN B 795 -42.92 -3.59 -18.94
C ASN B 795 -41.95 -2.96 -19.93
N ASN B 796 -42.24 -1.74 -20.38
CA ASN B 796 -41.43 -1.10 -21.40
C ASN B 796 -40.00 -0.90 -20.90
N HIS B 797 -39.04 -1.28 -21.75
CA HIS B 797 -37.61 -1.08 -21.50
C HIS B 797 -37.15 -1.77 -20.21
N SER B 798 -37.76 -2.91 -19.91
CA SER B 798 -37.32 -3.76 -18.81
C SER B 798 -36.12 -4.56 -19.33
N LEU B 799 -34.93 -4.02 -19.12
CA LEU B 799 -33.73 -4.59 -19.71
C LEU B 799 -33.21 -5.81 -18.98
N HIS B 800 -33.41 -5.88 -17.67
CA HIS B 800 -32.96 -7.01 -16.85
C HIS B 800 -34.10 -7.46 -15.95
N PRO B 801 -35.09 -8.17 -16.51
CA PRO B 801 -36.19 -8.67 -15.67
C PRO B 801 -35.75 -9.89 -14.88
N THR B 802 -35.50 -9.74 -13.58
CA THR B 802 -34.84 -10.80 -12.84
C THR B 802 -35.09 -10.65 -11.35
N PHE B 803 -35.39 -11.77 -10.70
CA PHE B 803 -35.40 -11.87 -9.25
C PHE B 803 -34.43 -12.98 -8.84
N SER B 804 -33.85 -12.83 -7.65
CA SER B 804 -32.75 -13.67 -7.22
C SER B 804 -33.02 -14.14 -5.80
N HIS B 805 -31.97 -14.67 -5.17
CA HIS B 805 -32.06 -15.19 -3.81
C HIS B 805 -32.65 -14.16 -2.86
N GLY B 806 -33.30 -14.65 -1.81
CA GLY B 806 -33.96 -13.77 -0.86
C GLY B 806 -35.13 -13.02 -1.44
N SER B 807 -35.90 -13.66 -2.32
CA SER B 807 -37.06 -13.04 -2.93
C SER B 807 -38.21 -14.02 -2.92
N THR B 808 -39.41 -13.52 -2.64
CA THR B 808 -40.61 -14.33 -2.68
C THR B 808 -41.59 -13.71 -3.67
N LEU B 809 -42.17 -14.54 -4.53
CA LEU B 809 -42.89 -14.07 -5.70
C LEU B 809 -44.30 -14.63 -5.71
N GLY B 810 -45.28 -13.72 -5.80
CA GLY B 810 -46.68 -14.09 -5.81
C GLY B 810 -47.46 -13.63 -4.59
N LEU B 811 -46.83 -12.95 -3.62
CA LEU B 811 -47.58 -12.47 -2.45
C LEU B 811 -48.68 -11.50 -2.87
N TYR B 812 -48.39 -10.63 -3.83
CA TYR B 812 -49.39 -9.68 -4.29
C TYR B 812 -50.66 -10.39 -4.76
N GLU B 813 -50.49 -11.49 -5.48
CA GLU B 813 -51.65 -12.18 -6.04
C GLU B 813 -52.45 -12.90 -4.96
N VAL B 814 -51.78 -13.63 -4.07
CA VAL B 814 -52.50 -14.37 -3.04
C VAL B 814 -53.16 -13.42 -2.05
N LEU B 815 -52.52 -12.29 -1.77
CA LEU B 815 -53.10 -11.33 -0.83
C LEU B 815 -54.29 -10.59 -1.42
N THR B 816 -54.31 -10.41 -2.75
CA THR B 816 -55.40 -9.70 -3.41
C THR B 816 -56.37 -10.61 -4.14
N GLY B 817 -55.92 -11.79 -4.56
CA GLY B 817 -56.73 -12.66 -5.38
C GLY B 817 -56.67 -12.39 -6.86
N LYS B 818 -55.97 -11.33 -7.27
CA LYS B 818 -55.87 -10.99 -8.67
C LYS B 818 -55.02 -12.03 -9.41
N PRO B 819 -55.26 -12.21 -10.71
CA PRO B 819 -54.47 -13.17 -11.47
C PRO B 819 -52.99 -12.79 -11.52
N TYR B 820 -52.17 -13.78 -11.81
CA TYR B 820 -50.72 -13.61 -11.88
C TYR B 820 -50.35 -12.52 -12.87
N LEU B 821 -49.62 -11.51 -12.40
CA LEU B 821 -49.31 -10.34 -13.21
C LEU B 821 -48.21 -10.59 -14.24
N CYS B 822 -47.28 -11.49 -13.96
CA CYS B 822 -46.16 -11.73 -14.86
C CYS B 822 -45.87 -13.23 -14.93
N ASP B 823 -45.17 -13.61 -16.00
CA ASP B 823 -44.86 -15.00 -16.31
C ASP B 823 -43.44 -15.30 -15.87
N LEU B 824 -43.29 -16.19 -14.89
CA LEU B 824 -41.98 -16.58 -14.37
C LEU B 824 -41.51 -17.87 -15.00
N ILE B 825 -40.29 -17.84 -15.51
CA ILE B 825 -39.57 -19.03 -15.97
C ILE B 825 -38.20 -18.99 -15.33
N THR B 826 -37.72 -20.15 -14.87
CA THR B 826 -36.42 -20.19 -14.23
C THR B 826 -35.32 -19.97 -15.27
N ASP B 827 -34.45 -19.00 -15.00
CA ASP B 827 -33.31 -18.73 -15.86
C ASP B 827 -32.05 -19.44 -15.40
N SER B 828 -32.14 -20.24 -14.35
CA SER B 828 -30.98 -20.97 -13.85
C SER B 828 -31.48 -22.14 -13.01
N MET B 829 -30.53 -22.85 -12.40
CA MET B 829 -30.85 -23.89 -11.42
C MET B 829 -31.33 -23.20 -10.15
N VAL B 830 -32.65 -23.11 -10.00
CA VAL B 830 -33.24 -22.34 -8.91
C VAL B 830 -33.56 -23.26 -7.74
N LEU B 831 -33.10 -22.88 -6.55
CA LEU B 831 -33.51 -23.52 -5.31
C LEU B 831 -34.77 -22.80 -4.85
N CYS B 832 -35.93 -23.32 -5.24
CA CYS B 832 -37.20 -22.65 -5.02
C CYS B 832 -38.17 -23.57 -4.27
N PHE B 833 -38.90 -22.98 -3.33
CA PHE B 833 -39.87 -23.70 -2.52
C PHE B 833 -41.25 -23.10 -2.75
N PHE B 834 -42.26 -23.96 -2.79
CA PHE B 834 -43.65 -23.58 -2.95
C PHE B 834 -44.39 -23.75 -1.63
N ILE B 835 -44.98 -22.66 -1.15
CA ILE B 835 -45.90 -22.67 -0.01
C ILE B 835 -47.28 -22.25 -0.50
N ASP B 836 -48.30 -22.99 -0.07
CA ASP B 836 -49.63 -22.82 -0.64
C ASP B 836 -50.25 -21.50 -0.18
N SER B 837 -51.23 -21.02 -0.96
CA SER B 837 -51.88 -19.75 -0.63
C SER B 837 -52.65 -19.84 0.69
N GLU B 838 -53.11 -21.04 1.05
CA GLU B 838 -53.83 -21.21 2.32
C GLU B 838 -52.93 -20.87 3.50
N LYS B 839 -51.67 -21.31 3.47
CA LYS B 839 -50.74 -20.98 4.55
C LYS B 839 -50.50 -19.48 4.61
N ILE B 840 -50.34 -18.83 3.45
CA ILE B 840 -50.08 -17.40 3.43
C ILE B 840 -51.33 -16.62 3.86
N LEU B 841 -52.50 -17.02 3.35
CA LEU B 841 -53.73 -16.32 3.71
C LEU B 841 -54.09 -16.51 5.17
N SER B 842 -53.82 -17.69 5.73
CA SER B 842 -54.08 -17.92 7.15
C SER B 842 -53.19 -17.06 8.04
N LEU B 843 -52.13 -16.48 7.48
CA LEU B 843 -51.25 -15.61 8.25
C LEU B 843 -51.79 -14.19 8.37
N GLN B 844 -52.92 -13.88 7.73
CA GLN B 844 -53.45 -12.53 7.73
C GLN B 844 -54.25 -12.19 8.98
N SER B 845 -54.08 -12.94 10.07
CA SER B 845 -54.82 -12.66 11.29
C SER B 845 -54.34 -11.38 11.94
N ASP B 846 -53.03 -11.20 12.08
CA ASP B 846 -52.47 -10.05 12.76
C ASP B 846 -52.21 -8.91 11.77
N SER B 847 -52.13 -7.70 12.30
CA SER B 847 -51.88 -6.51 11.50
C SER B 847 -50.39 -6.18 11.40
N THR B 848 -49.55 -6.77 12.24
CA THR B 848 -48.11 -6.60 12.13
C THR B 848 -47.54 -7.45 11.01
N ILE B 849 -48.17 -8.59 10.74
CA ILE B 849 -47.73 -9.47 9.65
C ILE B 849 -48.34 -9.06 8.32
N ASP B 850 -49.56 -8.52 8.32
CA ASP B 850 -50.16 -8.02 7.09
C ASP B 850 -49.33 -6.87 6.50
N ASP B 851 -48.84 -5.98 7.37
CA ASP B 851 -47.99 -4.90 6.90
C ASP B 851 -46.75 -5.45 6.21
N PHE B 852 -46.11 -6.44 6.81
CA PHE B 852 -44.89 -7.00 6.24
C PHE B 852 -45.17 -7.71 4.92
N LEU B 853 -46.28 -8.45 4.84
CA LEU B 853 -46.61 -9.13 3.59
C LEU B 853 -46.89 -8.13 2.47
N TRP B 854 -47.62 -7.06 2.78
CA TRP B 854 -47.89 -6.06 1.75
C TRP B 854 -46.63 -5.29 1.38
N GLN B 855 -45.67 -5.17 2.31
CA GLN B 855 -44.40 -4.54 1.97
C GLN B 855 -43.57 -5.42 1.04
N GLU B 856 -43.63 -6.74 1.25
CA GLU B 856 -42.99 -7.66 0.32
C GLU B 856 -43.61 -7.54 -1.07
N SER B 857 -44.94 -7.49 -1.12
CA SER B 857 -45.63 -7.27 -2.38
C SER B 857 -45.20 -5.94 -3.01
N ALA B 858 -44.99 -4.93 -2.18
CA ALA B 858 -44.52 -3.63 -2.66
C ALA B 858 -43.14 -3.76 -3.29
N LEU B 859 -42.25 -4.53 -2.67
CA LEU B 859 -40.94 -4.81 -3.25
C LEU B 859 -41.06 -5.41 -4.64
N VAL B 860 -41.85 -6.48 -4.73
CA VAL B 860 -41.98 -7.21 -6.00
C VAL B 860 -42.57 -6.32 -7.07
N LEU B 861 -43.60 -5.54 -6.72
CA LEU B 861 -44.23 -4.66 -7.72
C LEU B 861 -43.38 -3.44 -8.05
N LEU B 862 -42.54 -2.99 -7.12
CA LEU B 862 -41.59 -1.92 -7.44
C LEU B 862 -40.62 -2.40 -8.51
N LYS B 863 -40.11 -3.63 -8.37
CA LYS B 863 -39.27 -4.15 -9.43
C LYS B 863 -40.08 -4.58 -10.66
N LEU B 864 -41.40 -4.70 -10.53
CA LEU B 864 -42.24 -5.06 -11.66
C LEU B 864 -42.85 -3.85 -12.35
N LEU B 865 -43.63 -3.03 -11.62
CA LEU B 865 -44.35 -1.91 -12.22
C LEU B 865 -43.40 -0.80 -12.67
N ARG B 866 -42.36 -0.53 -11.90
CA ARG B 866 -41.43 0.54 -12.24
C ARG B 866 -40.03 -0.04 -12.39
N PRO B 867 -39.71 -0.64 -13.55
CA PRO B 867 -38.37 -1.21 -13.74
C PRO B 867 -37.34 -0.21 -14.25
N GLN B 868 -37.74 0.98 -14.66
CA GLN B 868 -36.81 1.98 -15.14
C GLN B 868 -35.89 2.51 -14.05
N ILE B 869 -36.23 2.30 -12.78
CA ILE B 869 -35.43 2.76 -11.66
C ILE B 869 -35.05 1.60 -10.76
N PHE B 870 -36.01 0.72 -10.48
CA PHE B 870 -35.88 -0.26 -9.41
C PHE B 870 -35.44 -1.65 -9.90
N GLU B 871 -35.06 -1.80 -11.16
CA GLU B 871 -34.49 -3.09 -11.56
C GLU B 871 -32.98 -3.12 -11.42
N SER B 872 -32.32 -1.97 -11.57
CA SER B 872 -30.88 -1.88 -11.33
C SER B 872 -30.57 -1.49 -9.89
N VAL B 873 -31.23 -2.15 -8.94
CA VAL B 873 -30.96 -1.99 -7.51
C VAL B 873 -31.15 -3.36 -6.87
N ALA B 874 -30.34 -3.65 -5.86
CA ALA B 874 -30.48 -4.91 -5.15
C ALA B 874 -31.81 -4.97 -4.42
N MET B 875 -32.26 -6.19 -4.14
CA MET B 875 -33.45 -6.35 -3.31
C MET B 875 -33.07 -6.47 -1.84
N GLN B 876 -31.95 -5.83 -1.50
CA GLN B 876 -31.56 -5.56 -0.12
C GLN B 876 -31.60 -4.06 0.09
N GLU B 877 -31.12 -3.29 -0.89
CA GLU B 877 -31.28 -1.85 -0.88
C GLU B 877 -32.74 -1.46 -1.00
N LEU B 878 -33.51 -2.19 -1.82
CA LEU B 878 -34.93 -1.92 -1.97
C LEU B 878 -35.67 -2.28 -0.68
N ARG B 879 -35.22 -3.35 -0.01
CA ARG B 879 -35.76 -3.66 1.31
C ARG B 879 -35.44 -2.57 2.33
N ALA B 880 -34.24 -1.98 2.25
CA ALA B 880 -33.93 -0.84 3.10
C ALA B 880 -34.87 0.32 2.80
N LEU B 881 -35.14 0.57 1.51
CA LEU B 881 -36.02 1.66 1.12
C LEU B 881 -37.43 1.45 1.65
N VAL B 882 -37.96 0.24 1.53
CA VAL B 882 -39.32 -0.02 1.98
C VAL B 882 -39.42 -0.11 3.51
N SER B 883 -38.40 -0.65 4.17
CA SER B 883 -38.42 -0.89 5.60
C SER B 883 -38.14 0.36 6.42
N THR B 884 -37.80 1.47 5.76
CA THR B 884 -37.52 2.70 6.48
C THR B 884 -38.77 3.18 7.23
N GLU B 885 -38.56 3.74 8.43
CA GLU B 885 -39.67 4.26 9.22
C GLU B 885 -40.45 5.33 8.47
N SER B 886 -39.81 6.02 7.53
CA SER B 886 -40.48 7.07 6.77
C SER B 886 -41.47 6.50 5.76
N SER B 887 -41.33 5.24 5.36
CA SER B 887 -42.29 4.60 4.48
C SER B 887 -43.52 4.17 5.27
N LYS B 888 -44.70 4.40 4.69
CA LYS B 888 -45.94 4.20 5.42
C LYS B 888 -46.93 3.41 4.57
N LEU B 889 -47.37 2.27 5.10
CA LEU B 889 -48.46 1.52 4.50
C LEU B 889 -49.79 1.97 5.12
N THR B 890 -50.75 2.30 4.27
CA THR B 890 -52.02 2.85 4.74
C THR B 890 -53.22 2.26 4.03
N THR B 891 -54.21 1.81 4.79
CA THR B 891 -55.51 1.49 4.24
C THR B 891 -56.36 2.75 4.21
N TYR B 892 -56.86 3.11 3.03
CA TYR B 892 -57.50 4.41 2.81
C TYR B 892 -58.98 4.21 2.57
N VAL B 893 -59.80 4.87 3.39
CA VAL B 893 -61.26 4.81 3.30
C VAL B 893 -61.71 5.50 2.02
N THR B 894 -62.83 5.05 1.46
CA THR B 894 -63.35 5.62 0.23
C THR B 894 -63.56 7.13 0.37
N GLY B 895 -63.15 7.86 -0.66
CA GLY B 895 -63.32 9.30 -0.72
C GLY B 895 -62.15 10.11 -0.21
N GLU B 896 -61.14 9.47 0.37
CA GLU B 896 -59.99 10.20 0.87
C GLU B 896 -59.02 10.52 -0.27
N SER B 897 -57.89 11.12 0.09
CA SER B 897 -56.84 11.44 -0.87
C SER B 897 -55.51 10.86 -0.38
N ILE B 898 -54.66 10.51 -1.34
CA ILE B 898 -53.35 9.93 -1.06
C ILE B 898 -52.30 11.01 -1.29
N GLU B 899 -51.35 11.10 -0.36
CA GLU B 899 -50.40 12.21 -0.34
C GLU B 899 -49.06 11.78 -0.96
N ILE B 900 -49.06 11.68 -2.29
CA ILE B 900 -47.80 11.60 -3.01
C ILE B 900 -47.25 13.00 -3.19
N ASP B 901 -45.94 13.14 -3.08
CA ASP B 901 -45.33 14.46 -3.00
C ASP B 901 -43.95 14.42 -3.66
N CYS B 902 -43.21 15.51 -3.51
CA CYS B 902 -41.85 15.58 -4.01
C CYS B 902 -40.92 14.71 -3.18
N ASN B 903 -39.86 14.21 -3.83
CA ASN B 903 -38.83 13.39 -3.18
C ASN B 903 -39.42 12.13 -2.55
N SER B 904 -40.46 11.58 -3.16
CA SER B 904 -41.07 10.35 -2.66
C SER B 904 -41.85 9.70 -3.79
N ILE B 905 -42.17 8.41 -3.59
CA ILE B 905 -42.93 7.63 -4.56
C ILE B 905 -43.98 6.82 -3.80
N GLY B 906 -45.00 6.41 -4.53
CA GLY B 906 -46.06 5.59 -3.97
C GLY B 906 -46.50 4.54 -4.96
N LEU B 907 -47.14 3.49 -4.44
CA LEU B 907 -47.56 2.37 -5.25
C LEU B 907 -48.89 1.86 -4.71
N LEU B 908 -49.90 1.83 -5.59
CA LEU B 908 -51.22 1.35 -5.19
C LEU B 908 -51.19 -0.17 -5.05
N LEU B 909 -51.78 -0.67 -3.97
CA LEU B 909 -51.79 -2.10 -3.68
C LEU B 909 -53.13 -2.75 -4.05
N GLU B 910 -54.22 -2.27 -3.47
CA GLU B 910 -55.53 -2.89 -3.68
C GLU B 910 -56.59 -1.83 -3.53
N GLY B 911 -57.31 -1.56 -4.61
CA GLY B 911 -58.35 -0.56 -4.62
C GLY B 911 -58.39 0.17 -5.95
N PHE B 912 -59.08 1.30 -5.97
CA PHE B 912 -59.24 2.11 -7.15
C PHE B 912 -59.02 3.57 -6.80
N VAL B 913 -58.48 4.33 -7.76
CA VAL B 913 -58.08 5.72 -7.54
C VAL B 913 -58.42 6.53 -8.78
N LYS B 914 -58.85 7.78 -8.59
CA LYS B 914 -59.13 8.70 -9.70
C LYS B 914 -58.38 10.01 -9.50
N PRO B 915 -57.74 10.52 -10.55
CA PRO B 915 -56.87 11.70 -10.39
C PRO B 915 -57.64 13.01 -10.56
N VAL B 916 -56.87 14.11 -10.51
CA VAL B 916 -57.38 15.47 -10.62
C VAL B 916 -56.78 16.12 -11.85
N GLY B 917 -57.61 16.82 -12.62
CA GLY B 917 -57.16 17.58 -13.76
C GLY B 917 -57.04 16.80 -15.05
N ILE B 918 -57.25 15.49 -15.01
CA ILE B 918 -57.20 14.64 -16.18
C ILE B 918 -58.54 13.93 -16.29
N LYS B 919 -58.84 13.44 -17.50
CA LYS B 919 -60.10 12.74 -17.72
C LYS B 919 -60.22 11.55 -16.77
N GLU B 920 -61.43 11.37 -16.24
CA GLU B 920 -61.68 10.37 -15.20
C GLU B 920 -61.21 8.98 -15.63
N GLU B 921 -60.20 8.46 -14.95
CA GLU B 921 -59.61 7.17 -15.27
C GLU B 921 -59.71 6.26 -14.06
N LEU B 922 -60.08 5.00 -14.29
CA LEU B 922 -60.19 4.00 -13.23
C LEU B 922 -58.91 3.17 -13.22
N ILE B 923 -57.93 3.67 -12.47
CA ILE B 923 -56.62 3.02 -12.42
C ILE B 923 -56.73 1.70 -11.67
N SER B 924 -56.13 0.65 -12.24
CA SER B 924 -56.19 -0.68 -11.65
C SER B 924 -55.40 -0.72 -10.34
N SER B 925 -55.47 -1.86 -9.66
CA SER B 925 -54.84 -1.97 -8.33
C SER B 925 -53.32 -1.83 -8.37
N PRO B 926 -52.58 -2.47 -9.29
CA PRO B 926 -51.14 -2.17 -9.35
C PRO B 926 -50.91 -0.93 -10.20
N ALA B 927 -50.39 0.14 -9.58
CA ALA B 927 -50.36 1.42 -10.27
C ALA B 927 -48.99 2.08 -10.29
N ALA B 928 -48.21 1.92 -9.21
CA ALA B 928 -46.97 2.66 -9.05
C ALA B 928 -47.23 4.16 -9.21
N LEU B 929 -48.01 4.72 -8.30
CA LEU B 929 -48.51 6.09 -8.40
C LEU B 929 -47.37 7.07 -8.21
N SER B 930 -46.94 7.68 -9.30
CA SER B 930 -45.82 8.62 -9.40
C SER B 930 -46.32 10.05 -9.58
N PRO B 931 -45.61 11.03 -9.04
CA PRO B 931 -46.04 12.43 -9.20
C PRO B 931 -45.95 12.87 -10.65
N SER B 932 -47.10 13.27 -11.21
CA SER B 932 -47.13 13.79 -12.56
C SER B 932 -46.47 15.17 -12.64
N ASN B 933 -46.67 15.99 -11.59
CA ASN B 933 -46.10 17.33 -11.53
C ASN B 933 -44.80 17.38 -10.75
N GLY B 934 -44.31 16.24 -10.27
CA GLY B 934 -43.07 16.21 -9.50
C GLY B 934 -43.29 16.35 -8.00
N GLN B 958 -55.12 15.66 -6.32
CA GLN B 958 -54.76 14.51 -7.14
C GLN B 958 -55.10 13.20 -6.46
N TYR B 959 -55.54 12.22 -7.25
CA TYR B 959 -55.72 10.85 -6.78
C TYR B 959 -56.69 10.74 -5.61
N ILE B 960 -57.97 11.05 -5.85
CA ILE B 960 -58.99 10.80 -4.83
C ILE B 960 -59.21 9.31 -4.73
N VAL B 961 -59.25 8.79 -3.50
CA VAL B 961 -59.54 7.38 -3.28
C VAL B 961 -60.96 7.07 -3.73
N GLU B 962 -61.09 6.09 -4.62
CA GLU B 962 -62.37 5.74 -5.23
C GLU B 962 -63.12 4.68 -4.41
N THR B 963 -62.51 3.51 -4.22
CA THR B 963 -63.07 2.45 -3.40
C THR B 963 -62.13 2.20 -2.23
N ARG B 964 -62.39 1.12 -1.48
CA ARG B 964 -61.52 0.80 -0.35
C ARG B 964 -60.12 0.53 -0.88
N ALA B 965 -59.20 1.44 -0.60
CA ALA B 965 -57.91 1.45 -1.25
C ALA B 965 -56.81 0.96 -0.31
N ARG B 966 -55.75 0.46 -0.93
CA ARG B 966 -54.52 0.09 -0.25
C ARG B 966 -53.36 0.71 -1.02
N ALA B 967 -52.47 1.37 -0.30
CA ALA B 967 -51.31 1.99 -0.94
C ALA B 967 -50.21 2.14 0.11
N ILE B 968 -48.97 2.17 -0.39
CA ILE B 968 -47.80 2.40 0.45
C ILE B 968 -46.91 3.40 -0.29
N ILE B 969 -46.42 4.41 0.44
CA ILE B 969 -45.66 5.51 -0.15
C ILE B 969 -44.23 5.44 0.39
N PHE B 970 -43.27 5.41 -0.52
CA PHE B 970 -41.86 5.32 -0.18
C PHE B 970 -41.19 6.67 -0.38
N ASN B 971 -40.24 6.97 0.50
CA ASN B 971 -39.45 8.20 0.39
C ASN B 971 -38.13 7.93 -0.32
N ILE B 972 -38.23 7.77 -1.64
CA ILE B 972 -37.06 7.54 -2.48
C ILE B 972 -36.21 8.80 -2.55
N HIS B 1007 -15.91 6.07 -11.57
CA HIS B 1007 -15.42 5.44 -12.80
C HIS B 1007 -16.55 5.30 -13.81
N ARG B 1008 -17.76 5.68 -13.40
CA ARG B 1008 -18.96 5.50 -14.22
C ARG B 1008 -19.04 6.49 -15.38
N GLY B 1009 -17.97 7.22 -15.65
CA GLY B 1009 -17.98 8.20 -16.71
C GLY B 1009 -17.11 7.82 -17.89
N LEU B 1010 -16.53 6.62 -17.86
CA LEU B 1010 -15.70 6.19 -18.98
C LEU B 1010 -16.53 5.94 -20.24
N MET B 1011 -17.75 5.44 -20.07
CA MET B 1011 -18.60 5.18 -21.24
C MET B 1011 -18.92 6.46 -21.99
N SER B 1012 -19.13 7.56 -21.27
CA SER B 1012 -19.61 8.80 -21.84
C SER B 1012 -18.72 9.97 -21.42
N TRP B 1013 -17.41 9.81 -21.58
CA TRP B 1013 -16.50 10.77 -20.95
C TRP B 1013 -16.59 12.16 -21.57
N PRO B 1014 -16.22 12.40 -22.83
CA PRO B 1014 -16.22 13.79 -23.30
C PRO B 1014 -17.61 14.24 -23.71
N GLU B 1015 -18.62 13.81 -22.95
CA GLU B 1015 -19.98 14.27 -23.12
C GLU B 1015 -20.60 14.60 -21.77
N ASN B 1016 -20.24 13.83 -20.75
CA ASN B 1016 -20.80 14.02 -19.42
C ASN B 1016 -20.07 15.06 -18.59
N ILE B 1017 -19.01 15.67 -19.14
CA ILE B 1017 -18.29 16.72 -18.45
C ILE B 1017 -18.89 18.07 -18.80
N LEU B 1030 -19.58 32.61 -16.51
CA LEU B 1030 -20.56 32.12 -15.55
C LEU B 1030 -21.12 33.26 -14.71
N SER B 1031 -21.66 32.90 -13.53
CA SER B 1031 -22.20 33.91 -12.63
C SER B 1031 -21.09 34.74 -12.02
N LEU B 1032 -21.44 35.84 -11.35
CA LEU B 1032 -20.47 36.67 -10.66
C LEU B 1032 -20.15 36.15 -9.27
N SER B 1033 -20.91 35.17 -8.78
CA SER B 1033 -20.58 34.49 -7.54
C SER B 1033 -19.93 33.14 -7.77
N GLU B 1034 -20.11 32.55 -8.95
CA GLU B 1034 -19.35 31.37 -9.35
C GLU B 1034 -17.90 31.70 -9.68
N ARG B 1035 -17.64 32.86 -10.29
CA ARG B 1035 -16.27 33.29 -10.53
C ARG B 1035 -15.57 33.62 -9.21
N ALA B 1036 -16.32 34.17 -8.25
CA ALA B 1036 -15.74 34.49 -6.95
C ALA B 1036 -15.38 33.23 -6.17
N MET B 1037 -16.19 32.16 -6.31
CA MET B 1037 -15.85 30.90 -5.66
C MET B 1037 -14.53 30.35 -6.18
N GLN B 1038 -14.30 30.42 -7.49
CA GLN B 1038 -13.02 29.99 -8.03
C GLN B 1038 -11.89 30.85 -7.50
N LEU B 1039 -12.13 32.16 -7.36
CA LEU B 1039 -11.15 33.03 -6.73
C LEU B 1039 -10.91 32.67 -5.27
N SER B 1040 -11.96 32.29 -4.54
CA SER B 1040 -11.83 32.04 -3.11
C SER B 1040 -11.13 30.73 -2.79
N ILE B 1041 -11.19 29.76 -3.70
CA ILE B 1041 -10.57 28.45 -3.49
C ILE B 1041 -9.19 28.38 -4.12
N PHE B 1042 -9.11 28.70 -5.40
CA PHE B 1042 -7.92 28.73 -6.24
C PHE B 1042 -7.21 30.07 -6.16
N GLY B 1043 -6.30 30.31 -7.10
CA GLY B 1043 -5.59 31.56 -7.22
C GLY B 1043 -6.39 32.47 -8.11
N SER B 1044 -6.02 32.61 -9.39
CA SER B 1044 -6.84 33.48 -10.23
C SER B 1044 -8.13 32.76 -10.59
N MET B 1045 -8.07 31.81 -11.53
CA MET B 1045 -9.24 31.07 -11.99
C MET B 1045 -8.74 29.85 -12.76
N VAL B 1046 -9.35 28.69 -12.51
CA VAL B 1046 -9.04 27.50 -13.29
C VAL B 1046 -10.33 26.87 -13.81
N ASN B 1047 -10.28 26.39 -15.05
CA ASN B 1047 -11.43 25.76 -15.70
C ASN B 1047 -11.71 24.38 -15.10
N VAL B 1048 -12.38 24.39 -13.95
CA VAL B 1048 -12.67 23.18 -13.20
C VAL B 1048 -13.50 22.20 -14.03
C27 R16 C . 20.45 -11.02 1.35
C28 R16 C . 21.12 -12.37 1.29
C29 R16 C . 22.59 -12.35 1.66
C30 R16 C . 23.14 -13.72 1.96
C31 R16 C . 24.58 -13.93 1.56
C32 R16 C . 25.59 -13.95 2.66
C33 R16 C . 27.00 -13.91 2.13
C34 R16 C . 28.10 -13.98 3.16
C35 R16 C . 29.46 -14.25 2.56
C36 R16 C . 30.60 -14.26 3.55
C37 R16 C . 31.86 -14.90 3.01
C38 R16 C . 32.01 -16.36 3.34
C39 R16 C . 33.37 -16.72 3.87
C40 R16 C . 33.67 -18.19 3.90
C41 R16 C . 35.06 -18.53 4.36
C42 R16 C . 36.15 -17.88 3.55
C27 R16 D . 24.53 -11.25 5.71
C28 R16 D . 24.26 -10.45 4.45
C29 R16 D . 25.49 -9.83 3.84
C30 R16 D . 25.23 -9.22 2.49
C31 R16 D . 26.32 -8.30 1.97
C32 R16 D . 27.65 -8.96 1.66
C33 R16 D . 28.53 -8.09 0.80
C34 R16 D . 29.98 -8.48 0.74
C35 R16 D . 30.21 -9.93 0.38
C36 R16 D . 31.61 -10.26 -0.07
C37 R16 D . 32.06 -11.64 0.32
C38 R16 D . 33.49 -11.95 -0.07
C39 R16 D . 34.02 -13.26 0.47
C40 R16 D . 35.47 -13.49 0.13
C41 R16 D . 36.04 -14.77 0.67
C42 R16 D . 37.51 -14.93 0.39
C27 R16 E . 24.28 -11.74 -5.77
C28 R16 E . 23.50 -12.05 -4.51
C29 R16 E . 23.80 -13.39 -3.91
C30 R16 E . 23.18 -13.59 -2.55
C31 R16 E . 23.16 -15.01 -2.04
C32 R16 E . 24.50 -15.62 -1.73
C33 R16 E . 24.40 -16.85 -0.88
C34 R16 E . 25.63 -17.72 -0.82
C35 R16 E . 26.89 -16.97 -0.46
C36 R16 E . 28.03 -17.84 -0.02
C37 R16 E . 29.39 -17.32 -0.40
C38 R16 E . 30.53 -18.22 -0.02
C39 R16 E . 31.88 -17.80 -0.55
C40 R16 E . 32.98 -18.77 -0.22
C41 R16 E . 34.33 -18.39 -0.76
C42 R16 E . 35.39 -19.43 -0.49
C27 R16 F . 21.51 -8.76 -1.41
C28 R16 F . 22.98 -8.41 -1.35
C29 R16 F . 23.90 -9.55 -1.72
C30 R16 F . 25.31 -9.10 -2.03
C31 R16 F . 26.38 -10.08 -1.63
C32 R16 F . 27.04 -10.86 -2.73
C33 R16 F . 27.92 -11.96 -2.20
C34 R16 F . 28.66 -12.77 -3.23
C35 R16 F . 29.73 -13.65 -2.64
C36 R16 F . 30.46 -14.51 -3.62
C37 R16 F . 31.76 -15.08 -3.10
C38 R16 F . 32.98 -14.27 -3.42
C39 R16 F . 34.13 -15.09 -3.95
C40 R16 F . 35.45 -14.38 -3.99
C41 R16 F . 36.58 -15.24 -4.46
C42 R16 F . 36.79 -16.50 -3.64
#